data_2H0D
# 
_entry.id   2H0D 
# 
_audit_conform.dict_name       mmcif_pdbx.dic 
_audit_conform.dict_version    5.387 
_audit_conform.dict_location   http://mmcif.pdb.org/dictionaries/ascii/mmcif_pdbx.dic 
# 
loop_
_database_2.database_id 
_database_2.database_code 
_database_2.pdbx_database_accession 
_database_2.pdbx_DOI 
PDB   2H0D         pdb_00002h0d 10.2210/pdb2h0d/pdb 
RCSB  RCSB037771   ?            ?                   
WWPDB D_1000037771 ?            ?                   
# 
loop_
_pdbx_audit_revision_history.ordinal 
_pdbx_audit_revision_history.data_content_type 
_pdbx_audit_revision_history.major_revision 
_pdbx_audit_revision_history.minor_revision 
_pdbx_audit_revision_history.revision_date 
1 'Structure model' 1 0 2006-05-23 
2 'Structure model' 1 1 2008-05-01 
3 'Structure model' 1 2 2011-07-13 
4 'Structure model' 1 3 2017-10-18 
5 'Structure model' 1 4 2024-02-14 
# 
_pdbx_audit_revision_details.ordinal             1 
_pdbx_audit_revision_details.revision_ordinal    1 
_pdbx_audit_revision_details.data_content_type   'Structure model' 
_pdbx_audit_revision_details.provider            repository 
_pdbx_audit_revision_details.type                'Initial release' 
_pdbx_audit_revision_details.description         ? 
_pdbx_audit_revision_details.details             ? 
# 
loop_
_pdbx_audit_revision_group.ordinal 
_pdbx_audit_revision_group.revision_ordinal 
_pdbx_audit_revision_group.data_content_type 
_pdbx_audit_revision_group.group 
1 2 'Structure model' 'Version format compliance' 
2 3 'Structure model' Advisory                    
3 3 'Structure model' 'Version format compliance' 
4 4 'Structure model' 'Refinement description'    
5 5 'Structure model' 'Data collection'           
6 5 'Structure model' 'Database references'       
7 5 'Structure model' 'Derived calculations'      
# 
loop_
_pdbx_audit_revision_category.ordinal 
_pdbx_audit_revision_category.revision_ordinal 
_pdbx_audit_revision_category.data_content_type 
_pdbx_audit_revision_category.category 
1 4 'Structure model' software               
2 5 'Structure model' chem_comp_atom         
3 5 'Structure model' chem_comp_bond         
4 5 'Structure model' database_2             
5 5 'Structure model' pdbx_struct_conn_angle 
6 5 'Structure model' struct_conn            
7 5 'Structure model' struct_site            
# 
loop_
_pdbx_audit_revision_item.ordinal 
_pdbx_audit_revision_item.revision_ordinal 
_pdbx_audit_revision_item.data_content_type 
_pdbx_audit_revision_item.item 
1  4 'Structure model' '_software.classification'                    
2  4 'Structure model' '_software.contact_author'                    
3  4 'Structure model' '_software.contact_author_email'              
4  4 'Structure model' '_software.date'                              
5  4 'Structure model' '_software.language'                          
6  4 'Structure model' '_software.location'                          
7  4 'Structure model' '_software.name'                              
8  4 'Structure model' '_software.type'                              
9  4 'Structure model' '_software.version'                           
10 5 'Structure model' '_database_2.pdbx_DOI'                        
11 5 'Structure model' '_database_2.pdbx_database_accession'         
12 5 'Structure model' '_pdbx_struct_conn_angle.ptnr1_auth_comp_id'  
13 5 'Structure model' '_pdbx_struct_conn_angle.ptnr1_auth_seq_id'   
14 5 'Structure model' '_pdbx_struct_conn_angle.ptnr1_label_atom_id' 
15 5 'Structure model' '_pdbx_struct_conn_angle.ptnr1_label_comp_id' 
16 5 'Structure model' '_pdbx_struct_conn_angle.ptnr1_label_seq_id'  
17 5 'Structure model' '_pdbx_struct_conn_angle.ptnr3_auth_comp_id'  
18 5 'Structure model' '_pdbx_struct_conn_angle.ptnr3_auth_seq_id'   
19 5 'Structure model' '_pdbx_struct_conn_angle.ptnr3_label_atom_id' 
20 5 'Structure model' '_pdbx_struct_conn_angle.ptnr3_label_comp_id' 
21 5 'Structure model' '_pdbx_struct_conn_angle.ptnr3_label_seq_id'  
22 5 'Structure model' '_pdbx_struct_conn_angle.value'               
23 5 'Structure model' '_struct_conn.pdbx_dist_value'                
24 5 'Structure model' '_struct_conn.ptnr1_auth_comp_id'             
25 5 'Structure model' '_struct_conn.ptnr1_auth_seq_id'              
26 5 'Structure model' '_struct_conn.ptnr1_label_asym_id'            
27 5 'Structure model' '_struct_conn.ptnr1_label_atom_id'            
28 5 'Structure model' '_struct_conn.ptnr1_label_comp_id'            
29 5 'Structure model' '_struct_conn.ptnr1_label_seq_id'             
30 5 'Structure model' '_struct_conn.ptnr2_auth_comp_id'             
31 5 'Structure model' '_struct_conn.ptnr2_auth_seq_id'              
32 5 'Structure model' '_struct_conn.ptnr2_label_asym_id'            
33 5 'Structure model' '_struct_conn.ptnr2_label_atom_id'            
34 5 'Structure model' '_struct_conn.ptnr2_label_comp_id'            
35 5 'Structure model' '_struct_conn.ptnr2_label_seq_id'             
36 5 'Structure model' '_struct_site.pdbx_auth_asym_id'              
37 5 'Structure model' '_struct_site.pdbx_auth_comp_id'              
38 5 'Structure model' '_struct_site.pdbx_auth_seq_id'               
# 
_pdbx_database_status.entry_id                        2H0D 
_pdbx_database_status.deposit_site                    RCSB 
_pdbx_database_status.process_site                    RCSB 
_pdbx_database_status.recvd_initial_deposition_date   2006-05-14 
_pdbx_database_status.status_code                     REL 
_pdbx_database_status.status_code_sf                  REL 
_pdbx_database_status.status_code_mr                  ? 
_pdbx_database_status.SG_entry                        ? 
_pdbx_database_status.pdb_format_compatible           Y 
_pdbx_database_status.status_code_cs                  ? 
_pdbx_database_status.methods_development_category    ? 
_pdbx_database_status.status_code_nmr_data            ? 
# 
_audit_author.name           'Xu, R.M.' 
_audit_author.pdbx_ordinal   1 
# 
_citation.id                        primary 
_citation.title                     'Structure of a Bmi-1-Ring1B Polycomb Group Ubiquitin Ligase Complex.' 
_citation.journal_abbrev            J.Biol.Chem. 
_citation.journal_volume            281 
_citation.page_first                20643 
_citation.page_last                 20649 
_citation.year                      2006 
_citation.journal_id_ASTM           JBCHA3 
_citation.country                   US 
_citation.journal_id_ISSN           0021-9258 
_citation.journal_id_CSD            0071 
_citation.book_publisher            ? 
_citation.pdbx_database_id_PubMed   16714294 
_citation.pdbx_database_id_DOI      10.1074/jbc.M602461200 
# 
loop_
_citation_author.citation_id 
_citation_author.name 
_citation_author.ordinal 
_citation_author.identifier_ORCID 
primary 'Li, Z.'      1 ? 
primary 'Cao, R.'     2 ? 
primary 'Wang, M.'    3 ? 
primary 'Myers, M.P.' 4 ? 
primary 'Zhang, Y.'   5 ? 
primary 'Xu, R.M.'    6 ? 
# 
loop_
_entity.id 
_entity.type 
_entity.src_method 
_entity.pdbx_description 
_entity.formula_weight 
_entity.pdbx_number_of_molecules 
_entity.pdbx_ec 
_entity.pdbx_mutation 
_entity.pdbx_fragment 
_entity.details 
1 polymer     man 'B lymphoma Mo-MLV insertion region' 11371.509 1  ?       ? 'residues 5-101'  ? 
2 polymer     man 'Ubiquitin ligase protein RING2'     11475.502 1  6.3.2.- ? 'residues 15-114' ? 
3 non-polymer syn 'ZINC ION'                           65.409    4  ?       ? ?                 ? 
4 water       nat water                                18.015    31 ?       ? ?                 ? 
# 
_entity_name_com.entity_id   2 
_entity_name_com.name        
;RING finger protein 2, RING finger protein 1B, RING1b, RING finger protein BAP-1, DinG protein, Huntingtin-interacting protein 2-interacting protein 3, HIP2-interacting protein 3
;
# 
loop_
_entity_poly.entity_id 
_entity_poly.type 
_entity_poly.nstd_linkage 
_entity_poly.nstd_monomer 
_entity_poly.pdbx_seq_one_letter_code 
_entity_poly.pdbx_seq_one_letter_code_can 
_entity_poly.pdbx_strand_id 
_entity_poly.pdbx_target_identifier 
1 'polypeptide(L)' no no 
;TRIKITELNPHLMCVLCGGYFIDATTIIECLHSFCKTCIVRYLETSKYCPICDVQVHKTRPLLNIRSDKTLQDIVYKLVP
GLFKNEMKRRRDFYAAH
;
;TRIKITELNPHLMCVLCGGYFIDATTIIECLHSFCKTCIVRYLETSKYCPICDVQVHKTRPLLNIRSDKTLQDIVYKLVP
GLFKNEMKRRRDFYAAH
;
A ? 
2 'polypeptide(L)' no no 
;KTWELSLYELQRTPQEAITDGLEIVVSPRSLHSELMCPICLDMLKNTMTTKECLHRFCADCIITALRSGNKECPTCRKKL
VSKRSLRPDPNFDALISKIY
;
;KTWELSLYELQRTPQEAITDGLEIVVSPRSLHSELMCPICLDMLKNTMTTKECLHRFCADCIITALRSGNKECPTCRKKL
VSKRSLRPDPNFDALISKIY
;
B ? 
# 
loop_
_pdbx_entity_nonpoly.entity_id 
_pdbx_entity_nonpoly.name 
_pdbx_entity_nonpoly.comp_id 
3 'ZINC ION' ZN  
4 water      HOH 
# 
loop_
_entity_poly_seq.entity_id 
_entity_poly_seq.num 
_entity_poly_seq.mon_id 
_entity_poly_seq.hetero 
1 1   THR n 
1 2   ARG n 
1 3   ILE n 
1 4   LYS n 
1 5   ILE n 
1 6   THR n 
1 7   GLU n 
1 8   LEU n 
1 9   ASN n 
1 10  PRO n 
1 11  HIS n 
1 12  LEU n 
1 13  MET n 
1 14  CYS n 
1 15  VAL n 
1 16  LEU n 
1 17  CYS n 
1 18  GLY n 
1 19  GLY n 
1 20  TYR n 
1 21  PHE n 
1 22  ILE n 
1 23  ASP n 
1 24  ALA n 
1 25  THR n 
1 26  THR n 
1 27  ILE n 
1 28  ILE n 
1 29  GLU n 
1 30  CYS n 
1 31  LEU n 
1 32  HIS n 
1 33  SER n 
1 34  PHE n 
1 35  CYS n 
1 36  LYS n 
1 37  THR n 
1 38  CYS n 
1 39  ILE n 
1 40  VAL n 
1 41  ARG n 
1 42  TYR n 
1 43  LEU n 
1 44  GLU n 
1 45  THR n 
1 46  SER n 
1 47  LYS n 
1 48  TYR n 
1 49  CYS n 
1 50  PRO n 
1 51  ILE n 
1 52  CYS n 
1 53  ASP n 
1 54  VAL n 
1 55  GLN n 
1 56  VAL n 
1 57  HIS n 
1 58  LYS n 
1 59  THR n 
1 60  ARG n 
1 61  PRO n 
1 62  LEU n 
1 63  LEU n 
1 64  ASN n 
1 65  ILE n 
1 66  ARG n 
1 67  SER n 
1 68  ASP n 
1 69  LYS n 
1 70  THR n 
1 71  LEU n 
1 72  GLN n 
1 73  ASP n 
1 74  ILE n 
1 75  VAL n 
1 76  TYR n 
1 77  LYS n 
1 78  LEU n 
1 79  VAL n 
1 80  PRO n 
1 81  GLY n 
1 82  LEU n 
1 83  PHE n 
1 84  LYS n 
1 85  ASN n 
1 86  GLU n 
1 87  MET n 
1 88  LYS n 
1 89  ARG n 
1 90  ARG n 
1 91  ARG n 
1 92  ASP n 
1 93  PHE n 
1 94  TYR n 
1 95  ALA n 
1 96  ALA n 
1 97  HIS n 
2 1   LYS n 
2 2   THR n 
2 3   TRP n 
2 4   GLU n 
2 5   LEU n 
2 6   SER n 
2 7   LEU n 
2 8   TYR n 
2 9   GLU n 
2 10  LEU n 
2 11  GLN n 
2 12  ARG n 
2 13  THR n 
2 14  PRO n 
2 15  GLN n 
2 16  GLU n 
2 17  ALA n 
2 18  ILE n 
2 19  THR n 
2 20  ASP n 
2 21  GLY n 
2 22  LEU n 
2 23  GLU n 
2 24  ILE n 
2 25  VAL n 
2 26  VAL n 
2 27  SER n 
2 28  PRO n 
2 29  ARG n 
2 30  SER n 
2 31  LEU n 
2 32  HIS n 
2 33  SER n 
2 34  GLU n 
2 35  LEU n 
2 36  MET n 
2 37  CYS n 
2 38  PRO n 
2 39  ILE n 
2 40  CYS n 
2 41  LEU n 
2 42  ASP n 
2 43  MET n 
2 44  LEU n 
2 45  LYS n 
2 46  ASN n 
2 47  THR n 
2 48  MET n 
2 49  THR n 
2 50  THR n 
2 51  LYS n 
2 52  GLU n 
2 53  CYS n 
2 54  LEU n 
2 55  HIS n 
2 56  ARG n 
2 57  PHE n 
2 58  CYS n 
2 59  ALA n 
2 60  ASP n 
2 61  CYS n 
2 62  ILE n 
2 63  ILE n 
2 64  THR n 
2 65  ALA n 
2 66  LEU n 
2 67  ARG n 
2 68  SER n 
2 69  GLY n 
2 70  ASN n 
2 71  LYS n 
2 72  GLU n 
2 73  CYS n 
2 74  PRO n 
2 75  THR n 
2 76  CYS n 
2 77  ARG n 
2 78  LYS n 
2 79  LYS n 
2 80  LEU n 
2 81  VAL n 
2 82  SER n 
2 83  LYS n 
2 84  ARG n 
2 85  SER n 
2 86  LEU n 
2 87  ARG n 
2 88  PRO n 
2 89  ASP n 
2 90  PRO n 
2 91  ASN n 
2 92  PHE n 
2 93  ASP n 
2 94  ALA n 
2 95  LEU n 
2 96  ILE n 
2 97  SER n 
2 98  LYS n 
2 99  ILE n 
2 100 TYR n 
# 
loop_
_entity_src_gen.entity_id 
_entity_src_gen.pdbx_src_id 
_entity_src_gen.pdbx_alt_source_flag 
_entity_src_gen.pdbx_seq_type 
_entity_src_gen.pdbx_beg_seq_num 
_entity_src_gen.pdbx_end_seq_num 
_entity_src_gen.gene_src_common_name 
_entity_src_gen.gene_src_genus 
_entity_src_gen.pdbx_gene_src_gene 
_entity_src_gen.gene_src_species 
_entity_src_gen.gene_src_strain 
_entity_src_gen.gene_src_tissue 
_entity_src_gen.gene_src_tissue_fraction 
_entity_src_gen.gene_src_details 
_entity_src_gen.pdbx_gene_src_fragment 
_entity_src_gen.pdbx_gene_src_scientific_name 
_entity_src_gen.pdbx_gene_src_ncbi_taxonomy_id 
_entity_src_gen.pdbx_gene_src_variant 
_entity_src_gen.pdbx_gene_src_cell_line 
_entity_src_gen.pdbx_gene_src_atcc 
_entity_src_gen.pdbx_gene_src_organ 
_entity_src_gen.pdbx_gene_src_organelle 
_entity_src_gen.pdbx_gene_src_cell 
_entity_src_gen.pdbx_gene_src_cellular_location 
_entity_src_gen.host_org_common_name 
_entity_src_gen.pdbx_host_org_scientific_name 
_entity_src_gen.pdbx_host_org_ncbi_taxonomy_id 
_entity_src_gen.host_org_genus 
_entity_src_gen.pdbx_host_org_gene 
_entity_src_gen.pdbx_host_org_organ 
_entity_src_gen.host_org_species 
_entity_src_gen.pdbx_host_org_tissue 
_entity_src_gen.pdbx_host_org_tissue_fraction 
_entity_src_gen.pdbx_host_org_strain 
_entity_src_gen.pdbx_host_org_variant 
_entity_src_gen.pdbx_host_org_cell_line 
_entity_src_gen.pdbx_host_org_atcc 
_entity_src_gen.pdbx_host_org_culture_collection 
_entity_src_gen.pdbx_host_org_cell 
_entity_src_gen.pdbx_host_org_organelle 
_entity_src_gen.pdbx_host_org_cellular_location 
_entity_src_gen.pdbx_host_org_vector_type 
_entity_src_gen.pdbx_host_org_vector 
_entity_src_gen.host_org_details 
_entity_src_gen.expression_system_id 
_entity_src_gen.plasmid_name 
_entity_src_gen.plasmid_details 
_entity_src_gen.pdbx_description 
1 1 sample ? ? ? human Homo ? ? ? ? ? ? ? 'Homo sapiens' 9606 ? ? ? ? ? ? ? ? 'Escherichia coli BL21(DE3)' 469008 Escherichia ? ? 
'Escherichia coli' ? ? 'BL21(DE3)' ? ? ? ? ? ? ? plasmid ? ? ? pGEX-KG-6P ? ? 
2 1 sample ? ? ? human Homo ? ? ? ? ? ? ? 'Homo sapiens' 9606 ? ? ? ? ? ? ? ? 'Escherichia coli BL21(DE3)' 469008 Escherichia ? ? 
'Escherichia coli' ? ? 'BL21(DE3)' ? ? ? ? ? ? ? plasmid ? ? ? pCDFDuet-1 ? ? 
# 
loop_
_chem_comp.id 
_chem_comp.type 
_chem_comp.mon_nstd_flag 
_chem_comp.name 
_chem_comp.pdbx_synonyms 
_chem_comp.formula 
_chem_comp.formula_weight 
ALA 'L-peptide linking' y ALANINE         ? 'C3 H7 N O2'     89.093  
ARG 'L-peptide linking' y ARGININE        ? 'C6 H15 N4 O2 1' 175.209 
ASN 'L-peptide linking' y ASPARAGINE      ? 'C4 H8 N2 O3'    132.118 
ASP 'L-peptide linking' y 'ASPARTIC ACID' ? 'C4 H7 N O4'     133.103 
CYS 'L-peptide linking' y CYSTEINE        ? 'C3 H7 N O2 S'   121.158 
GLN 'L-peptide linking' y GLUTAMINE       ? 'C5 H10 N2 O3'   146.144 
GLU 'L-peptide linking' y 'GLUTAMIC ACID' ? 'C5 H9 N O4'     147.129 
GLY 'peptide linking'   y GLYCINE         ? 'C2 H5 N O2'     75.067  
HIS 'L-peptide linking' y HISTIDINE       ? 'C6 H10 N3 O2 1' 156.162 
HOH non-polymer         . WATER           ? 'H2 O'           18.015  
ILE 'L-peptide linking' y ISOLEUCINE      ? 'C6 H13 N O2'    131.173 
LEU 'L-peptide linking' y LEUCINE         ? 'C6 H13 N O2'    131.173 
LYS 'L-peptide linking' y LYSINE          ? 'C6 H15 N2 O2 1' 147.195 
MET 'L-peptide linking' y METHIONINE      ? 'C5 H11 N O2 S'  149.211 
PHE 'L-peptide linking' y PHENYLALANINE   ? 'C9 H11 N O2'    165.189 
PRO 'L-peptide linking' y PROLINE         ? 'C5 H9 N O2'     115.130 
SER 'L-peptide linking' y SERINE          ? 'C3 H7 N O3'     105.093 
THR 'L-peptide linking' y THREONINE       ? 'C4 H9 N O3'     119.119 
TRP 'L-peptide linking' y TRYPTOPHAN      ? 'C11 H12 N2 O2'  204.225 
TYR 'L-peptide linking' y TYROSINE        ? 'C9 H11 N O3'    181.189 
VAL 'L-peptide linking' y VALINE          ? 'C5 H11 N O2'    117.146 
ZN  non-polymer         . 'ZINC ION'      ? 'Zn 2'           65.409  
# 
loop_
_pdbx_poly_seq_scheme.asym_id 
_pdbx_poly_seq_scheme.entity_id 
_pdbx_poly_seq_scheme.seq_id 
_pdbx_poly_seq_scheme.mon_id 
_pdbx_poly_seq_scheme.ndb_seq_num 
_pdbx_poly_seq_scheme.pdb_seq_num 
_pdbx_poly_seq_scheme.auth_seq_num 
_pdbx_poly_seq_scheme.pdb_mon_id 
_pdbx_poly_seq_scheme.auth_mon_id 
_pdbx_poly_seq_scheme.pdb_strand_id 
_pdbx_poly_seq_scheme.pdb_ins_code 
_pdbx_poly_seq_scheme.hetero 
A 1 1   THR 1   5   5   THR THR A . n 
A 1 2   ARG 2   6   6   ARG ARG A . n 
A 1 3   ILE 3   7   7   ILE ILE A . n 
A 1 4   LYS 4   8   8   LYS LYS A . n 
A 1 5   ILE 5   9   9   ILE ILE A . n 
A 1 6   THR 6   10  10  THR THR A . n 
A 1 7   GLU 7   11  11  GLU GLU A . n 
A 1 8   LEU 8   12  12  LEU LEU A . n 
A 1 9   ASN 9   13  13  ASN ASN A . n 
A 1 10  PRO 10  14  14  PRO PRO A . n 
A 1 11  HIS 11  15  15  HIS HIS A . n 
A 1 12  LEU 12  16  16  LEU LEU A . n 
A 1 13  MET 13  17  17  MET MET A . n 
A 1 14  CYS 14  18  18  CYS CYS A . n 
A 1 15  VAL 15  19  19  VAL VAL A . n 
A 1 16  LEU 16  20  20  LEU LEU A . n 
A 1 17  CYS 17  21  21  CYS CYS A . n 
A 1 18  GLY 18  22  22  GLY GLY A . n 
A 1 19  GLY 19  23  23  GLY GLY A . n 
A 1 20  TYR 20  24  24  TYR TYR A . n 
A 1 21  PHE 21  25  25  PHE PHE A . n 
A 1 22  ILE 22  26  26  ILE ILE A . n 
A 1 23  ASP 23  27  27  ASP ASP A . n 
A 1 24  ALA 24  28  28  ALA ALA A . n 
A 1 25  THR 25  29  29  THR THR A . n 
A 1 26  THR 26  30  30  THR THR A . n 
A 1 27  ILE 27  31  31  ILE ILE A . n 
A 1 28  ILE 28  32  32  ILE ILE A . n 
A 1 29  GLU 29  33  33  GLU GLU A . n 
A 1 30  CYS 30  34  34  CYS CYS A . n 
A 1 31  LEU 31  35  35  LEU LEU A . n 
A 1 32  HIS 32  36  36  HIS HIS A . n 
A 1 33  SER 33  37  37  SER SER A . n 
A 1 34  PHE 34  38  38  PHE PHE A . n 
A 1 35  CYS 35  39  39  CYS CYS A . n 
A 1 36  LYS 36  40  40  LYS LYS A . n 
A 1 37  THR 37  41  41  THR THR A . n 
A 1 38  CYS 38  42  42  CYS CYS A . n 
A 1 39  ILE 39  43  43  ILE ILE A . n 
A 1 40  VAL 40  44  44  VAL VAL A . n 
A 1 41  ARG 41  45  45  ARG ARG A . n 
A 1 42  TYR 42  46  46  TYR TYR A . n 
A 1 43  LEU 43  47  47  LEU LEU A . n 
A 1 44  GLU 44  48  48  GLU GLU A . n 
A 1 45  THR 45  49  49  THR THR A . n 
A 1 46  SER 46  50  50  SER SER A . n 
A 1 47  LYS 47  51  51  LYS LYS A . n 
A 1 48  TYR 48  52  52  TYR TYR A . n 
A 1 49  CYS 49  53  53  CYS CYS A . n 
A 1 50  PRO 50  54  54  PRO PRO A . n 
A 1 51  ILE 51  55  55  ILE ILE A . n 
A 1 52  CYS 52  56  56  CYS CYS A . n 
A 1 53  ASP 53  57  57  ASP ASP A . n 
A 1 54  VAL 54  58  58  VAL VAL A . n 
A 1 55  GLN 55  59  59  GLN GLN A . n 
A 1 56  VAL 56  60  60  VAL VAL A . n 
A 1 57  HIS 57  61  61  HIS HIS A . n 
A 1 58  LYS 58  62  62  LYS LYS A . n 
A 1 59  THR 59  63  63  THR THR A . n 
A 1 60  ARG 60  64  64  ARG ARG A . n 
A 1 61  PRO 61  65  65  PRO PRO A . n 
A 1 62  LEU 62  66  66  LEU LEU A . n 
A 1 63  LEU 63  67  67  LEU LEU A . n 
A 1 64  ASN 64  68  68  ASN ASN A . n 
A 1 65  ILE 65  69  69  ILE ILE A . n 
A 1 66  ARG 66  70  70  ARG ARG A . n 
A 1 67  SER 67  71  71  SER SER A . n 
A 1 68  ASP 68  72  72  ASP ASP A . n 
A 1 69  LYS 69  73  73  LYS LYS A . n 
A 1 70  THR 70  74  74  THR THR A . n 
A 1 71  LEU 71  75  75  LEU LEU A . n 
A 1 72  GLN 72  76  76  GLN GLN A . n 
A 1 73  ASP 73  77  77  ASP ASP A . n 
A 1 74  ILE 74  78  78  ILE ILE A . n 
A 1 75  VAL 75  79  79  VAL VAL A . n 
A 1 76  TYR 76  80  80  TYR TYR A . n 
A 1 77  LYS 77  81  81  LYS LYS A . n 
A 1 78  LEU 78  82  82  LEU LEU A . n 
A 1 79  VAL 79  83  83  VAL VAL A . n 
A 1 80  PRO 80  84  84  PRO PRO A . n 
A 1 81  GLY 81  85  85  GLY GLY A . n 
A 1 82  LEU 82  86  86  LEU LEU A . n 
A 1 83  PHE 83  87  87  PHE PHE A . n 
A 1 84  LYS 84  88  88  LYS LYS A . n 
A 1 85  ASN 85  89  89  ASN ASN A . n 
A 1 86  GLU 86  90  90  GLU GLU A . n 
A 1 87  MET 87  91  91  MET MET A . n 
A 1 88  LYS 88  92  92  LYS LYS A . n 
A 1 89  ARG 89  93  93  ARG ARG A . n 
A 1 90  ARG 90  94  94  ARG ARG A . n 
A 1 91  ARG 91  95  95  ARG ARG A . n 
A 1 92  ASP 92  96  96  ASP ASP A . n 
A 1 93  PHE 93  97  97  PHE PHE A . n 
A 1 94  TYR 94  98  98  TYR TYR A . n 
A 1 95  ALA 95  99  99  ALA ALA A . n 
A 1 96  ALA 96  100 100 ALA ALA A . n 
A 1 97  HIS 97  101 101 HIS HIS A . n 
B 2 1   LYS 1   15  15  LYS LYS B . n 
B 2 2   THR 2   16  16  THR THR B . n 
B 2 3   TRP 3   17  17  TRP TRP B . n 
B 2 4   GLU 4   18  18  GLU GLU B . n 
B 2 5   LEU 5   19  19  LEU LEU B . n 
B 2 6   SER 6   20  20  SER SER B . n 
B 2 7   LEU 7   21  21  LEU LEU B . n 
B 2 8   TYR 8   22  22  TYR TYR B . n 
B 2 9   GLU 9   23  23  GLU GLU B . n 
B 2 10  LEU 10  24  24  LEU LEU B . n 
B 2 11  GLN 11  25  25  GLN GLN B . n 
B 2 12  ARG 12  26  26  ARG ARG B . n 
B 2 13  THR 13  27  27  THR THR B . n 
B 2 14  PRO 14  28  28  PRO PRO B . n 
B 2 15  GLN 15  29  29  GLN GLN B . n 
B 2 16  GLU 16  30  30  GLU GLU B . n 
B 2 17  ALA 17  31  31  ALA ALA B . n 
B 2 18  ILE 18  32  32  ILE ILE B . n 
B 2 19  THR 19  33  33  THR THR B . n 
B 2 20  ASP 20  34  34  ASP ASP B . n 
B 2 21  GLY 21  35  35  GLY GLY B . n 
B 2 22  LEU 22  36  36  LEU LEU B . n 
B 2 23  GLU 23  37  37  GLU GLU B . n 
B 2 24  ILE 24  38  38  ILE ILE B . n 
B 2 25  VAL 25  39  39  VAL VAL B . n 
B 2 26  VAL 26  40  40  VAL VAL B . n 
B 2 27  SER 27  41  41  SER SER B . n 
B 2 28  PRO 28  42  42  PRO PRO B . n 
B 2 29  ARG 29  43  43  ARG ARG B . n 
B 2 30  SER 30  44  44  SER SER B . n 
B 2 31  LEU 31  45  45  LEU LEU B . n 
B 2 32  HIS 32  46  46  HIS HIS B . n 
B 2 33  SER 33  47  47  SER SER B . n 
B 2 34  GLU 34  48  48  GLU GLU B . n 
B 2 35  LEU 35  49  49  LEU LEU B . n 
B 2 36  MET 36  50  50  MET MET B . n 
B 2 37  CYS 37  51  51  CYS CYS B . n 
B 2 38  PRO 38  52  52  PRO PRO B . n 
B 2 39  ILE 39  53  53  ILE ILE B . n 
B 2 40  CYS 40  54  54  CYS CYS B . n 
B 2 41  LEU 41  55  55  LEU LEU B . n 
B 2 42  ASP 42  56  56  ASP ASP B . n 
B 2 43  MET 43  57  57  MET MET B . n 
B 2 44  LEU 44  58  58  LEU LEU B . n 
B 2 45  LYS 45  59  59  LYS LYS B . n 
B 2 46  ASN 46  60  60  ASN ASN B . n 
B 2 47  THR 47  61  61  THR THR B . n 
B 2 48  MET 48  62  62  MET MET B . n 
B 2 49  THR 49  63  63  THR THR B . n 
B 2 50  THR 50  64  64  THR THR B . n 
B 2 51  LYS 51  65  65  LYS LYS B . n 
B 2 52  GLU 52  66  66  GLU GLU B . n 
B 2 53  CYS 53  67  67  CYS CYS B . n 
B 2 54  LEU 54  68  68  LEU LEU B . n 
B 2 55  HIS 55  69  69  HIS HIS B . n 
B 2 56  ARG 56  70  70  ARG ARG B . n 
B 2 57  PHE 57  71  71  PHE PHE B . n 
B 2 58  CYS 58  72  72  CYS CYS B . n 
B 2 59  ALA 59  73  73  ALA ALA B . n 
B 2 60  ASP 60  74  74  ASP ASP B . n 
B 2 61  CYS 61  75  75  CYS CYS B . n 
B 2 62  ILE 62  76  76  ILE ILE B . n 
B 2 63  ILE 63  77  77  ILE ILE B . n 
B 2 64  THR 64  78  78  THR THR B . n 
B 2 65  ALA 65  79  79  ALA ALA B . n 
B 2 66  LEU 66  80  80  LEU LEU B . n 
B 2 67  ARG 67  81  81  ARG ARG B . n 
B 2 68  SER 68  82  82  SER SER B . n 
B 2 69  GLY 69  83  83  GLY GLY B . n 
B 2 70  ASN 70  84  84  ASN ASN B . n 
B 2 71  LYS 71  85  85  LYS LYS B . n 
B 2 72  GLU 72  86  86  GLU GLU B . n 
B 2 73  CYS 73  87  87  CYS CYS B . n 
B 2 74  PRO 74  88  88  PRO PRO B . n 
B 2 75  THR 75  89  89  THR THR B . n 
B 2 76  CYS 76  90  90  CYS CYS B . n 
B 2 77  ARG 77  91  91  ARG ARG B . n 
B 2 78  LYS 78  92  92  LYS LYS B . n 
B 2 79  LYS 79  93  93  LYS LYS B . n 
B 2 80  LEU 80  94  94  LEU LEU B . n 
B 2 81  VAL 81  95  95  VAL VAL B . n 
B 2 82  SER 82  96  96  SER SER B . n 
B 2 83  LYS 83  97  97  LYS LYS B . n 
B 2 84  ARG 84  98  98  ARG ARG B . n 
B 2 85  SER 85  99  99  SER SER B . n 
B 2 86  LEU 86  100 100 LEU LEU B . n 
B 2 87  ARG 87  101 101 ARG ARG B . n 
B 2 88  PRO 88  102 102 PRO PRO B . n 
B 2 89  ASP 89  103 103 ASP ASP B . n 
B 2 90  PRO 90  104 104 PRO PRO B . n 
B 2 91  ASN 91  105 105 ASN ASN B . n 
B 2 92  PHE 92  106 106 PHE PHE B . n 
B 2 93  ASP 93  107 107 ASP ASP B . n 
B 2 94  ALA 94  108 108 ALA ALA B . n 
B 2 95  LEU 95  109 109 LEU LEU B . n 
B 2 96  ILE 96  110 110 ILE ILE B . n 
B 2 97  SER 97  111 111 SER SER B . n 
B 2 98  LYS 98  112 112 LYS LYS B . n 
B 2 99  ILE 99  113 113 ILE ILE B . n 
B 2 100 TYR 100 114 114 TYR TYR B . n 
# 
loop_
_pdbx_nonpoly_scheme.asym_id 
_pdbx_nonpoly_scheme.entity_id 
_pdbx_nonpoly_scheme.mon_id 
_pdbx_nonpoly_scheme.ndb_seq_num 
_pdbx_nonpoly_scheme.pdb_seq_num 
_pdbx_nonpoly_scheme.auth_seq_num 
_pdbx_nonpoly_scheme.pdb_mon_id 
_pdbx_nonpoly_scheme.auth_mon_id 
_pdbx_nonpoly_scheme.pdb_strand_id 
_pdbx_nonpoly_scheme.pdb_ins_code 
C 3 ZN  1  201 201 ZN  ZN  A . 
D 3 ZN  1  202 202 ZN  ZN  A . 
E 3 ZN  1  203 203 ZN  ZN  B . 
F 3 ZN  1  204 204 ZN  ZN  B . 
G 4 HOH 1  203 2   HOH HOH A . 
G 4 HOH 2  204 3   HOH HOH A . 
G 4 HOH 3  205 4   HOH HOH A . 
G 4 HOH 4  206 5   HOH HOH A . 
G 4 HOH 5  207 6   HOH HOH A . 
G 4 HOH 6  208 7   HOH HOH A . 
G 4 HOH 7  209 8   HOH HOH A . 
G 4 HOH 8  210 9   HOH HOH A . 
G 4 HOH 9  211 10  HOH HOH A . 
G 4 HOH 10 212 15  HOH HOH A . 
G 4 HOH 11 213 16  HOH HOH A . 
G 4 HOH 12 214 18  HOH HOH A . 
G 4 HOH 13 215 19  HOH HOH A . 
G 4 HOH 14 216 22  HOH HOH A . 
G 4 HOH 15 217 30  HOH HOH A . 
G 4 HOH 16 218 31  HOH HOH A . 
G 4 HOH 17 219 32  HOH HOH A . 
G 4 HOH 18 220 33  HOH HOH A . 
G 4 HOH 19 221 34  HOH HOH A . 
G 4 HOH 20 222 39  HOH HOH A . 
G 4 HOH 21 223 41  HOH HOH A . 
G 4 HOH 22 224 42  HOH HOH A . 
H 4 HOH 1  205 1   HOH HOH B . 
H 4 HOH 2  206 12  HOH HOH B . 
H 4 HOH 3  207 13  HOH HOH B . 
H 4 HOH 4  208 20  HOH HOH B . 
H 4 HOH 5  209 21  HOH HOH B . 
H 4 HOH 6  210 25  HOH HOH B . 
H 4 HOH 7  211 26  HOH HOH B . 
H 4 HOH 8  212 27  HOH HOH B . 
H 4 HOH 9  213 40  HOH HOH B . 
# 
loop_
_software.name 
_software.version 
_software.date 
_software.type 
_software.contact_author 
_software.contact_author_email 
_software.classification 
_software.location 
_software.language 
_software.citation_id 
_software.pdbx_ordinal 
DENZO       .        ?                package 'Zbyszek Otwinowski' zbyszek@mix.swmed.edu    'data reduction'  
http://www.lnls.br/infra/linhasluz/denzo-hkl.htm ?          ? 1 
SCALEPACK   .        ?                package 'Zbyszek Otwinowski' zbyszek@mix.swmed.edu    'data scaling'    
http://www.lnls.br/infra/linhasluz/denzo-hkl.htm ?          ? 2 
SOLVE       2.08     14-Sept-2004     package 'Tom Terwilliger'    terwilliger@LANL.gov     phasing           
http://www.solve.lanl.gov/                       ?          ? 3 
REFMAC      5.2.0005 ?                ?       'Murshudov, G.N.'    ccp4@dl.ac.uk            refinement        
http://www.ccp4.ac.uk/main.html                  Fortran_77 ? 4 
PDB_EXTRACT 2.000    'April. 3, 2006' package PDB                  sw-help@rcsb.rutgers.edu 'data extraction' 
http://pdb.rutgers.edu/software/                 C++        ? 5 
MADNESS     .        ?                ?       ?                    ?                        'data reduction'  ? ?          ? 6 
# 
_cell.entry_id           2H0D 
_cell.length_a           120.514 
_cell.length_b           120.514 
_cell.length_c           27.209 
_cell.angle_alpha        90.00 
_cell.angle_beta         90.00 
_cell.angle_gamma        120.00 
_cell.Z_PDB              6 
_cell.pdbx_unique_axis   ? 
_cell.length_a_esd       ? 
_cell.length_b_esd       ? 
_cell.length_c_esd       ? 
_cell.angle_alpha_esd    ? 
_cell.angle_beta_esd     ? 
_cell.angle_gamma_esd    ? 
# 
_symmetry.entry_id                         2H0D 
_symmetry.space_group_name_H-M             'P 63' 
_symmetry.pdbx_full_space_group_name_H-M   ? 
_symmetry.cell_setting                     ? 
_symmetry.Int_Tables_number                173 
_symmetry.space_group_name_Hall            ? 
# 
_exptl.entry_id          2H0D 
_exptl.method            'X-RAY DIFFRACTION' 
_exptl.crystals_number   1 
# 
_exptl_crystal.id                    1 
_exptl_crystal.density_meas          ? 
_exptl_crystal.density_Matthews      2.50 
_exptl_crystal.density_percent_sol   50.71 
_exptl_crystal.description           ? 
_exptl_crystal.F_000                 ? 
_exptl_crystal.preparation           ? 
# 
_exptl_crystal_grow.crystal_id      1 
_exptl_crystal_grow.method          'VAPOR DIFFUSION, HANGING DROP' 
_exptl_crystal_grow.temp            290 
_exptl_crystal_grow.temp_details    ? 
_exptl_crystal_grow.pH              8.0 
_exptl_crystal_grow.pdbx_details    
'20 mM Tris, 500 mM NaCl, 1 mM EDTA, 1.5 mM DTT, pH 8.0, VAPOR DIFFUSION, HANGING DROP, temperature 290K' 
_exptl_crystal_grow.pdbx_pH_range   . 
# 
loop_
_diffrn.id 
_diffrn.ambient_temp 
_diffrn.ambient_temp_details 
_diffrn.crystal_id 
1 100 ? 1 
2 ?   ? 1 
3 ?   ? 1 
# 
_diffrn_detector.diffrn_id              1 
_diffrn_detector.detector               CCD 
_diffrn_detector.type                   'ADSC QUANTUM 315' 
_diffrn_detector.pdbx_collection_date   2005-07-16 
_diffrn_detector.details                ? 
# 
_diffrn_radiation.diffrn_id                        1 
_diffrn_radiation.wavelength_id                    1 
_diffrn_radiation.pdbx_monochromatic_or_laue_m_l   M 
_diffrn_radiation.monochromator                    'Si 111 channel' 
_diffrn_radiation.pdbx_diffrn_protocol             MAD 
_diffrn_radiation.pdbx_scattering_type             x-ray 
# 
loop_
_diffrn_radiation_wavelength.id 
_diffrn_radiation_wavelength.wavelength 
_diffrn_radiation_wavelength.wt 
1 1.2821 1.0 
2 1.2826 1.0 
3 1.25   1.0 
# 
_diffrn_source.diffrn_id                   1 
_diffrn_source.source                      SYNCHROTRON 
_diffrn_source.type                        'NSLS BEAMLINE X25' 
_diffrn_source.pdbx_synchrotron_site       NSLS 
_diffrn_source.pdbx_synchrotron_beamline   X25 
_diffrn_source.pdbx_wavelength             ? 
_diffrn_source.pdbx_wavelength_list        '1.2821, 1.2826, 1.25' 
# 
_reflns.entry_id                     2H0D 
_reflns.observed_criterion_sigma_I   0 
_reflns.observed_criterion_sigma_F   0 
_reflns.d_resolution_low             50.000 
_reflns.d_resolution_high            2.500 
_reflns.number_obs                   8143 
_reflns.number_all                   ? 
_reflns.percent_possible_obs         99.100 
_reflns.pdbx_Rmerge_I_obs            0.066 
_reflns.pdbx_Rsym_value              ? 
_reflns.pdbx_netI_over_sigmaI        15.900 
_reflns.B_iso_Wilson_estimate        ? 
_reflns.pdbx_redundancy              3.700 
_reflns.R_free_details               ? 
_reflns.limit_h_max                  ? 
_reflns.limit_h_min                  ? 
_reflns.limit_k_max                  ? 
_reflns.limit_k_min                  ? 
_reflns.limit_l_max                  ? 
_reflns.limit_l_min                  ? 
_reflns.observed_criterion_F_max     ? 
_reflns.observed_criterion_F_min     ? 
_reflns.pdbx_chi_squared             ? 
_reflns.pdbx_scaling_rejects         ? 
_reflns.pdbx_ordinal                 1 
_reflns.pdbx_diffrn_id               1 
# 
_reflns_shell.d_res_high             2.50 
_reflns_shell.d_res_low              2.59 
_reflns_shell.percent_possible_all   100.00 
_reflns_shell.Rmerge_I_obs           0.258 
_reflns_shell.pdbx_Rsym_value        ? 
_reflns_shell.meanI_over_sigI_obs    ? 
_reflns_shell.pdbx_redundancy        3.70 
_reflns_shell.percent_possible_obs   ? 
_reflns_shell.number_unique_all      ? 
_reflns_shell.number_measured_all    ? 
_reflns_shell.number_measured_obs    ? 
_reflns_shell.number_unique_obs      ? 
_reflns_shell.pdbx_chi_squared       ? 
_reflns_shell.pdbx_ordinal           1 
_reflns_shell.pdbx_diffrn_id         1 
# 
_refine.entry_id                                 2H0D 
_refine.ls_number_reflns_obs                     7686 
_refine.ls_number_reflns_all                     8143 
_refine.pdbx_ls_sigma_I                          ? 
_refine.pdbx_ls_sigma_F                          ? 
_refine.pdbx_data_cutoff_high_absF               ? 
_refine.pdbx_data_cutoff_low_absF                ? 
_refine.pdbx_data_cutoff_high_rms_absF           ? 
_refine.ls_d_res_low                             104.26 
_refine.ls_d_res_high                            2.50 
_refine.ls_percent_reflns_obs                    99.04 
_refine.ls_R_factor_obs                          0.21137 
_refine.ls_R_factor_all                          ? 
_refine.ls_R_factor_R_work                       0.20971 
_refine.ls_R_factor_R_free                       0.24418 
_refine.ls_R_factor_R_free_error                 ? 
_refine.ls_R_factor_R_free_error_details         ? 
_refine.ls_percent_reflns_R_free                 4.6 
_refine.ls_number_reflns_R_free                  373 
_refine.ls_number_parameters                     ? 
_refine.ls_number_restraints                     ? 
_refine.occupancy_min                            ? 
_refine.occupancy_max                            ? 
_refine.correlation_coeff_Fo_to_Fc               0.935 
_refine.correlation_coeff_Fo_to_Fc_free          0.920 
_refine.B_iso_mean                               42.867 
_refine.aniso_B[1][1]                            0.65 
_refine.aniso_B[2][2]                            0.65 
_refine.aniso_B[3][3]                            -0.97 
_refine.aniso_B[1][2]                            0.32 
_refine.aniso_B[1][3]                            0.00 
_refine.aniso_B[2][3]                            0.00 
_refine.solvent_model_details                    MASK 
_refine.solvent_model_param_ksol                 ? 
_refine.solvent_model_param_bsol                 ? 
_refine.pdbx_solvent_vdw_probe_radii             1.20 
_refine.pdbx_solvent_ion_probe_radii             0.80 
_refine.pdbx_solvent_shrinkage_radii             0.80 
_refine.pdbx_ls_cross_valid_method               THROUGHOUT 
_refine.details                                  'HYDROGENS HAVE BEEN ADDED IN THE RIDING POSITIONS' 
_refine.pdbx_starting_model                      ? 
_refine.pdbx_method_to_determine_struct          MAD 
_refine.pdbx_isotropic_thermal_model             ? 
_refine.pdbx_stereochemistry_target_values       'MAXIMUM LIKELIHOOD' 
_refine.pdbx_stereochem_target_val_spec_case     ? 
_refine.pdbx_R_Free_selection_details            RANDOM 
_refine.pdbx_overall_ESU_R                       0.625 
_refine.pdbx_overall_ESU_R_Free                  0.286 
_refine.overall_SU_ML                            0.190 
_refine.overall_SU_B                             16.127 
_refine.ls_redundancy_reflns_obs                 ? 
_refine.B_iso_min                                ? 
_refine.B_iso_max                                ? 
_refine.overall_SU_R_Cruickshank_DPI             ? 
_refine.overall_SU_R_free                        ? 
_refine.ls_wR_factor_R_free                      ? 
_refine.ls_wR_factor_R_work                      ? 
_refine.overall_FOM_free_R_set                   ? 
_refine.overall_FOM_work_R_set                   ? 
_refine.pdbx_refine_id                           'X-RAY DIFFRACTION' 
_refine.pdbx_TLS_residual_ADP_flag               'LIKELY RESIDUAL' 
_refine.pdbx_diffrn_id                           1 
_refine.pdbx_overall_phase_error                 ? 
_refine.pdbx_overall_SU_R_free_Cruickshank_DPI   ? 
_refine.pdbx_overall_SU_R_Blow_DPI               ? 
_refine.pdbx_overall_SU_R_free_Blow_DPI          ? 
# 
_refine_hist.pdbx_refine_id                   'X-RAY DIFFRACTION' 
_refine_hist.cycle_id                         LAST 
_refine_hist.pdbx_number_atoms_protein        1589 
_refine_hist.pdbx_number_atoms_nucleic_acid   0 
_refine_hist.pdbx_number_atoms_ligand         4 
_refine_hist.number_atoms_solvent             31 
_refine_hist.number_atoms_total               1624 
_refine_hist.d_res_high                       2.50 
_refine_hist.d_res_low                        104.26 
# 
loop_
_refine_ls_restr.type 
_refine_ls_restr.dev_ideal 
_refine_ls_restr.dev_ideal_target 
_refine_ls_restr.weight 
_refine_ls_restr.number 
_refine_ls_restr.pdbx_refine_id 
_refine_ls_restr.pdbx_restraint_function 
r_bond_refined_d             0.010  0.022  ? 1634 'X-RAY DIFFRACTION' ? 
r_bond_other_d               ?      ?      ? ?    'X-RAY DIFFRACTION' ? 
r_angle_refined_deg          1.319  1.996  ? 2198 'X-RAY DIFFRACTION' ? 
r_angle_other_deg            ?      ?      ? ?    'X-RAY DIFFRACTION' ? 
r_dihedral_angle_1_deg       5.834  5.000  ? 195  'X-RAY DIFFRACTION' ? 
r_dihedral_angle_2_deg       37.215 22.615 ? 65   'X-RAY DIFFRACTION' ? 
r_dihedral_angle_3_deg       17.283 15.000 ? 315  'X-RAY DIFFRACTION' ? 
r_dihedral_angle_4_deg       13.608 15.000 ? 14   'X-RAY DIFFRACTION' ? 
r_chiral_restr               0.079  0.200  ? 256  'X-RAY DIFFRACTION' ? 
r_gen_planes_refined         0.003  0.020  ? 1166 'X-RAY DIFFRACTION' ? 
r_gen_planes_other           ?      ?      ? ?    'X-RAY DIFFRACTION' ? 
r_nbd_refined                0.208  0.200  ? 679  'X-RAY DIFFRACTION' ? 
r_nbd_other                  ?      ?      ? ?    'X-RAY DIFFRACTION' ? 
r_nbtor_refined              0.302  0.200  ? 1120 'X-RAY DIFFRACTION' ? 
r_nbtor_other                ?      ?      ? ?    'X-RAY DIFFRACTION' ? 
r_xyhbond_nbd_refined        0.140  0.200  ? 49   'X-RAY DIFFRACTION' ? 
r_xyhbond_nbd_other          ?      ?      ? ?    'X-RAY DIFFRACTION' ? 
r_metal_ion_refined          ?      ?      ? ?    'X-RAY DIFFRACTION' ? 
r_metal_ion_other            ?      ?      ? ?    'X-RAY DIFFRACTION' ? 
r_symmetry_vdw_refined       0.255  0.200  ? 16   'X-RAY DIFFRACTION' ? 
r_symmetry_vdw_other         ?      ?      ? ?    'X-RAY DIFFRACTION' ? 
r_symmetry_hbond_refined     ?      ?      ? ?    'X-RAY DIFFRACTION' ? 
r_symmetry_hbond_other       ?      ?      ? ?    'X-RAY DIFFRACTION' ? 
r_symmetry_metal_ion_refined ?      ?      ? ?    'X-RAY DIFFRACTION' ? 
r_symmetry_metal_ion_other   ?      ?      ? ?    'X-RAY DIFFRACTION' ? 
r_mcbond_it                  0.598  1.500  ? 1013 'X-RAY DIFFRACTION' ? 
r_mcbond_other               ?      ?      ? ?    'X-RAY DIFFRACTION' ? 
r_mcangle_it                 1.076  2.000  ? 1623 'X-RAY DIFFRACTION' ? 
r_scbond_it                  2.251  3.000  ? 683  'X-RAY DIFFRACTION' ? 
r_scangle_it                 2.985  4.500  ? 575  'X-RAY DIFFRACTION' ? 
r_rigid_bond_restr           ?      ?      ? ?    'X-RAY DIFFRACTION' ? 
r_sphericity_free            ?      ?      ? ?    'X-RAY DIFFRACTION' ? 
r_sphericity_bonded          ?      ?      ? ?    'X-RAY DIFFRACTION' ? 
# 
_refine_ls_shell.pdbx_total_number_of_bins_used   20 
_refine_ls_shell.d_res_high                       2.503 
_refine_ls_shell.d_res_low                        2.567 
_refine_ls_shell.number_reflns_R_work             536 
_refine_ls_shell.R_factor_R_work                  0.231 
_refine_ls_shell.percent_reflns_obs               99.29 
_refine_ls_shell.R_factor_R_free                  0.421 
_refine_ls_shell.R_factor_R_free_error            ? 
_refine_ls_shell.percent_reflns_R_free            ? 
_refine_ls_shell.number_reflns_R_free             25 
_refine_ls_shell.number_reflns_all                ? 
_refine_ls_shell.R_factor_all                     ? 
_refine_ls_shell.redundancy_reflns_obs            ? 
_refine_ls_shell.number_reflns_obs                ? 
_refine_ls_shell.pdbx_refine_id                   'X-RAY DIFFRACTION' 
# 
_struct.entry_id                  2H0D 
_struct.title                     'Structure of a Bmi-1-Ring1B Polycomb group ubiquitin ligase complex' 
_struct.pdbx_model_details        ? 
_struct.pdbx_CASP_flag            ? 
_struct.pdbx_model_type_details   ? 
# 
_struct_keywords.entry_id        2H0D 
_struct_keywords.pdbx_keywords   'METAL BINDING PROTEIN/LIGASE' 
_struct_keywords.text            
'Polycomb, chromatin, ubiquitin ligase, histone, transcription, wpigenetics, METAL BINDING PROTEIN-LIGASE COMPLEX' 
# 
loop_
_struct_asym.id 
_struct_asym.pdbx_blank_PDB_chainid_flag 
_struct_asym.pdbx_modified 
_struct_asym.entity_id 
_struct_asym.details 
A N N 1 ? 
B N N 2 ? 
C N N 3 ? 
D N N 3 ? 
E N N 3 ? 
F N N 3 ? 
G N N 4 ? 
H N N 4 ? 
# 
loop_
_struct_ref.id 
_struct_ref.db_name 
_struct_ref.db_code 
_struct_ref.pdbx_db_accession 
_struct_ref.entity_id 
_struct_ref.pdbx_seq_one_letter_code 
_struct_ref.pdbx_align_begin 
_struct_ref.pdbx_db_isoform 
1 UNP Q5T8Z3_HUMAN Q5T8Z3 1 
;TRIKITELNPHLMCVLCGGYFIDATTIIECLHSFCKTCIVRYLETSKYCPICDVQVHKTRPLLNIRSDKTLQDIVYKLVP
GLFKNEMKRRRDFYAAH
;
5  ? 
2 UNP RING2_HUMAN  Q99496 2 
;KTWELSLYELQRTPQEAITDGLEIVVSPRSLHSELMCPICLDMLKNTMTTKECLHRFCADCIITALRSGNKECPTCRKKL
VSKRSLRPDPNFDALISKIY
;
15 ? 
# 
loop_
_struct_ref_seq.align_id 
_struct_ref_seq.ref_id 
_struct_ref_seq.pdbx_PDB_id_code 
_struct_ref_seq.pdbx_strand_id 
_struct_ref_seq.seq_align_beg 
_struct_ref_seq.pdbx_seq_align_beg_ins_code 
_struct_ref_seq.seq_align_end 
_struct_ref_seq.pdbx_seq_align_end_ins_code 
_struct_ref_seq.pdbx_db_accession 
_struct_ref_seq.db_align_beg 
_struct_ref_seq.pdbx_db_align_beg_ins_code 
_struct_ref_seq.db_align_end 
_struct_ref_seq.pdbx_db_align_end_ins_code 
_struct_ref_seq.pdbx_auth_seq_align_beg 
_struct_ref_seq.pdbx_auth_seq_align_end 
1 1 2H0D A 1 ? 97  ? Q5T8Z3 5  ? 101 ? 5  101 
2 2 2H0D B 1 ? 100 ? Q99496 15 ? 114 ? 15 114 
# 
_pdbx_struct_assembly.id                   1 
_pdbx_struct_assembly.details              author_and_software_defined_assembly 
_pdbx_struct_assembly.method_details       PISA 
_pdbx_struct_assembly.oligomeric_details   dimeric 
_pdbx_struct_assembly.oligomeric_count     2 
# 
loop_
_pdbx_struct_assembly_prop.biol_id 
_pdbx_struct_assembly_prop.type 
_pdbx_struct_assembly_prop.value 
_pdbx_struct_assembly_prop.details 
1 'ABSA (A^2)' 4430  ? 
1 MORE         -27   ? 
1 'SSA (A^2)'  11090 ? 
# 
_pdbx_struct_assembly_gen.assembly_id       1 
_pdbx_struct_assembly_gen.oper_expression   1 
_pdbx_struct_assembly_gen.asym_id_list      A,B,C,D,E,F,G,H 
# 
_pdbx_struct_oper_list.id                   1 
_pdbx_struct_oper_list.type                 'identity operation' 
_pdbx_struct_oper_list.name                 1_555 
_pdbx_struct_oper_list.symmetry_operation   x,y,z 
_pdbx_struct_oper_list.matrix[1][1]         1.0000000000 
_pdbx_struct_oper_list.matrix[1][2]         0.0000000000 
_pdbx_struct_oper_list.matrix[1][3]         0.0000000000 
_pdbx_struct_oper_list.vector[1]            0.0000000000 
_pdbx_struct_oper_list.matrix[2][1]         0.0000000000 
_pdbx_struct_oper_list.matrix[2][2]         1.0000000000 
_pdbx_struct_oper_list.matrix[2][3]         0.0000000000 
_pdbx_struct_oper_list.vector[2]            0.0000000000 
_pdbx_struct_oper_list.matrix[3][1]         0.0000000000 
_pdbx_struct_oper_list.matrix[3][2]         0.0000000000 
_pdbx_struct_oper_list.matrix[3][3]         1.0000000000 
_pdbx_struct_oper_list.vector[3]            0.0000000000 
# 
_struct_biol.id   1 
# 
loop_
_struct_conf.conf_type_id 
_struct_conf.id 
_struct_conf.pdbx_PDB_helix_id 
_struct_conf.beg_label_comp_id 
_struct_conf.beg_label_asym_id 
_struct_conf.beg_label_seq_id 
_struct_conf.pdbx_beg_PDB_ins_code 
_struct_conf.end_label_comp_id 
_struct_conf.end_label_asym_id 
_struct_conf.end_label_seq_id 
_struct_conf.pdbx_end_PDB_ins_code 
_struct_conf.beg_auth_comp_id 
_struct_conf.beg_auth_asym_id 
_struct_conf.beg_auth_seq_id 
_struct_conf.end_auth_comp_id 
_struct_conf.end_auth_asym_id 
_struct_conf.end_auth_seq_id 
_struct_conf.pdbx_PDB_helix_class 
_struct_conf.details 
_struct_conf.pdbx_PDB_helix_length 
HELX_P HELX_P1  1  ILE A 5  ? ASN A 9   ? ILE A 9   ASN A 13  1 ? 5  
HELX_P HELX_P2  2  PRO A 10 ? LEU A 12  ? PRO A 14  LEU A 16  5 ? 3  
HELX_P HELX_P3  3  CYS A 35 ? LEU A 43  ? CYS A 39  LEU A 47  1 ? 9  
HELX_P HELX_P4  4  ARG A 60 ? LEU A 63  ? ARG A 64  LEU A 67  5 ? 4  
HELX_P HELX_P5  5  ASP A 68 ? VAL A 79  ? ASP A 72  VAL A 83  1 ? 12 
HELX_P HELX_P6  6  GLY A 81 ? HIS A 97  ? GLY A 85  HIS A 101 1 ? 17 
HELX_P HELX_P7  7  SER B 6  ? ARG B 12  ? SER B 20  ARG B 26  1 ? 7  
HELX_P HELX_P8  8  HIS B 32 ? MET B 36  ? HIS B 46  MET B 50  5 ? 5  
HELX_P HELX_P9  9  ALA B 59 ? SER B 68  ? ALA B 73  SER B 82  1 ? 10 
HELX_P HELX_P10 10 SER B 82 ? ARG B 84  ? SER B 96  ARG B 98  5 ? 3  
HELX_P HELX_P11 11 ASP B 89 ? TYR B 100 ? ASP B 103 TYR B 114 1 ? 12 
# 
_struct_conf_type.id          HELX_P 
_struct_conf_type.criteria    ? 
_struct_conf_type.reference   ? 
# 
loop_
_struct_conn.id 
_struct_conn.conn_type_id 
_struct_conn.pdbx_leaving_atom_flag 
_struct_conn.pdbx_PDB_id 
_struct_conn.ptnr1_label_asym_id 
_struct_conn.ptnr1_label_comp_id 
_struct_conn.ptnr1_label_seq_id 
_struct_conn.ptnr1_label_atom_id 
_struct_conn.pdbx_ptnr1_label_alt_id 
_struct_conn.pdbx_ptnr1_PDB_ins_code 
_struct_conn.pdbx_ptnr1_standard_comp_id 
_struct_conn.ptnr1_symmetry 
_struct_conn.ptnr2_label_asym_id 
_struct_conn.ptnr2_label_comp_id 
_struct_conn.ptnr2_label_seq_id 
_struct_conn.ptnr2_label_atom_id 
_struct_conn.pdbx_ptnr2_label_alt_id 
_struct_conn.pdbx_ptnr2_PDB_ins_code 
_struct_conn.ptnr1_auth_asym_id 
_struct_conn.ptnr1_auth_comp_id 
_struct_conn.ptnr1_auth_seq_id 
_struct_conn.ptnr2_auth_asym_id 
_struct_conn.ptnr2_auth_comp_id 
_struct_conn.ptnr2_auth_seq_id 
_struct_conn.ptnr2_symmetry 
_struct_conn.pdbx_ptnr3_label_atom_id 
_struct_conn.pdbx_ptnr3_label_seq_id 
_struct_conn.pdbx_ptnr3_label_comp_id 
_struct_conn.pdbx_ptnr3_label_asym_id 
_struct_conn.pdbx_ptnr3_label_alt_id 
_struct_conn.pdbx_ptnr3_PDB_ins_code 
_struct_conn.details 
_struct_conn.pdbx_dist_value 
_struct_conn.pdbx_value_order 
_struct_conn.pdbx_role 
metalc1  metalc ? ? A CYS 14 SG  ? ? ? 1_555 C ZN . ZN ? ? A CYS 18 A ZN 201 1_555 ? ? ? ? ? ? ? 2.324 ? ? 
metalc2  metalc ? ? A CYS 17 SG  ? ? ? 1_555 C ZN . ZN ? ? A CYS 21 A ZN 201 1_555 ? ? ? ? ? ? ? 2.344 ? ? 
metalc3  metalc ? ? A CYS 30 SG  ? ? ? 1_555 D ZN . ZN ? ? A CYS 34 A ZN 202 1_555 ? ? ? ? ? ? ? 2.319 ? ? 
metalc4  metalc ? ? A HIS 32 ND1 ? ? ? 1_555 D ZN . ZN ? ? A HIS 36 A ZN 202 1_555 ? ? ? ? ? ? ? 2.171 ? ? 
metalc5  metalc ? ? A CYS 35 SG  ? ? ? 1_555 C ZN . ZN ? ? A CYS 39 A ZN 201 1_555 ? ? ? ? ? ? ? 2.363 ? ? 
metalc6  metalc ? ? A CYS 38 SG  ? ? ? 1_555 C ZN . ZN ? ? A CYS 42 A ZN 201 1_555 ? ? ? ? ? ? ? 2.349 ? ? 
metalc7  metalc ? ? A CYS 49 SG  ? ? ? 1_555 D ZN . ZN ? ? A CYS 53 A ZN 202 1_555 ? ? ? ? ? ? ? 2.322 ? ? 
metalc8  metalc ? ? A CYS 52 SG  ? ? ? 1_555 D ZN . ZN ? ? A CYS 56 A ZN 202 1_555 ? ? ? ? ? ? ? 2.350 ? ? 
metalc9  metalc ? ? B CYS 37 SG  ? ? ? 1_555 E ZN . ZN ? ? B CYS 51 B ZN 203 1_555 ? ? ? ? ? ? ? 2.331 ? ? 
metalc10 metalc ? ? B CYS 40 SG  ? ? ? 1_555 E ZN . ZN ? ? B CYS 54 B ZN 203 1_555 ? ? ? ? ? ? ? 2.347 ? ? 
metalc11 metalc ? ? B CYS 53 SG  ? ? ? 1_555 F ZN . ZN ? ? B CYS 67 B ZN 204 1_555 ? ? ? ? ? ? ? 2.344 ? ? 
metalc12 metalc ? ? B HIS 55 ND1 ? ? ? 1_555 F ZN . ZN ? ? B HIS 69 B ZN 204 1_555 ? ? ? ? ? ? ? 2.199 ? ? 
metalc13 metalc ? ? B CYS 58 SG  ? ? ? 1_555 E ZN . ZN ? ? B CYS 72 B ZN 203 1_555 ? ? ? ? ? ? ? 2.356 ? ? 
metalc14 metalc ? ? B CYS 61 SG  ? ? ? 1_555 E ZN . ZN ? ? B CYS 75 B ZN 203 1_555 ? ? ? ? ? ? ? 2.360 ? ? 
metalc15 metalc ? ? B CYS 73 SG  ? ? ? 1_555 F ZN . ZN ? ? B CYS 87 B ZN 204 1_555 ? ? ? ? ? ? ? 2.345 ? ? 
metalc16 metalc ? ? B CYS 76 SG  ? ? ? 1_555 F ZN . ZN ? ? B CYS 90 B ZN 204 1_555 ? ? ? ? ? ? ? 2.354 ? ? 
# 
_struct_conn_type.id          metalc 
_struct_conn_type.criteria    ? 
_struct_conn_type.reference   ? 
# 
loop_
_pdbx_struct_conn_angle.id 
_pdbx_struct_conn_angle.ptnr1_label_atom_id 
_pdbx_struct_conn_angle.ptnr1_label_alt_id 
_pdbx_struct_conn_angle.ptnr1_label_asym_id 
_pdbx_struct_conn_angle.ptnr1_label_comp_id 
_pdbx_struct_conn_angle.ptnr1_label_seq_id 
_pdbx_struct_conn_angle.ptnr1_auth_atom_id 
_pdbx_struct_conn_angle.ptnr1_auth_asym_id 
_pdbx_struct_conn_angle.ptnr1_auth_comp_id 
_pdbx_struct_conn_angle.ptnr1_auth_seq_id 
_pdbx_struct_conn_angle.ptnr1_PDB_ins_code 
_pdbx_struct_conn_angle.ptnr1_symmetry 
_pdbx_struct_conn_angle.ptnr2_label_atom_id 
_pdbx_struct_conn_angle.ptnr2_label_alt_id 
_pdbx_struct_conn_angle.ptnr2_label_asym_id 
_pdbx_struct_conn_angle.ptnr2_label_comp_id 
_pdbx_struct_conn_angle.ptnr2_label_seq_id 
_pdbx_struct_conn_angle.ptnr2_auth_atom_id 
_pdbx_struct_conn_angle.ptnr2_auth_asym_id 
_pdbx_struct_conn_angle.ptnr2_auth_comp_id 
_pdbx_struct_conn_angle.ptnr2_auth_seq_id 
_pdbx_struct_conn_angle.ptnr2_PDB_ins_code 
_pdbx_struct_conn_angle.ptnr2_symmetry 
_pdbx_struct_conn_angle.ptnr3_label_atom_id 
_pdbx_struct_conn_angle.ptnr3_label_alt_id 
_pdbx_struct_conn_angle.ptnr3_label_asym_id 
_pdbx_struct_conn_angle.ptnr3_label_comp_id 
_pdbx_struct_conn_angle.ptnr3_label_seq_id 
_pdbx_struct_conn_angle.ptnr3_auth_atom_id 
_pdbx_struct_conn_angle.ptnr3_auth_asym_id 
_pdbx_struct_conn_angle.ptnr3_auth_comp_id 
_pdbx_struct_conn_angle.ptnr3_auth_seq_id 
_pdbx_struct_conn_angle.ptnr3_PDB_ins_code 
_pdbx_struct_conn_angle.ptnr3_symmetry 
_pdbx_struct_conn_angle.value 
_pdbx_struct_conn_angle.value_esd 
1  SG  ? A CYS 14 ? A CYS 18 ? 1_555 ZN ? C ZN . ? A ZN 201 ? 1_555 SG  ? A CYS 17 ? A CYS 21 ? 1_555 109.9 ? 
2  SG  ? A CYS 14 ? A CYS 18 ? 1_555 ZN ? C ZN . ? A ZN 201 ? 1_555 SG  ? A CYS 35 ? A CYS 39 ? 1_555 102.5 ? 
3  SG  ? A CYS 17 ? A CYS 21 ? 1_555 ZN ? C ZN . ? A ZN 201 ? 1_555 SG  ? A CYS 35 ? A CYS 39 ? 1_555 103.0 ? 
4  SG  ? A CYS 14 ? A CYS 18 ? 1_555 ZN ? C ZN . ? A ZN 201 ? 1_555 SG  ? A CYS 38 ? A CYS 42 ? 1_555 115.9 ? 
5  SG  ? A CYS 17 ? A CYS 21 ? 1_555 ZN ? C ZN . ? A ZN 201 ? 1_555 SG  ? A CYS 38 ? A CYS 42 ? 1_555 113.2 ? 
6  SG  ? A CYS 35 ? A CYS 39 ? 1_555 ZN ? C ZN . ? A ZN 201 ? 1_555 SG  ? A CYS 38 ? A CYS 42 ? 1_555 111.1 ? 
7  SG  ? A CYS 30 ? A CYS 34 ? 1_555 ZN ? D ZN . ? A ZN 202 ? 1_555 ND1 ? A HIS 32 ? A HIS 36 ? 1_555 114.4 ? 
8  SG  ? A CYS 30 ? A CYS 34 ? 1_555 ZN ? D ZN . ? A ZN 202 ? 1_555 SG  ? A CYS 49 ? A CYS 53 ? 1_555 109.1 ? 
9  ND1 ? A HIS 32 ? A HIS 36 ? 1_555 ZN ? D ZN . ? A ZN 202 ? 1_555 SG  ? A CYS 49 ? A CYS 53 ? 1_555 109.5 ? 
10 SG  ? A CYS 30 ? A CYS 34 ? 1_555 ZN ? D ZN . ? A ZN 202 ? 1_555 SG  ? A CYS 52 ? A CYS 56 ? 1_555 106.3 ? 
11 ND1 ? A HIS 32 ? A HIS 36 ? 1_555 ZN ? D ZN . ? A ZN 202 ? 1_555 SG  ? A CYS 52 ? A CYS 56 ? 1_555 108.1 ? 
12 SG  ? A CYS 49 ? A CYS 53 ? 1_555 ZN ? D ZN . ? A ZN 202 ? 1_555 SG  ? A CYS 52 ? A CYS 56 ? 1_555 109.2 ? 
13 SG  ? B CYS 37 ? B CYS 51 ? 1_555 ZN ? E ZN . ? B ZN 203 ? 1_555 SG  ? B CYS 40 ? B CYS 54 ? 1_555 109.2 ? 
14 SG  ? B CYS 37 ? B CYS 51 ? 1_555 ZN ? E ZN . ? B ZN 203 ? 1_555 SG  ? B CYS 58 ? B CYS 72 ? 1_555 95.1  ? 
15 SG  ? B CYS 40 ? B CYS 54 ? 1_555 ZN ? E ZN . ? B ZN 203 ? 1_555 SG  ? B CYS 58 ? B CYS 72 ? 1_555 103.3 ? 
16 SG  ? B CYS 37 ? B CYS 51 ? 1_555 ZN ? E ZN . ? B ZN 203 ? 1_555 SG  ? B CYS 61 ? B CYS 75 ? 1_555 123.4 ? 
17 SG  ? B CYS 40 ? B CYS 54 ? 1_555 ZN ? E ZN . ? B ZN 203 ? 1_555 SG  ? B CYS 61 ? B CYS 75 ? 1_555 108.0 ? 
18 SG  ? B CYS 58 ? B CYS 72 ? 1_555 ZN ? E ZN . ? B ZN 203 ? 1_555 SG  ? B CYS 61 ? B CYS 75 ? 1_555 115.8 ? 
19 SG  ? B CYS 53 ? B CYS 67 ? 1_555 ZN ? F ZN . ? B ZN 204 ? 1_555 ND1 ? B HIS 55 ? B HIS 69 ? 1_555 108.5 ? 
20 SG  ? B CYS 53 ? B CYS 67 ? 1_555 ZN ? F ZN . ? B ZN 204 ? 1_555 SG  ? B CYS 73 ? B CYS 87 ? 1_555 110.1 ? 
21 ND1 ? B HIS 55 ? B HIS 69 ? 1_555 ZN ? F ZN . ? B ZN 204 ? 1_555 SG  ? B CYS 73 ? B CYS 87 ? 1_555 113.1 ? 
22 SG  ? B CYS 53 ? B CYS 67 ? 1_555 ZN ? F ZN . ? B ZN 204 ? 1_555 SG  ? B CYS 76 ? B CYS 90 ? 1_555 99.0  ? 
23 ND1 ? B HIS 55 ? B HIS 69 ? 1_555 ZN ? F ZN . ? B ZN 204 ? 1_555 SG  ? B CYS 76 ? B CYS 90 ? 1_555 113.2 ? 
24 SG  ? B CYS 73 ? B CYS 87 ? 1_555 ZN ? F ZN . ? B ZN 204 ? 1_555 SG  ? B CYS 76 ? B CYS 90 ? 1_555 111.8 ? 
# 
loop_
_struct_sheet.id 
_struct_sheet.type 
_struct_sheet.number_strands 
_struct_sheet.details 
A ? 2 ? 
B ? 3 ? 
C ? 3 ? 
# 
loop_
_struct_sheet_order.sheet_id 
_struct_sheet_order.range_id_1 
_struct_sheet_order.range_id_2 
_struct_sheet_order.offset 
_struct_sheet_order.sense 
A 1 2 ? anti-parallel 
B 1 2 ? anti-parallel 
B 2 3 ? anti-parallel 
C 1 2 ? anti-parallel 
C 2 3 ? anti-parallel 
# 
loop_
_struct_sheet_range.sheet_id 
_struct_sheet_range.id 
_struct_sheet_range.beg_label_comp_id 
_struct_sheet_range.beg_label_asym_id 
_struct_sheet_range.beg_label_seq_id 
_struct_sheet_range.pdbx_beg_PDB_ins_code 
_struct_sheet_range.end_label_comp_id 
_struct_sheet_range.end_label_asym_id 
_struct_sheet_range.end_label_seq_id 
_struct_sheet_range.pdbx_end_PDB_ins_code 
_struct_sheet_range.beg_auth_comp_id 
_struct_sheet_range.beg_auth_asym_id 
_struct_sheet_range.beg_auth_seq_id 
_struct_sheet_range.end_auth_comp_id 
_struct_sheet_range.end_auth_asym_id 
_struct_sheet_range.end_auth_seq_id 
A 1 ARG A 2  ? LYS A 4  ? ARG A 6   LYS A 8   
A 2 GLU B 23 ? VAL B 25 ? GLU B 37  VAL B 39  
B 1 SER A 33 ? PHE A 34 ? SER A 37  PHE A 38  
B 2 THR A 25 ? ILE A 27 ? THR A 29  ILE A 31  
B 3 ILE A 65 ? SER A 67 ? ILE A 69  SER A 71  
C 1 ARG B 56 ? CYS B 58 ? ARG B 70  CYS B 72  
C 2 THR B 47 ? THR B 50 ? THR B 61  THR B 64  
C 3 LEU B 86 ? PRO B 88 ? LEU B 100 PRO B 102 
# 
loop_
_pdbx_struct_sheet_hbond.sheet_id 
_pdbx_struct_sheet_hbond.range_id_1 
_pdbx_struct_sheet_hbond.range_id_2 
_pdbx_struct_sheet_hbond.range_1_label_atom_id 
_pdbx_struct_sheet_hbond.range_1_label_comp_id 
_pdbx_struct_sheet_hbond.range_1_label_asym_id 
_pdbx_struct_sheet_hbond.range_1_label_seq_id 
_pdbx_struct_sheet_hbond.range_1_PDB_ins_code 
_pdbx_struct_sheet_hbond.range_1_auth_atom_id 
_pdbx_struct_sheet_hbond.range_1_auth_comp_id 
_pdbx_struct_sheet_hbond.range_1_auth_asym_id 
_pdbx_struct_sheet_hbond.range_1_auth_seq_id 
_pdbx_struct_sheet_hbond.range_2_label_atom_id 
_pdbx_struct_sheet_hbond.range_2_label_comp_id 
_pdbx_struct_sheet_hbond.range_2_label_asym_id 
_pdbx_struct_sheet_hbond.range_2_label_seq_id 
_pdbx_struct_sheet_hbond.range_2_PDB_ins_code 
_pdbx_struct_sheet_hbond.range_2_auth_atom_id 
_pdbx_struct_sheet_hbond.range_2_auth_comp_id 
_pdbx_struct_sheet_hbond.range_2_auth_asym_id 
_pdbx_struct_sheet_hbond.range_2_auth_seq_id 
A 1 2 N ILE A 3  ? N ILE A 7  O ILE B 24 ? O ILE B 38  
B 1 2 O PHE A 34 ? O PHE A 38 N THR A 25 ? N THR A 29  
B 2 3 N THR A 26 ? N THR A 30 O ARG A 66 ? O ARG A 70  
C 1 2 O PHE B 57 ? O PHE B 71 N MET B 48 ? N MET B 62  
C 2 3 N THR B 49 ? N THR B 63 O ARG B 87 ? O ARG B 101 
# 
loop_
_struct_site.id 
_struct_site.pdbx_evidence_code 
_struct_site.pdbx_auth_asym_id 
_struct_site.pdbx_auth_comp_id 
_struct_site.pdbx_auth_seq_id 
_struct_site.pdbx_auth_ins_code 
_struct_site.pdbx_num_residues 
_struct_site.details 
AC1 Software A ZN 201 ? 4 'BINDING SITE FOR RESIDUE ZN A 201' 
AC2 Software A ZN 202 ? 4 'BINDING SITE FOR RESIDUE ZN A 202' 
AC3 Software B ZN 203 ? 4 'BINDING SITE FOR RESIDUE ZN B 203' 
AC4 Software B ZN 204 ? 4 'BINDING SITE FOR RESIDUE ZN B 204' 
# 
loop_
_struct_site_gen.id 
_struct_site_gen.site_id 
_struct_site_gen.pdbx_num_res 
_struct_site_gen.label_comp_id 
_struct_site_gen.label_asym_id 
_struct_site_gen.label_seq_id 
_struct_site_gen.pdbx_auth_ins_code 
_struct_site_gen.auth_comp_id 
_struct_site_gen.auth_asym_id 
_struct_site_gen.auth_seq_id 
_struct_site_gen.label_atom_id 
_struct_site_gen.label_alt_id 
_struct_site_gen.symmetry 
_struct_site_gen.details 
1  AC1 4 CYS A 14 ? CYS A 18 . ? 1_555 ? 
2  AC1 4 CYS A 17 ? CYS A 21 . ? 1_555 ? 
3  AC1 4 CYS A 35 ? CYS A 39 . ? 1_555 ? 
4  AC1 4 CYS A 38 ? CYS A 42 . ? 1_555 ? 
5  AC2 4 CYS A 30 ? CYS A 34 . ? 1_555 ? 
6  AC2 4 HIS A 32 ? HIS A 36 . ? 1_555 ? 
7  AC2 4 CYS A 49 ? CYS A 53 . ? 1_555 ? 
8  AC2 4 CYS A 52 ? CYS A 56 . ? 1_555 ? 
9  AC3 4 CYS B 37 ? CYS B 51 . ? 1_555 ? 
10 AC3 4 CYS B 40 ? CYS B 54 . ? 1_555 ? 
11 AC3 4 CYS B 58 ? CYS B 72 . ? 1_555 ? 
12 AC3 4 CYS B 61 ? CYS B 75 . ? 1_555 ? 
13 AC4 4 CYS B 53 ? CYS B 67 . ? 1_555 ? 
14 AC4 4 HIS B 55 ? HIS B 69 . ? 1_555 ? 
15 AC4 4 CYS B 73 ? CYS B 87 . ? 1_555 ? 
16 AC4 4 CYS B 76 ? CYS B 90 . ? 1_555 ? 
# 
loop_
_pdbx_validate_torsion.id 
_pdbx_validate_torsion.PDB_model_num 
_pdbx_validate_torsion.auth_comp_id 
_pdbx_validate_torsion.auth_asym_id 
_pdbx_validate_torsion.auth_seq_id 
_pdbx_validate_torsion.PDB_ins_code 
_pdbx_validate_torsion.label_alt_id 
_pdbx_validate_torsion.phi 
_pdbx_validate_torsion.psi 
1 1 ASP A 57 ? ? 75.53   -1.85   
2 1 THR A 63 ? ? -130.66 -38.21  
3 1 ASP A 72 ? ? -102.80 75.10   
4 1 SER B 96 ? ? -160.53 -159.56 
# 
loop_
_diffrn_reflns.diffrn_id 
_diffrn_reflns.pdbx_d_res_high 
_diffrn_reflns.pdbx_d_res_low 
_diffrn_reflns.pdbx_number_obs 
_diffrn_reflns.pdbx_Rmerge_I_obs 
_diffrn_reflns.pdbx_Rsym_value 
_diffrn_reflns.pdbx_chi_squared 
_diffrn_reflns.av_sigmaI_over_netI 
_diffrn_reflns.pdbx_redundancy 
_diffrn_reflns.pdbx_percent_possible_obs 
_diffrn_reflns.number 
_diffrn_reflns.pdbx_observed_criterion 
_diffrn_reflns.limit_h_max 
_diffrn_reflns.limit_h_min 
_diffrn_reflns.limit_k_max 
_diffrn_reflns.limit_k_min 
_diffrn_reflns.limit_l_max 
_diffrn_reflns.limit_l_min 
1 2.500 50.000 7967 0.075 ? 1.68 21.60 4.00 98.40 31717 ? ? ? ? ? ? ? 
2 2.500 50.000 7967 0.075 ? 1.68 21.60 4.00 98.40 31717 ? ? ? ? ? ? ? 
3 2.700 50.000 6490 0.077 ? 1.49 18.80 3.50 98.40 22779 ? ? ? ? ? ? ? 
# 
loop_
_pdbx_diffrn_reflns_shell.diffrn_id 
_pdbx_diffrn_reflns_shell.d_res_high 
_pdbx_diffrn_reflns_shell.d_res_low 
_pdbx_diffrn_reflns_shell.number_obs 
_pdbx_diffrn_reflns_shell.rejects 
_pdbx_diffrn_reflns_shell.Rmerge_I_obs 
_pdbx_diffrn_reflns_shell.Rsym_value 
_pdbx_diffrn_reflns_shell.chi_squared 
_pdbx_diffrn_reflns_shell.redundancy 
_pdbx_diffrn_reflns_shell.percent_possible_obs 
1 5.38 50.00 ? ? 0.071 ? 2.270 3.20 88.00  
1 4.27 5.38  ? ? 0.068 ? 2.167 3.70 98.30  
1 3.73 4.27  ? ? 0.065 ? 2.470 3.90 99.30  
1 3.39 3.73  ? ? 0.064 ? 2.158 3.90 99.20  
1 3.15 3.39  ? ? 0.070 ? 1.906 4.20 99.60  
1 2.96 3.15  ? ? 0.092 ? 1.556 4.10 100.00 
1 2.82 2.96  ? ? 0.105 ? 1.337 4.20 100.00 
1 2.69 2.82  ? ? 0.119 ? 1.211 4.10 100.00 
1 2.59 2.69  ? ? 0.141 ? 1.096 4.20 100.00 
1 2.50 2.59  ? ? 0.165 ? 0.960 4.10 100.00 
2 5.38 50.00 ? ? 0.071 ? 2.270 3.20 88.00  
2 4.27 5.38  ? ? 0.068 ? 2.167 3.70 98.30  
2 3.73 4.27  ? ? 0.065 ? 2.470 3.90 99.30  
2 3.39 3.73  ? ? 0.064 ? 2.158 3.90 99.20  
2 3.15 3.39  ? ? 0.070 ? 1.906 4.20 99.60  
2 2.96 3.15  ? ? 0.092 ? 1.556 4.10 100.00 
2 2.82 2.96  ? ? 0.105 ? 1.337 4.20 100.00 
2 2.69 2.82  ? ? 0.119 ? 1.211 4.10 100.00 
2 2.59 2.69  ? ? 0.141 ? 1.096 4.20 100.00 
2 2.50 2.59  ? ? 0.165 ? 0.960 4.10 100.00 
3 5.81 50.00 ? ? 0.079 ? 2.552 3.10 85.70  
3 4.62 5.81  ? ? 0.062 ? 2.657 3.30 99.40  
3 4.03 4.62  ? ? 0.060 ? 2.163 3.50 99.80  
3 3.66 4.03  ? ? 0.061 ? 1.839 3.60 100.00 
3 3.40 3.66  ? ? 0.073 ? 1.450 3.50 99.80  
3 3.20 3.40  ? ? 0.095 ? 1.162 3.70 100.00 
3 3.04 3.20  ? ? 0.131 ? 0.996 3.50 100.00 
3 2.91 3.04  ? ? 0.162 ? 0.876 3.70 100.00 
3 2.80 2.91  ? ? 0.222 ? 0.811 3.60 100.00 
3 2.70 2.80  ? ? 0.252 ? 0.751 3.60 100.00 
# 
loop_
_pdbx_refine_tls.id 
_pdbx_refine_tls.details 
_pdbx_refine_tls.method 
_pdbx_refine_tls.origin_x 
_pdbx_refine_tls.origin_y 
_pdbx_refine_tls.origin_z 
_pdbx_refine_tls.T[1][1] 
_pdbx_refine_tls.T[2][2] 
_pdbx_refine_tls.T[3][3] 
_pdbx_refine_tls.T[1][2] 
_pdbx_refine_tls.T[1][3] 
_pdbx_refine_tls.T[2][3] 
_pdbx_refine_tls.L[1][1] 
_pdbx_refine_tls.L[2][2] 
_pdbx_refine_tls.L[3][3] 
_pdbx_refine_tls.L[1][2] 
_pdbx_refine_tls.L[1][3] 
_pdbx_refine_tls.L[2][3] 
_pdbx_refine_tls.S[1][1] 
_pdbx_refine_tls.S[1][2] 
_pdbx_refine_tls.S[1][3] 
_pdbx_refine_tls.S[2][1] 
_pdbx_refine_tls.S[2][2] 
_pdbx_refine_tls.S[2][3] 
_pdbx_refine_tls.S[3][1] 
_pdbx_refine_tls.S[3][2] 
_pdbx_refine_tls.S[3][3] 
_pdbx_refine_tls.pdbx_refine_id 
1 ? refined 2.7371   0.4708   5.5712  0.0397  0.0440 0.0454  -0.0002 0.0110  -0.0166 2.2197 2.2957  2.5781 0.9321  -1.5799 -0.0383 0.0512  0.0717  0.0008  0.0766  -0.0773 0.0675  -0.0950 -0.0985 0.0260  'X-RAY DIFFRACTION' 
2 ? refined 11.8702  -5.0278  1.4231  0.0253  0.0568 -0.0145 -0.0286 0.0079  -0.0506 1.9562 3.4239  3.1172 -0.6652 0.0221  -0.9982 0.0436  -0.0119 -0.1791 -0.1103 -0.1448 -0.2606 0.0692  0.4417  0.1012  'X-RAY DIFFRACTION' 
3 ? refined -11.1738 3.6799   -4.9926 -0.0243 0.1294 0.0636  0.0662  -0.0593 -0.0235 9.2038 2.2648  0.5638 0.7277  -0.0710 -0.3035 0.3090  0.5380  0.0408  -0.0671 -0.1340 -0.0574 -0.1053 -0.0828 -0.1750 'X-RAY DIFFRACTION' 
4 ? refined 16.0259  -11.8187 -3.3055 0.0365  0.0769 0.0741  -0.0060 0.0222  -0.0733 6.2781 12.2407 5.0723 -6.5542 2.9773  -6.4414 -0.0114 0.1631  -0.1441 -0.1242 0.1837  -0.0733 0.3311  0.3694  -0.1724 'X-RAY DIFFRACTION' 
# 
loop_
_pdbx_refine_tls_group.id 
_pdbx_refine_tls_group.refine_tls_id 
_pdbx_refine_tls_group.beg_auth_asym_id 
_pdbx_refine_tls_group.beg_auth_seq_id 
_pdbx_refine_tls_group.beg_label_asym_id 
_pdbx_refine_tls_group.beg_label_seq_id 
_pdbx_refine_tls_group.end_auth_asym_id 
_pdbx_refine_tls_group.end_auth_seq_id 
_pdbx_refine_tls_group.end_label_asym_id 
_pdbx_refine_tls_group.end_label_seq_id 
_pdbx_refine_tls_group.selection 
_pdbx_refine_tls_group.pdbx_refine_id 
_pdbx_refine_tls_group.selection_details 
1 1 A 5  A 1  A 82  A 78  ? 'X-RAY DIFFRACTION' ? 
2 2 B 15 B 1  B 39  B 25  ? 'X-RAY DIFFRACTION' ? 
3 3 B 40 B 26 B 114 B 100 ? 'X-RAY DIFFRACTION' ? 
4 4 A 83 A 79 A 101 A 97  ? 'X-RAY DIFFRACTION' ? 
# 
loop_
_pdbx_phasing_MAD_set_site.id 
_pdbx_phasing_MAD_set_site.atom_type_symbol 
_pdbx_phasing_MAD_set_site.occupancy 
_pdbx_phasing_MAD_set_site.fract_x 
_pdbx_phasing_MAD_set_site.fract_y 
_pdbx_phasing_MAD_set_site.fract_z 
_pdbx_phasing_MAD_set_site.b_iso 
1 Zn 0.548 0.352 0.480 0.493 45.825 
2 Zn 0.359 0.255 0.471 0.139 21.077 
3 Zn 0.357 0.439 0.310 0.222 38.362 
# 
_phasing.method   MAD 
# 
_phasing_MAD_clust.id           1 
_phasing_MAD_clust.expt_id      '3 wavelength' 
_phasing_MAD_clust.number_set   ? 
# 
_phasing_MAD_expt.id         '3 wavelength' 
_phasing_MAD_expt.mean_fom   ? 
# 
loop_
_phasing_MAD_set.clust_id 
_phasing_MAD_set.expt_id 
_phasing_MAD_set.set_id 
_phasing_MAD_set.wavelength 
_phasing_MAD_set.pdbx_f_prime_refined 
_phasing_MAD_set.pdbx_f_double_prime_refined 
1 '3 wavelength' 1 1.2826 -4.97  3.87 
1 '3 wavelength' 2 1.2821 -13.17 5.99 
1 '3 wavelength' 3 1.2500 3.46   4.97 
# 
loop_
_phasing_set.id 
_phasing_set.pdbx_d_res_high 
_phasing_set.pdbx_d_res_low 
1 . . 
2 . . 
3 . . 
# 
loop_
_chem_comp_atom.comp_id 
_chem_comp_atom.atom_id 
_chem_comp_atom.type_symbol 
_chem_comp_atom.pdbx_aromatic_flag 
_chem_comp_atom.pdbx_stereo_config 
_chem_comp_atom.pdbx_ordinal 
ALA N    N  N N 1   
ALA CA   C  N S 2   
ALA C    C  N N 3   
ALA O    O  N N 4   
ALA CB   C  N N 5   
ALA OXT  O  N N 6   
ALA H    H  N N 7   
ALA H2   H  N N 8   
ALA HA   H  N N 9   
ALA HB1  H  N N 10  
ALA HB2  H  N N 11  
ALA HB3  H  N N 12  
ALA HXT  H  N N 13  
ARG N    N  N N 14  
ARG CA   C  N S 15  
ARG C    C  N N 16  
ARG O    O  N N 17  
ARG CB   C  N N 18  
ARG CG   C  N N 19  
ARG CD   C  N N 20  
ARG NE   N  N N 21  
ARG CZ   C  N N 22  
ARG NH1  N  N N 23  
ARG NH2  N  N N 24  
ARG OXT  O  N N 25  
ARG H    H  N N 26  
ARG H2   H  N N 27  
ARG HA   H  N N 28  
ARG HB2  H  N N 29  
ARG HB3  H  N N 30  
ARG HG2  H  N N 31  
ARG HG3  H  N N 32  
ARG HD2  H  N N 33  
ARG HD3  H  N N 34  
ARG HE   H  N N 35  
ARG HH11 H  N N 36  
ARG HH12 H  N N 37  
ARG HH21 H  N N 38  
ARG HH22 H  N N 39  
ARG HXT  H  N N 40  
ASN N    N  N N 41  
ASN CA   C  N S 42  
ASN C    C  N N 43  
ASN O    O  N N 44  
ASN CB   C  N N 45  
ASN CG   C  N N 46  
ASN OD1  O  N N 47  
ASN ND2  N  N N 48  
ASN OXT  O  N N 49  
ASN H    H  N N 50  
ASN H2   H  N N 51  
ASN HA   H  N N 52  
ASN HB2  H  N N 53  
ASN HB3  H  N N 54  
ASN HD21 H  N N 55  
ASN HD22 H  N N 56  
ASN HXT  H  N N 57  
ASP N    N  N N 58  
ASP CA   C  N S 59  
ASP C    C  N N 60  
ASP O    O  N N 61  
ASP CB   C  N N 62  
ASP CG   C  N N 63  
ASP OD1  O  N N 64  
ASP OD2  O  N N 65  
ASP OXT  O  N N 66  
ASP H    H  N N 67  
ASP H2   H  N N 68  
ASP HA   H  N N 69  
ASP HB2  H  N N 70  
ASP HB3  H  N N 71  
ASP HD2  H  N N 72  
ASP HXT  H  N N 73  
CYS N    N  N N 74  
CYS CA   C  N R 75  
CYS C    C  N N 76  
CYS O    O  N N 77  
CYS CB   C  N N 78  
CYS SG   S  N N 79  
CYS OXT  O  N N 80  
CYS H    H  N N 81  
CYS H2   H  N N 82  
CYS HA   H  N N 83  
CYS HB2  H  N N 84  
CYS HB3  H  N N 85  
CYS HG   H  N N 86  
CYS HXT  H  N N 87  
GLN N    N  N N 88  
GLN CA   C  N S 89  
GLN C    C  N N 90  
GLN O    O  N N 91  
GLN CB   C  N N 92  
GLN CG   C  N N 93  
GLN CD   C  N N 94  
GLN OE1  O  N N 95  
GLN NE2  N  N N 96  
GLN OXT  O  N N 97  
GLN H    H  N N 98  
GLN H2   H  N N 99  
GLN HA   H  N N 100 
GLN HB2  H  N N 101 
GLN HB3  H  N N 102 
GLN HG2  H  N N 103 
GLN HG3  H  N N 104 
GLN HE21 H  N N 105 
GLN HE22 H  N N 106 
GLN HXT  H  N N 107 
GLU N    N  N N 108 
GLU CA   C  N S 109 
GLU C    C  N N 110 
GLU O    O  N N 111 
GLU CB   C  N N 112 
GLU CG   C  N N 113 
GLU CD   C  N N 114 
GLU OE1  O  N N 115 
GLU OE2  O  N N 116 
GLU OXT  O  N N 117 
GLU H    H  N N 118 
GLU H2   H  N N 119 
GLU HA   H  N N 120 
GLU HB2  H  N N 121 
GLU HB3  H  N N 122 
GLU HG2  H  N N 123 
GLU HG3  H  N N 124 
GLU HE2  H  N N 125 
GLU HXT  H  N N 126 
GLY N    N  N N 127 
GLY CA   C  N N 128 
GLY C    C  N N 129 
GLY O    O  N N 130 
GLY OXT  O  N N 131 
GLY H    H  N N 132 
GLY H2   H  N N 133 
GLY HA2  H  N N 134 
GLY HA3  H  N N 135 
GLY HXT  H  N N 136 
HIS N    N  N N 137 
HIS CA   C  N S 138 
HIS C    C  N N 139 
HIS O    O  N N 140 
HIS CB   C  N N 141 
HIS CG   C  Y N 142 
HIS ND1  N  Y N 143 
HIS CD2  C  Y N 144 
HIS CE1  C  Y N 145 
HIS NE2  N  Y N 146 
HIS OXT  O  N N 147 
HIS H    H  N N 148 
HIS H2   H  N N 149 
HIS HA   H  N N 150 
HIS HB2  H  N N 151 
HIS HB3  H  N N 152 
HIS HD1  H  N N 153 
HIS HD2  H  N N 154 
HIS HE1  H  N N 155 
HIS HE2  H  N N 156 
HIS HXT  H  N N 157 
HOH O    O  N N 158 
HOH H1   H  N N 159 
HOH H2   H  N N 160 
ILE N    N  N N 161 
ILE CA   C  N S 162 
ILE C    C  N N 163 
ILE O    O  N N 164 
ILE CB   C  N S 165 
ILE CG1  C  N N 166 
ILE CG2  C  N N 167 
ILE CD1  C  N N 168 
ILE OXT  O  N N 169 
ILE H    H  N N 170 
ILE H2   H  N N 171 
ILE HA   H  N N 172 
ILE HB   H  N N 173 
ILE HG12 H  N N 174 
ILE HG13 H  N N 175 
ILE HG21 H  N N 176 
ILE HG22 H  N N 177 
ILE HG23 H  N N 178 
ILE HD11 H  N N 179 
ILE HD12 H  N N 180 
ILE HD13 H  N N 181 
ILE HXT  H  N N 182 
LEU N    N  N N 183 
LEU CA   C  N S 184 
LEU C    C  N N 185 
LEU O    O  N N 186 
LEU CB   C  N N 187 
LEU CG   C  N N 188 
LEU CD1  C  N N 189 
LEU CD2  C  N N 190 
LEU OXT  O  N N 191 
LEU H    H  N N 192 
LEU H2   H  N N 193 
LEU HA   H  N N 194 
LEU HB2  H  N N 195 
LEU HB3  H  N N 196 
LEU HG   H  N N 197 
LEU HD11 H  N N 198 
LEU HD12 H  N N 199 
LEU HD13 H  N N 200 
LEU HD21 H  N N 201 
LEU HD22 H  N N 202 
LEU HD23 H  N N 203 
LEU HXT  H  N N 204 
LYS N    N  N N 205 
LYS CA   C  N S 206 
LYS C    C  N N 207 
LYS O    O  N N 208 
LYS CB   C  N N 209 
LYS CG   C  N N 210 
LYS CD   C  N N 211 
LYS CE   C  N N 212 
LYS NZ   N  N N 213 
LYS OXT  O  N N 214 
LYS H    H  N N 215 
LYS H2   H  N N 216 
LYS HA   H  N N 217 
LYS HB2  H  N N 218 
LYS HB3  H  N N 219 
LYS HG2  H  N N 220 
LYS HG3  H  N N 221 
LYS HD2  H  N N 222 
LYS HD3  H  N N 223 
LYS HE2  H  N N 224 
LYS HE3  H  N N 225 
LYS HZ1  H  N N 226 
LYS HZ2  H  N N 227 
LYS HZ3  H  N N 228 
LYS HXT  H  N N 229 
MET N    N  N N 230 
MET CA   C  N S 231 
MET C    C  N N 232 
MET O    O  N N 233 
MET CB   C  N N 234 
MET CG   C  N N 235 
MET SD   S  N N 236 
MET CE   C  N N 237 
MET OXT  O  N N 238 
MET H    H  N N 239 
MET H2   H  N N 240 
MET HA   H  N N 241 
MET HB2  H  N N 242 
MET HB3  H  N N 243 
MET HG2  H  N N 244 
MET HG3  H  N N 245 
MET HE1  H  N N 246 
MET HE2  H  N N 247 
MET HE3  H  N N 248 
MET HXT  H  N N 249 
PHE N    N  N N 250 
PHE CA   C  N S 251 
PHE C    C  N N 252 
PHE O    O  N N 253 
PHE CB   C  N N 254 
PHE CG   C  Y N 255 
PHE CD1  C  Y N 256 
PHE CD2  C  Y N 257 
PHE CE1  C  Y N 258 
PHE CE2  C  Y N 259 
PHE CZ   C  Y N 260 
PHE OXT  O  N N 261 
PHE H    H  N N 262 
PHE H2   H  N N 263 
PHE HA   H  N N 264 
PHE HB2  H  N N 265 
PHE HB3  H  N N 266 
PHE HD1  H  N N 267 
PHE HD2  H  N N 268 
PHE HE1  H  N N 269 
PHE HE2  H  N N 270 
PHE HZ   H  N N 271 
PHE HXT  H  N N 272 
PRO N    N  N N 273 
PRO CA   C  N S 274 
PRO C    C  N N 275 
PRO O    O  N N 276 
PRO CB   C  N N 277 
PRO CG   C  N N 278 
PRO CD   C  N N 279 
PRO OXT  O  N N 280 
PRO H    H  N N 281 
PRO HA   H  N N 282 
PRO HB2  H  N N 283 
PRO HB3  H  N N 284 
PRO HG2  H  N N 285 
PRO HG3  H  N N 286 
PRO HD2  H  N N 287 
PRO HD3  H  N N 288 
PRO HXT  H  N N 289 
SER N    N  N N 290 
SER CA   C  N S 291 
SER C    C  N N 292 
SER O    O  N N 293 
SER CB   C  N N 294 
SER OG   O  N N 295 
SER OXT  O  N N 296 
SER H    H  N N 297 
SER H2   H  N N 298 
SER HA   H  N N 299 
SER HB2  H  N N 300 
SER HB3  H  N N 301 
SER HG   H  N N 302 
SER HXT  H  N N 303 
THR N    N  N N 304 
THR CA   C  N S 305 
THR C    C  N N 306 
THR O    O  N N 307 
THR CB   C  N R 308 
THR OG1  O  N N 309 
THR CG2  C  N N 310 
THR OXT  O  N N 311 
THR H    H  N N 312 
THR H2   H  N N 313 
THR HA   H  N N 314 
THR HB   H  N N 315 
THR HG1  H  N N 316 
THR HG21 H  N N 317 
THR HG22 H  N N 318 
THR HG23 H  N N 319 
THR HXT  H  N N 320 
TRP N    N  N N 321 
TRP CA   C  N S 322 
TRP C    C  N N 323 
TRP O    O  N N 324 
TRP CB   C  N N 325 
TRP CG   C  Y N 326 
TRP CD1  C  Y N 327 
TRP CD2  C  Y N 328 
TRP NE1  N  Y N 329 
TRP CE2  C  Y N 330 
TRP CE3  C  Y N 331 
TRP CZ2  C  Y N 332 
TRP CZ3  C  Y N 333 
TRP CH2  C  Y N 334 
TRP OXT  O  N N 335 
TRP H    H  N N 336 
TRP H2   H  N N 337 
TRP HA   H  N N 338 
TRP HB2  H  N N 339 
TRP HB3  H  N N 340 
TRP HD1  H  N N 341 
TRP HE1  H  N N 342 
TRP HE3  H  N N 343 
TRP HZ2  H  N N 344 
TRP HZ3  H  N N 345 
TRP HH2  H  N N 346 
TRP HXT  H  N N 347 
TYR N    N  N N 348 
TYR CA   C  N S 349 
TYR C    C  N N 350 
TYR O    O  N N 351 
TYR CB   C  N N 352 
TYR CG   C  Y N 353 
TYR CD1  C  Y N 354 
TYR CD2  C  Y N 355 
TYR CE1  C  Y N 356 
TYR CE2  C  Y N 357 
TYR CZ   C  Y N 358 
TYR OH   O  N N 359 
TYR OXT  O  N N 360 
TYR H    H  N N 361 
TYR H2   H  N N 362 
TYR HA   H  N N 363 
TYR HB2  H  N N 364 
TYR HB3  H  N N 365 
TYR HD1  H  N N 366 
TYR HD2  H  N N 367 
TYR HE1  H  N N 368 
TYR HE2  H  N N 369 
TYR HH   H  N N 370 
TYR HXT  H  N N 371 
VAL N    N  N N 372 
VAL CA   C  N S 373 
VAL C    C  N N 374 
VAL O    O  N N 375 
VAL CB   C  N N 376 
VAL CG1  C  N N 377 
VAL CG2  C  N N 378 
VAL OXT  O  N N 379 
VAL H    H  N N 380 
VAL H2   H  N N 381 
VAL HA   H  N N 382 
VAL HB   H  N N 383 
VAL HG11 H  N N 384 
VAL HG12 H  N N 385 
VAL HG13 H  N N 386 
VAL HG21 H  N N 387 
VAL HG22 H  N N 388 
VAL HG23 H  N N 389 
VAL HXT  H  N N 390 
ZN  ZN   ZN N N 391 
# 
loop_
_chem_comp_bond.comp_id 
_chem_comp_bond.atom_id_1 
_chem_comp_bond.atom_id_2 
_chem_comp_bond.value_order 
_chem_comp_bond.pdbx_aromatic_flag 
_chem_comp_bond.pdbx_stereo_config 
_chem_comp_bond.pdbx_ordinal 
ALA N   CA   sing N N 1   
ALA N   H    sing N N 2   
ALA N   H2   sing N N 3   
ALA CA  C    sing N N 4   
ALA CA  CB   sing N N 5   
ALA CA  HA   sing N N 6   
ALA C   O    doub N N 7   
ALA C   OXT  sing N N 8   
ALA CB  HB1  sing N N 9   
ALA CB  HB2  sing N N 10  
ALA CB  HB3  sing N N 11  
ALA OXT HXT  sing N N 12  
ARG N   CA   sing N N 13  
ARG N   H    sing N N 14  
ARG N   H2   sing N N 15  
ARG CA  C    sing N N 16  
ARG CA  CB   sing N N 17  
ARG CA  HA   sing N N 18  
ARG C   O    doub N N 19  
ARG C   OXT  sing N N 20  
ARG CB  CG   sing N N 21  
ARG CB  HB2  sing N N 22  
ARG CB  HB3  sing N N 23  
ARG CG  CD   sing N N 24  
ARG CG  HG2  sing N N 25  
ARG CG  HG3  sing N N 26  
ARG CD  NE   sing N N 27  
ARG CD  HD2  sing N N 28  
ARG CD  HD3  sing N N 29  
ARG NE  CZ   sing N N 30  
ARG NE  HE   sing N N 31  
ARG CZ  NH1  sing N N 32  
ARG CZ  NH2  doub N N 33  
ARG NH1 HH11 sing N N 34  
ARG NH1 HH12 sing N N 35  
ARG NH2 HH21 sing N N 36  
ARG NH2 HH22 sing N N 37  
ARG OXT HXT  sing N N 38  
ASN N   CA   sing N N 39  
ASN N   H    sing N N 40  
ASN N   H2   sing N N 41  
ASN CA  C    sing N N 42  
ASN CA  CB   sing N N 43  
ASN CA  HA   sing N N 44  
ASN C   O    doub N N 45  
ASN C   OXT  sing N N 46  
ASN CB  CG   sing N N 47  
ASN CB  HB2  sing N N 48  
ASN CB  HB3  sing N N 49  
ASN CG  OD1  doub N N 50  
ASN CG  ND2  sing N N 51  
ASN ND2 HD21 sing N N 52  
ASN ND2 HD22 sing N N 53  
ASN OXT HXT  sing N N 54  
ASP N   CA   sing N N 55  
ASP N   H    sing N N 56  
ASP N   H2   sing N N 57  
ASP CA  C    sing N N 58  
ASP CA  CB   sing N N 59  
ASP CA  HA   sing N N 60  
ASP C   O    doub N N 61  
ASP C   OXT  sing N N 62  
ASP CB  CG   sing N N 63  
ASP CB  HB2  sing N N 64  
ASP CB  HB3  sing N N 65  
ASP CG  OD1  doub N N 66  
ASP CG  OD2  sing N N 67  
ASP OD2 HD2  sing N N 68  
ASP OXT HXT  sing N N 69  
CYS N   CA   sing N N 70  
CYS N   H    sing N N 71  
CYS N   H2   sing N N 72  
CYS CA  C    sing N N 73  
CYS CA  CB   sing N N 74  
CYS CA  HA   sing N N 75  
CYS C   O    doub N N 76  
CYS C   OXT  sing N N 77  
CYS CB  SG   sing N N 78  
CYS CB  HB2  sing N N 79  
CYS CB  HB3  sing N N 80  
CYS SG  HG   sing N N 81  
CYS OXT HXT  sing N N 82  
GLN N   CA   sing N N 83  
GLN N   H    sing N N 84  
GLN N   H2   sing N N 85  
GLN CA  C    sing N N 86  
GLN CA  CB   sing N N 87  
GLN CA  HA   sing N N 88  
GLN C   O    doub N N 89  
GLN C   OXT  sing N N 90  
GLN CB  CG   sing N N 91  
GLN CB  HB2  sing N N 92  
GLN CB  HB3  sing N N 93  
GLN CG  CD   sing N N 94  
GLN CG  HG2  sing N N 95  
GLN CG  HG3  sing N N 96  
GLN CD  OE1  doub N N 97  
GLN CD  NE2  sing N N 98  
GLN NE2 HE21 sing N N 99  
GLN NE2 HE22 sing N N 100 
GLN OXT HXT  sing N N 101 
GLU N   CA   sing N N 102 
GLU N   H    sing N N 103 
GLU N   H2   sing N N 104 
GLU CA  C    sing N N 105 
GLU CA  CB   sing N N 106 
GLU CA  HA   sing N N 107 
GLU C   O    doub N N 108 
GLU C   OXT  sing N N 109 
GLU CB  CG   sing N N 110 
GLU CB  HB2  sing N N 111 
GLU CB  HB3  sing N N 112 
GLU CG  CD   sing N N 113 
GLU CG  HG2  sing N N 114 
GLU CG  HG3  sing N N 115 
GLU CD  OE1  doub N N 116 
GLU CD  OE2  sing N N 117 
GLU OE2 HE2  sing N N 118 
GLU OXT HXT  sing N N 119 
GLY N   CA   sing N N 120 
GLY N   H    sing N N 121 
GLY N   H2   sing N N 122 
GLY CA  C    sing N N 123 
GLY CA  HA2  sing N N 124 
GLY CA  HA3  sing N N 125 
GLY C   O    doub N N 126 
GLY C   OXT  sing N N 127 
GLY OXT HXT  sing N N 128 
HIS N   CA   sing N N 129 
HIS N   H    sing N N 130 
HIS N   H2   sing N N 131 
HIS CA  C    sing N N 132 
HIS CA  CB   sing N N 133 
HIS CA  HA   sing N N 134 
HIS C   O    doub N N 135 
HIS C   OXT  sing N N 136 
HIS CB  CG   sing N N 137 
HIS CB  HB2  sing N N 138 
HIS CB  HB3  sing N N 139 
HIS CG  ND1  sing Y N 140 
HIS CG  CD2  doub Y N 141 
HIS ND1 CE1  doub Y N 142 
HIS ND1 HD1  sing N N 143 
HIS CD2 NE2  sing Y N 144 
HIS CD2 HD2  sing N N 145 
HIS CE1 NE2  sing Y N 146 
HIS CE1 HE1  sing N N 147 
HIS NE2 HE2  sing N N 148 
HIS OXT HXT  sing N N 149 
HOH O   H1   sing N N 150 
HOH O   H2   sing N N 151 
ILE N   CA   sing N N 152 
ILE N   H    sing N N 153 
ILE N   H2   sing N N 154 
ILE CA  C    sing N N 155 
ILE CA  CB   sing N N 156 
ILE CA  HA   sing N N 157 
ILE C   O    doub N N 158 
ILE C   OXT  sing N N 159 
ILE CB  CG1  sing N N 160 
ILE CB  CG2  sing N N 161 
ILE CB  HB   sing N N 162 
ILE CG1 CD1  sing N N 163 
ILE CG1 HG12 sing N N 164 
ILE CG1 HG13 sing N N 165 
ILE CG2 HG21 sing N N 166 
ILE CG2 HG22 sing N N 167 
ILE CG2 HG23 sing N N 168 
ILE CD1 HD11 sing N N 169 
ILE CD1 HD12 sing N N 170 
ILE CD1 HD13 sing N N 171 
ILE OXT HXT  sing N N 172 
LEU N   CA   sing N N 173 
LEU N   H    sing N N 174 
LEU N   H2   sing N N 175 
LEU CA  C    sing N N 176 
LEU CA  CB   sing N N 177 
LEU CA  HA   sing N N 178 
LEU C   O    doub N N 179 
LEU C   OXT  sing N N 180 
LEU CB  CG   sing N N 181 
LEU CB  HB2  sing N N 182 
LEU CB  HB3  sing N N 183 
LEU CG  CD1  sing N N 184 
LEU CG  CD2  sing N N 185 
LEU CG  HG   sing N N 186 
LEU CD1 HD11 sing N N 187 
LEU CD1 HD12 sing N N 188 
LEU CD1 HD13 sing N N 189 
LEU CD2 HD21 sing N N 190 
LEU CD2 HD22 sing N N 191 
LEU CD2 HD23 sing N N 192 
LEU OXT HXT  sing N N 193 
LYS N   CA   sing N N 194 
LYS N   H    sing N N 195 
LYS N   H2   sing N N 196 
LYS CA  C    sing N N 197 
LYS CA  CB   sing N N 198 
LYS CA  HA   sing N N 199 
LYS C   O    doub N N 200 
LYS C   OXT  sing N N 201 
LYS CB  CG   sing N N 202 
LYS CB  HB2  sing N N 203 
LYS CB  HB3  sing N N 204 
LYS CG  CD   sing N N 205 
LYS CG  HG2  sing N N 206 
LYS CG  HG3  sing N N 207 
LYS CD  CE   sing N N 208 
LYS CD  HD2  sing N N 209 
LYS CD  HD3  sing N N 210 
LYS CE  NZ   sing N N 211 
LYS CE  HE2  sing N N 212 
LYS CE  HE3  sing N N 213 
LYS NZ  HZ1  sing N N 214 
LYS NZ  HZ2  sing N N 215 
LYS NZ  HZ3  sing N N 216 
LYS OXT HXT  sing N N 217 
MET N   CA   sing N N 218 
MET N   H    sing N N 219 
MET N   H2   sing N N 220 
MET CA  C    sing N N 221 
MET CA  CB   sing N N 222 
MET CA  HA   sing N N 223 
MET C   O    doub N N 224 
MET C   OXT  sing N N 225 
MET CB  CG   sing N N 226 
MET CB  HB2  sing N N 227 
MET CB  HB3  sing N N 228 
MET CG  SD   sing N N 229 
MET CG  HG2  sing N N 230 
MET CG  HG3  sing N N 231 
MET SD  CE   sing N N 232 
MET CE  HE1  sing N N 233 
MET CE  HE2  sing N N 234 
MET CE  HE3  sing N N 235 
MET OXT HXT  sing N N 236 
PHE N   CA   sing N N 237 
PHE N   H    sing N N 238 
PHE N   H2   sing N N 239 
PHE CA  C    sing N N 240 
PHE CA  CB   sing N N 241 
PHE CA  HA   sing N N 242 
PHE C   O    doub N N 243 
PHE C   OXT  sing N N 244 
PHE CB  CG   sing N N 245 
PHE CB  HB2  sing N N 246 
PHE CB  HB3  sing N N 247 
PHE CG  CD1  doub Y N 248 
PHE CG  CD2  sing Y N 249 
PHE CD1 CE1  sing Y N 250 
PHE CD1 HD1  sing N N 251 
PHE CD2 CE2  doub Y N 252 
PHE CD2 HD2  sing N N 253 
PHE CE1 CZ   doub Y N 254 
PHE CE1 HE1  sing N N 255 
PHE CE2 CZ   sing Y N 256 
PHE CE2 HE2  sing N N 257 
PHE CZ  HZ   sing N N 258 
PHE OXT HXT  sing N N 259 
PRO N   CA   sing N N 260 
PRO N   CD   sing N N 261 
PRO N   H    sing N N 262 
PRO CA  C    sing N N 263 
PRO CA  CB   sing N N 264 
PRO CA  HA   sing N N 265 
PRO C   O    doub N N 266 
PRO C   OXT  sing N N 267 
PRO CB  CG   sing N N 268 
PRO CB  HB2  sing N N 269 
PRO CB  HB3  sing N N 270 
PRO CG  CD   sing N N 271 
PRO CG  HG2  sing N N 272 
PRO CG  HG3  sing N N 273 
PRO CD  HD2  sing N N 274 
PRO CD  HD3  sing N N 275 
PRO OXT HXT  sing N N 276 
SER N   CA   sing N N 277 
SER N   H    sing N N 278 
SER N   H2   sing N N 279 
SER CA  C    sing N N 280 
SER CA  CB   sing N N 281 
SER CA  HA   sing N N 282 
SER C   O    doub N N 283 
SER C   OXT  sing N N 284 
SER CB  OG   sing N N 285 
SER CB  HB2  sing N N 286 
SER CB  HB3  sing N N 287 
SER OG  HG   sing N N 288 
SER OXT HXT  sing N N 289 
THR N   CA   sing N N 290 
THR N   H    sing N N 291 
THR N   H2   sing N N 292 
THR CA  C    sing N N 293 
THR CA  CB   sing N N 294 
THR CA  HA   sing N N 295 
THR C   O    doub N N 296 
THR C   OXT  sing N N 297 
THR CB  OG1  sing N N 298 
THR CB  CG2  sing N N 299 
THR CB  HB   sing N N 300 
THR OG1 HG1  sing N N 301 
THR CG2 HG21 sing N N 302 
THR CG2 HG22 sing N N 303 
THR CG2 HG23 sing N N 304 
THR OXT HXT  sing N N 305 
TRP N   CA   sing N N 306 
TRP N   H    sing N N 307 
TRP N   H2   sing N N 308 
TRP CA  C    sing N N 309 
TRP CA  CB   sing N N 310 
TRP CA  HA   sing N N 311 
TRP C   O    doub N N 312 
TRP C   OXT  sing N N 313 
TRP CB  CG   sing N N 314 
TRP CB  HB2  sing N N 315 
TRP CB  HB3  sing N N 316 
TRP CG  CD1  doub Y N 317 
TRP CG  CD2  sing Y N 318 
TRP CD1 NE1  sing Y N 319 
TRP CD1 HD1  sing N N 320 
TRP CD2 CE2  doub Y N 321 
TRP CD2 CE3  sing Y N 322 
TRP NE1 CE2  sing Y N 323 
TRP NE1 HE1  sing N N 324 
TRP CE2 CZ2  sing Y N 325 
TRP CE3 CZ3  doub Y N 326 
TRP CE3 HE3  sing N N 327 
TRP CZ2 CH2  doub Y N 328 
TRP CZ2 HZ2  sing N N 329 
TRP CZ3 CH2  sing Y N 330 
TRP CZ3 HZ3  sing N N 331 
TRP CH2 HH2  sing N N 332 
TRP OXT HXT  sing N N 333 
TYR N   CA   sing N N 334 
TYR N   H    sing N N 335 
TYR N   H2   sing N N 336 
TYR CA  C    sing N N 337 
TYR CA  CB   sing N N 338 
TYR CA  HA   sing N N 339 
TYR C   O    doub N N 340 
TYR C   OXT  sing N N 341 
TYR CB  CG   sing N N 342 
TYR CB  HB2  sing N N 343 
TYR CB  HB3  sing N N 344 
TYR CG  CD1  doub Y N 345 
TYR CG  CD2  sing Y N 346 
TYR CD1 CE1  sing Y N 347 
TYR CD1 HD1  sing N N 348 
TYR CD2 CE2  doub Y N 349 
TYR CD2 HD2  sing N N 350 
TYR CE1 CZ   doub Y N 351 
TYR CE1 HE1  sing N N 352 
TYR CE2 CZ   sing Y N 353 
TYR CE2 HE2  sing N N 354 
TYR CZ  OH   sing N N 355 
TYR OH  HH   sing N N 356 
TYR OXT HXT  sing N N 357 
VAL N   CA   sing N N 358 
VAL N   H    sing N N 359 
VAL N   H2   sing N N 360 
VAL CA  C    sing N N 361 
VAL CA  CB   sing N N 362 
VAL CA  HA   sing N N 363 
VAL C   O    doub N N 364 
VAL C   OXT  sing N N 365 
VAL CB  CG1  sing N N 366 
VAL CB  CG2  sing N N 367 
VAL CB  HB   sing N N 368 
VAL CG1 HG11 sing N N 369 
VAL CG1 HG12 sing N N 370 
VAL CG1 HG13 sing N N 371 
VAL CG2 HG21 sing N N 372 
VAL CG2 HG22 sing N N 373 
VAL CG2 HG23 sing N N 374 
VAL OXT HXT  sing N N 375 
# 
_atom_sites.entry_id                    2H0D 
_atom_sites.fract_transf_matrix[1][1]   0.00832384 
_atom_sites.fract_transf_matrix[1][2]   -0.00232084 
_atom_sites.fract_transf_matrix[1][3]   0.00413980 
_atom_sites.fract_transf_matrix[2][1]   0.00012397 
_atom_sites.fract_transf_matrix[2][2]   -0.00597273 
_atom_sites.fract_transf_matrix[2][3]   0.00749044 
_atom_sites.fract_transf_matrix[3][1]   0.00339399 
_atom_sites.fract_transf_matrix[3][2]   -0.02858577 
_atom_sites.fract_transf_matrix[3][3]   -0.02284989 
_atom_sites.fract_transf_vector[1]      0.236660 
_atom_sites.fract_transf_vector[2]      0.425133 
_atom_sites.fract_transf_vector[3]      0.582658 
# 
loop_
_atom_type.symbol 
C  
N  
O  
S  
ZN 
# 
loop_
_atom_site.group_PDB 
_atom_site.id 
_atom_site.type_symbol 
_atom_site.label_atom_id 
_atom_site.label_alt_id 
_atom_site.label_comp_id 
_atom_site.label_asym_id 
_atom_site.label_entity_id 
_atom_site.label_seq_id 
_atom_site.pdbx_PDB_ins_code 
_atom_site.Cartn_x 
_atom_site.Cartn_y 
_atom_site.Cartn_z 
_atom_site.occupancy 
_atom_site.B_iso_or_equiv 
_atom_site.pdbx_formal_charge 
_atom_site.auth_seq_id 
_atom_site.auth_comp_id 
_atom_site.auth_asym_id 
_atom_site.auth_atom_id 
_atom_site.pdbx_PDB_model_num 
ATOM   1    N  N   . THR A 1 1   ? 5.537   13.114  -18.779 1.00 57.01 ? 5   THR A N   1 
ATOM   2    C  CA  . THR A 1 1   ? 5.957   11.747  -19.228 1.00 56.89 ? 5   THR A CA  1 
ATOM   3    C  C   . THR A 1 1   ? 7.010   11.143  -18.291 1.00 56.48 ? 5   THR A C   1 
ATOM   4    O  O   . THR A 1 1   ? 6.801   10.064  -17.733 1.00 56.54 ? 5   THR A O   1 
ATOM   5    C  CB  . THR A 1 1   ? 6.478   11.746  -20.700 1.00 57.06 ? 5   THR A CB  1 
ATOM   6    O  OG1 . THR A 1 1   ? 7.555   12.689  -20.841 1.00 57.39 ? 5   THR A OG1 1 
ATOM   7    C  CG2 . THR A 1 1   ? 5.356   12.102  -21.686 1.00 57.24 ? 5   THR A CG2 1 
ATOM   8    N  N   . ARG A 1 2   ? 8.132   11.847  -18.127 1.00 55.94 ? 6   ARG A N   1 
ATOM   9    C  CA  . ARG A 1 2   ? 9.225   11.421  -17.254 1.00 55.46 ? 6   ARG A CA  1 
ATOM   10   C  C   . ARG A 1 2   ? 9.136   12.108  -15.896 1.00 54.49 ? 6   ARG A C   1 
ATOM   11   O  O   . ARG A 1 2   ? 9.050   13.336  -15.818 1.00 54.67 ? 6   ARG A O   1 
ATOM   12   C  CB  . ARG A 1 2   ? 10.587  11.718  -17.898 1.00 55.54 ? 6   ARG A CB  1 
ATOM   13   C  CG  . ARG A 1 2   ? 11.058  10.696  -18.941 1.00 56.31 ? 6   ARG A CG  1 
ATOM   14   C  CD  . ARG A 1 2   ? 12.419  11.088  -19.534 1.00 56.57 ? 6   ARG A CD  1 
ATOM   15   N  NE  . ARG A 1 2   ? 12.901  10.118  -20.525 1.00 59.42 ? 6   ARG A NE  1 
ATOM   16   C  CZ  . ARG A 1 2   ? 13.938  10.314  -21.346 1.00 60.71 ? 6   ARG A CZ  1 
ATOM   17   N  NH1 . ARG A 1 2   ? 14.625  11.454  -21.317 1.00 60.91 ? 6   ARG A NH1 1 
ATOM   18   N  NH2 . ARG A 1 2   ? 14.291  9.363   -22.212 1.00 61.00 ? 6   ARG A NH2 1 
ATOM   19   N  N   . ILE A 1 3   ? 9.152   11.308  -14.832 1.00 53.26 ? 7   ILE A N   1 
ATOM   20   C  CA  . ILE A 1 3   ? 9.137   11.818  -13.461 1.00 51.97 ? 7   ILE A CA  1 
ATOM   21   C  C   . ILE A 1 3   ? 10.367  11.309  -12.705 1.00 50.76 ? 7   ILE A C   1 
ATOM   22   O  O   . ILE A 1 3   ? 10.732  10.140  -12.823 1.00 50.74 ? 7   ILE A O   1 
ATOM   23   C  CB  . ILE A 1 3   ? 7.831   11.429  -12.713 1.00 52.18 ? 7   ILE A CB  1 
ATOM   24   C  CG1 . ILE A 1 3   ? 6.612   12.096  -13.360 1.00 52.83 ? 7   ILE A CG1 1 
ATOM   25   C  CG2 . ILE A 1 3   ? 7.882   11.850  -11.252 1.00 52.31 ? 7   ILE A CG2 1 
ATOM   26   C  CD1 . ILE A 1 3   ? 5.922   11.256  -14.432 1.00 54.02 ? 7   ILE A CD1 1 
ATOM   27   N  N   . LYS A 1 4   ? 11.008  12.203  -11.954 1.00 49.34 ? 8   LYS A N   1 
ATOM   28   C  CA  . LYS A 1 4   ? 12.170  11.879  -11.129 1.00 47.99 ? 8   LYS A CA  1 
ATOM   29   C  C   . LYS A 1 4   ? 11.720  10.989  -9.986  1.00 46.81 ? 8   LYS A C   1 
ATOM   30   O  O   . LYS A 1 4   ? 10.818  11.362  -9.241  1.00 46.74 ? 8   LYS A O   1 
ATOM   31   C  CB  . LYS A 1 4   ? 12.783  13.159  -10.547 1.00 48.36 ? 8   LYS A CB  1 
ATOM   32   C  CG  . LYS A 1 4   ? 13.396  14.116  -11.569 1.00 49.04 ? 8   LYS A CG  1 
ATOM   33   C  CD  . LYS A 1 4   ? 13.191  15.577  -11.155 1.00 50.29 ? 8   LYS A CD  1 
ATOM   34   C  CE  . LYS A 1 4   ? 13.566  16.524  -12.291 1.00 51.28 ? 8   LYS A CE  1 
ATOM   35   N  NZ  . LYS A 1 4   ? 12.958  17.873  -12.125 1.00 51.77 ? 8   LYS A NZ  1 
ATOM   36   N  N   . ILE A 1 5   ? 12.340  9.819   -9.842  1.00 45.20 ? 9   ILE A N   1 
ATOM   37   C  CA  . ILE A 1 5   ? 11.965  8.886   -8.784  1.00 43.71 ? 9   ILE A CA  1 
ATOM   38   C  C   . ILE A 1 5   ? 12.131  9.483   -7.381  1.00 43.10 ? 9   ILE A C   1 
ATOM   39   O  O   . ILE A 1 5   ? 11.397  9.117   -6.461  1.00 42.58 ? 9   ILE A O   1 
ATOM   40   C  CB  . ILE A 1 5   ? 12.680  7.508   -8.904  1.00 43.78 ? 9   ILE A CB  1 
ATOM   41   C  CG1 . ILE A 1 5   ? 11.985  6.474   -8.001  1.00 42.58 ? 9   ILE A CG1 1 
ATOM   42   C  CG2 . ILE A 1 5   ? 14.187  7.637   -8.629  1.00 43.02 ? 9   ILE A CG2 1 
ATOM   43   C  CD1 . ILE A 1 5   ? 12.132  5.062   -8.445  1.00 42.74 ? 9   ILE A CD1 1 
ATOM   44   N  N   . THR A 1 6   ? 13.070  10.419  -7.239  1.00 42.50 ? 10  THR A N   1 
ATOM   45   C  CA  . THR A 1 6   ? 13.290  11.131  -5.972  1.00 41.76 ? 10  THR A CA  1 
ATOM   46   C  C   . THR A 1 6   ? 12.044  11.921  -5.545  1.00 41.10 ? 10  THR A C   1 
ATOM   47   O  O   . THR A 1 6   ? 11.863  12.213  -4.365  1.00 41.11 ? 10  THR A O   1 
ATOM   48   C  CB  . THR A 1 6   ? 14.490  12.095  -6.058  1.00 41.88 ? 10  THR A CB  1 
ATOM   49   O  OG1 . THR A 1 6   ? 14.176  13.156  -6.967  1.00 42.45 ? 10  THR A OG1 1 
ATOM   50   C  CG2 . THR A 1 6   ? 15.744  11.372  -6.538  1.00 41.50 ? 10  THR A CG2 1 
ATOM   51   N  N   . GLU A 1 7   ? 11.195  12.257  -6.511  1.00 40.20 ? 11  GLU A N   1 
ATOM   52   C  CA  . GLU A 1 7   ? 9.909   12.892  -6.236  1.00 39.74 ? 11  GLU A CA  1 
ATOM   53   C  C   . GLU A 1 7   ? 8.839   11.899  -5.741  1.00 38.50 ? 11  GLU A C   1 
ATOM   54   O  O   . GLU A 1 7   ? 7.940   12.271  -4.988  1.00 38.54 ? 11  GLU A O   1 
ATOM   55   C  CB  . GLU A 1 7   ? 9.415   13.626  -7.483  1.00 40.16 ? 11  GLU A CB  1 
ATOM   56   C  CG  . GLU A 1 7   ? 8.820   15.007  -7.197  1.00 43.11 ? 11  GLU A CG  1 
ATOM   57   C  CD  . GLU A 1 7   ? 8.762   15.899  -8.434  1.00 46.92 ? 11  GLU A CD  1 
ATOM   58   O  OE1 . GLU A 1 7   ? 8.984   15.390  -9.564  1.00 47.86 ? 11  GLU A OE1 1 
ATOM   59   O  OE2 . GLU A 1 7   ? 8.490   17.116  -8.274  1.00 48.90 ? 11  GLU A OE2 1 
ATOM   60   N  N   . LEU A 1 8   ? 8.943   10.644  -6.164  1.00 37.07 ? 12  LEU A N   1 
ATOM   61   C  CA  . LEU A 1 8   ? 7.982   9.604   -5.784  1.00 35.80 ? 12  LEU A CA  1 
ATOM   62   C  C   . LEU A 1 8   ? 8.417   8.831   -4.539  1.00 34.53 ? 12  LEU A C   1 
ATOM   63   O  O   . LEU A 1 8   ? 7.584   8.298   -3.822  1.00 34.53 ? 12  LEU A O   1 
ATOM   64   C  CB  . LEU A 1 8   ? 7.739   8.633   -6.953  1.00 35.84 ? 12  LEU A CB  1 
ATOM   65   C  CG  . LEU A 1 8   ? 7.272   9.191   -8.310  1.00 36.31 ? 12  LEU A CG  1 
ATOM   66   C  CD1 . LEU A 1 8   ? 7.073   8.077   -9.333  1.00 36.60 ? 12  LEU A CD1 1 
ATOM   67   C  CD2 . LEU A 1 8   ? 6.004   10.030  -8.192  1.00 35.63 ? 12  LEU A CD2 1 
ATOM   68   N  N   . ASN A 1 9   ? 9.720   8.785   -4.289  1.00 33.36 ? 13  ASN A N   1 
ATOM   69   C  CA  . ASN A 1 9   ? 10.284  8.110   -3.112  1.00 32.70 ? 13  ASN A CA  1 
ATOM   70   C  C   . ASN A 1 9   ? 9.458   8.223   -1.820  1.00 32.41 ? 13  ASN A C   1 
ATOM   71   O  O   . ASN A 1 9   ? 9.089   7.193   -1.248  1.00 32.28 ? 13  ASN A O   1 
ATOM   72   C  CB  . ASN A 1 9   ? 11.764  8.499   -2.884  1.00 32.15 ? 13  ASN A CB  1 
ATOM   73   C  CG  . ASN A 1 9   ? 12.715  7.680   -3.742  1.00 31.46 ? 13  ASN A CG  1 
ATOM   74   O  OD1 . ASN A 1 9   ? 12.333  6.640   -4.272  1.00 31.34 ? 13  ASN A OD1 1 
ATOM   75   N  ND2 . ASN A 1 9   ? 13.947  8.139   -3.888  1.00 31.55 ? 13  ASN A ND2 1 
ATOM   76   N  N   . PRO A 1 10  ? 9.116   9.458   -1.391  1.00 32.11 ? 14  PRO A N   1 
ATOM   77   C  CA  . PRO A 1 10  ? 8.400   9.628   -0.114  1.00 31.98 ? 14  PRO A CA  1 
ATOM   78   C  C   . PRO A 1 10  ? 7.058   8.887   -0.016  1.00 31.65 ? 14  PRO A C   1 
ATOM   79   O  O   . PRO A 1 10  ? 6.540   8.700   1.089   1.00 32.07 ? 14  PRO A O   1 
ATOM   80   C  CB  . PRO A 1 10  ? 8.129   11.139  -0.051  1.00 32.29 ? 14  PRO A CB  1 
ATOM   81   C  CG  . PRO A 1 10  ? 9.049   11.772  -1.046  1.00 32.40 ? 14  PRO A CG  1 
ATOM   82   C  CD  . PRO A 1 10  ? 9.343   10.745  -2.082  1.00 32.20 ? 14  PRO A CD  1 
ATOM   83   N  N   . HIS A 1 11  ? 6.482   8.497   -1.149  1.00 30.63 ? 15  HIS A N   1 
ATOM   84   C  CA  . HIS A 1 11  ? 5.202   7.792   -1.137  1.00 30.09 ? 15  HIS A CA  1 
ATOM   85   C  C   . HIS A 1 11  ? 5.385   6.281   -1.249  1.00 29.69 ? 15  HIS A C   1 
ATOM   86   O  O   . HIS A 1 11  ? 4.421   5.526   -1.207  1.00 29.07 ? 15  HIS A O   1 
ATOM   87   C  CB  . HIS A 1 11  ? 4.319   8.306   -2.279  1.00 30.26 ? 15  HIS A CB  1 
ATOM   88   C  CG  . HIS A 1 11  ? 4.129   9.788   -2.252  1.00 30.24 ? 15  HIS A CG  1 
ATOM   89   N  ND1 . HIS A 1 11  ? 4.919   10.649  -2.981  1.00 29.79 ? 15  HIS A ND1 1 
ATOM   90   C  CD2 . HIS A 1 11  ? 3.292   10.564  -1.525  1.00 30.14 ? 15  HIS A CD2 1 
ATOM   91   C  CE1 . HIS A 1 11  ? 4.559   11.894  -2.723  1.00 30.18 ? 15  HIS A CE1 1 
ATOM   92   N  NE2 . HIS A 1 11  ? 3.571   11.868  -1.847  1.00 30.47 ? 15  HIS A NE2 1 
ATOM   93   N  N   . LEU A 1 12  ? 6.635   5.850   -1.403  1.00 29.39 ? 16  LEU A N   1 
ATOM   94   C  CA  . LEU A 1 12  ? 6.933   4.460   -1.724  1.00 28.68 ? 16  LEU A CA  1 
ATOM   95   C  C   . LEU A 1 12  ? 7.813   3.829   -0.663  1.00 28.03 ? 16  LEU A C   1 
ATOM   96   O  O   . LEU A 1 12  ? 8.284   2.695   -0.818  1.00 27.64 ? 16  LEU A O   1 
ATOM   97   C  CB  . LEU A 1 12  ? 7.620   4.376   -3.096  1.00 28.70 ? 16  LEU A CB  1 
ATOM   98   C  CG  . LEU A 1 12  ? 6.895   4.913   -4.329  1.00 28.53 ? 16  LEU A CG  1 
ATOM   99   C  CD1 . LEU A 1 12  ? 7.838   4.843   -5.515  1.00 28.89 ? 16  LEU A CD1 1 
ATOM   100  C  CD2 . LEU A 1 12  ? 5.627   4.134   -4.605  1.00 26.76 ? 16  LEU A CD2 1 
ATOM   101  N  N   . MET A 1 13  ? 8.020   4.568   0.419   1.00 27.53 ? 17  MET A N   1 
ATOM   102  C  CA  . MET A 1 13  ? 8.982   4.178   1.420   1.00 28.13 ? 17  MET A CA  1 
ATOM   103  C  C   . MET A 1 13  ? 8.388   3.984   2.801   1.00 26.70 ? 17  MET A C   1 
ATOM   104  O  O   . MET A 1 13  ? 7.510   4.726   3.227   1.00 26.42 ? 17  MET A O   1 
ATOM   105  C  CB  . MET A 1 13  ? 10.139  5.163   1.443   1.00 27.85 ? 17  MET A CB  1 
ATOM   106  C  CG  . MET A 1 13  ? 10.859  5.197   0.119   1.00 29.67 ? 17  MET A CG  1 
ATOM   107  S  SD  . MET A 1 13  ? 12.573  5.632   0.257   1.00 32.69 ? 17  MET A SD  1 
ATOM   108  C  CE  . MET A 1 13  ? 12.464  7.301   0.908   1.00 34.29 ? 17  MET A CE  1 
ATOM   109  N  N   . CYS A 1 14  ? 8.879   2.947   3.471   1.00 25.81 ? 18  CYS A N   1 
ATOM   110  C  CA  . CYS A 1 14  ? 8.473   2.586   4.813   1.00 25.35 ? 18  CYS A CA  1 
ATOM   111  C  C   . CYS A 1 14  ? 9.272   3.404   5.804   1.00 25.52 ? 18  CYS A C   1 
ATOM   112  O  O   . CYS A 1 14  ? 10.508  3.516   5.727   1.00 26.04 ? 18  CYS A O   1 
ATOM   113  C  CB  . CYS A 1 14  ? 8.705   1.096   5.039   1.00 25.56 ? 18  CYS A CB  1 
ATOM   114  S  SG  . CYS A 1 14  ? 8.567   0.462   6.715   1.00 24.52 ? 18  CYS A SG  1 
ATOM   115  N  N   . VAL A 1 15  ? 8.541   3.960   6.747   1.00 25.05 ? 19  VAL A N   1 
ATOM   116  C  CA  . VAL A 1 15  ? 9.067   4.855   7.747   1.00 24.84 ? 19  VAL A CA  1 
ATOM   117  C  C   . VAL A 1 15  ? 9.830   4.072   8.842   1.00 24.68 ? 19  VAL A C   1 
ATOM   118  O  O   . VAL A 1 15  ? 10.642  4.648   9.563   1.00 24.51 ? 19  VAL A O   1 
ATOM   119  C  CB  . VAL A 1 15  ? 7.872   5.676   8.292   1.00 24.83 ? 19  VAL A CB  1 
ATOM   120  C  CG1 . VAL A 1 15  ? 7.939   5.889   9.767   1.00 26.48 ? 19  VAL A CG1 1 
ATOM   121  C  CG2 . VAL A 1 15  ? 7.685   6.981   7.486   1.00 24.29 ? 19  VAL A CG2 1 
ATOM   122  N  N   . LEU A 1 16  ? 9.591   2.763   8.943   1.00 24.02 ? 20  LEU A N   1 
ATOM   123  C  CA  . LEU A 1 16  ? 10.225  1.948   9.992   1.00 24.05 ? 20  LEU A CA  1 
ATOM   124  C  C   . LEU A 1 16  ? 11.579  1.355   9.617   1.00 23.89 ? 20  LEU A C   1 
ATOM   125  O  O   . LEU A 1 16  ? 12.387  1.072   10.497  1.00 24.12 ? 20  LEU A O   1 
ATOM   126  C  CB  . LEU A 1 16  ? 9.291   0.838   10.488  1.00 24.00 ? 20  LEU A CB  1 
ATOM   127  C  CG  . LEU A 1 16  ? 8.048   1.295   11.255  1.00 24.77 ? 20  LEU A CG  1 
ATOM   128  C  CD1 . LEU A 1 16  ? 7.063   0.137   11.432  1.00 24.59 ? 20  LEU A CD1 1 
ATOM   129  C  CD2 . LEU A 1 16  ? 8.457   1.914   12.613  1.00 24.10 ? 20  LEU A CD2 1 
ATOM   130  N  N   . CYS A 1 17  ? 11.830  1.152   8.328   1.00 23.83 ? 21  CYS A N   1 
ATOM   131  C  CA  . CYS A 1 17  ? 13.159  0.724   7.892   1.00 23.56 ? 21  CYS A CA  1 
ATOM   132  C  C   . CYS A 1 17  ? 13.848  1.783   7.047   1.00 23.06 ? 21  CYS A C   1 
ATOM   133  O  O   . CYS A 1 17  ? 15.040  1.677   6.790   1.00 23.26 ? 21  CYS A O   1 
ATOM   134  C  CB  . CYS A 1 17  ? 13.093  -0.591  7.116   1.00 24.30 ? 21  CYS A CB  1 
ATOM   135  S  SG  . CYS A 1 17  ? 12.101  -0.476  5.606   1.00 23.83 ? 21  CYS A SG  1 
ATOM   136  N  N   . GLY A 1 18  ? 13.100  2.790   6.606   1.00 22.90 ? 22  GLY A N   1 
ATOM   137  C  CA  . GLY A 1 18  ? 13.646  3.837   5.729   1.00 22.42 ? 22  GLY A CA  1 
ATOM   138  C  C   . GLY A 1 18  ? 13.962  3.367   4.315   1.00 22.71 ? 22  GLY A C   1 
ATOM   139  O  O   . GLY A 1 18  ? 14.648  4.067   3.565   1.00 22.93 ? 22  GLY A O   1 
ATOM   140  N  N   . GLY A 1 19  ? 13.468  2.182   3.941   1.00 22.79 ? 23  GLY A N   1 
ATOM   141  C  CA  . GLY A 1 19  ? 13.603  1.656   2.567   1.00 22.32 ? 23  GLY A CA  1 
ATOM   142  C  C   . GLY A 1 19  ? 12.250  1.495   1.880   1.00 22.54 ? 23  GLY A C   1 
ATOM   143  O  O   . GLY A 1 19  ? 11.206  1.884   2.439   1.00 22.20 ? 23  GLY A O   1 
ATOM   144  N  N   . TYR A 1 20  ? 12.258  0.937   0.665   1.00 22.21 ? 24  TYR A N   1 
ATOM   145  C  CA  . TYR A 1 20  ? 11.017  0.766   -0.094  1.00 22.37 ? 24  TYR A CA  1 
ATOM   146  C  C   . TYR A 1 20  ? 10.131  -0.282  0.554   1.00 22.75 ? 24  TYR A C   1 
ATOM   147  O  O   . TYR A 1 20  ? 10.629  -1.177  1.246   1.00 23.30 ? 24  TYR A O   1 
ATOM   148  C  CB  . TYR A 1 20  ? 11.300  0.366   -1.546  1.00 22.07 ? 24  TYR A CB  1 
ATOM   149  C  CG  . TYR A 1 20  ? 11.936  1.456   -2.361  1.00 21.92 ? 24  TYR A CG  1 
ATOM   150  C  CD1 . TYR A 1 20  ? 11.207  2.584   -2.740  1.00 21.23 ? 24  TYR A CD1 1 
ATOM   151  C  CD2 . TYR A 1 20  ? 13.272  1.371   -2.751  1.00 22.69 ? 24  TYR A CD2 1 
ATOM   152  C  CE1 . TYR A 1 20  ? 11.782  3.595   -3.476  1.00 20.47 ? 24  TYR A CE1 1 
ATOM   153  C  CE2 . TYR A 1 20  ? 13.855  2.374   -3.509  1.00 22.23 ? 24  TYR A CE2 1 
ATOM   154  C  CZ  . TYR A 1 20  ? 13.100  3.489   -3.851  1.00 22.10 ? 24  TYR A CZ  1 
ATOM   155  O  OH  . TYR A 1 20  ? 13.671  4.501   -4.585  1.00 24.01 ? 24  TYR A OH  1 
ATOM   156  N  N   . PHE A 1 21  ? 8.827   -0.192  0.312   1.00 22.98 ? 25  PHE A N   1 
ATOM   157  C  CA  . PHE A 1 21  ? 7.878   -1.202  0.787   1.00 22.80 ? 25  PHE A CA  1 
ATOM   158  C  C   . PHE A 1 21  ? 8.209   -2.571  0.221   1.00 23.01 ? 25  PHE A C   1 
ATOM   159  O  O   . PHE A 1 21  ? 8.378   -2.724  -0.980  1.00 23.26 ? 25  PHE A O   1 
ATOM   160  C  CB  . PHE A 1 21  ? 6.436   -0.836  0.398   1.00 22.78 ? 25  PHE A CB  1 
ATOM   161  C  CG  . PHE A 1 21  ? 5.917   0.438   1.032   1.00 21.76 ? 25  PHE A CG  1 
ATOM   162  C  CD1 . PHE A 1 21  ? 5.907   0.599   2.411   1.00 22.80 ? 25  PHE A CD1 1 
ATOM   163  C  CD2 . PHE A 1 21  ? 5.410   1.455   0.243   1.00 21.15 ? 25  PHE A CD2 1 
ATOM   164  C  CE1 . PHE A 1 21  ? 5.409   1.790   3.000   1.00 24.73 ? 25  PHE A CE1 1 
ATOM   165  C  CE2 . PHE A 1 21  ? 4.906   2.643   0.803   1.00 22.31 ? 25  PHE A CE2 1 
ATOM   166  C  CZ  . PHE A 1 21  ? 4.901   2.814   2.181   1.00 22.87 ? 25  PHE A CZ  1 
ATOM   167  N  N   . ILE A 1 22  ? 8.313   -3.560  1.098   1.00 23.48 ? 26  ILE A N   1 
ATOM   168  C  CA  . ILE A 1 22  ? 8.356   -4.969  0.711   1.00 23.99 ? 26  ILE A CA  1 
ATOM   169  C  C   . ILE A 1 22  ? 7.235   -5.704  1.490   1.00 25.33 ? 26  ILE A C   1 
ATOM   170  O  O   . ILE A 1 22  ? 7.177   -5.631  2.730   1.00 25.39 ? 26  ILE A O   1 
ATOM   171  C  CB  . ILE A 1 22  ? 9.739   -5.583  1.002   1.00 23.60 ? 26  ILE A CB  1 
ATOM   172  C  CG1 . ILE A 1 22  ? 10.835  -4.895  0.156   1.00 22.43 ? 26  ILE A CG1 1 
ATOM   173  C  CG2 . ILE A 1 22  ? 9.718   -7.111  0.842   1.00 23.38 ? 26  ILE A CG2 1 
ATOM   174  C  CD1 . ILE A 1 22  ? 10.664  -4.984  -1.366  1.00 19.40 ? 26  ILE A CD1 1 
ATOM   175  N  N   . ASP A 1 23  ? 6.334   -6.372  0.764   1.00 26.02 ? 27  ASP A N   1 
ATOM   176  C  CA  . ASP A 1 23  ? 5.066   -6.871  1.342   1.00 27.24 ? 27  ASP A CA  1 
ATOM   177  C  C   . ASP A 1 23  ? 4.310   -5.779  2.132   1.00 26.41 ? 27  ASP A C   1 
ATOM   178  O  O   . ASP A 1 23  ? 4.066   -5.918  3.326   1.00 26.12 ? 27  ASP A O   1 
ATOM   179  C  CB  . ASP A 1 23  ? 5.290   -8.136  2.192   1.00 27.75 ? 27  ASP A CB  1 
ATOM   180  C  CG  . ASP A 1 23  ? 5.684   -9.346  1.349   1.00 32.25 ? 27  ASP A CG  1 
ATOM   181  O  OD1 . ASP A 1 23  ? 4.794   -9.936  0.681   1.00 39.03 ? 27  ASP A OD1 1 
ATOM   182  O  OD2 . ASP A 1 23  ? 6.882   -9.717  1.335   1.00 35.55 ? 27  ASP A OD2 1 
ATOM   183  N  N   . ALA A 1 24  ? 3.936   -4.709  1.438   1.00 26.23 ? 28  ALA A N   1 
ATOM   184  C  CA  . ALA A 1 24  ? 3.252   -3.560  2.043   1.00 25.85 ? 28  ALA A CA  1 
ATOM   185  C  C   . ALA A 1 24  ? 1.977   -3.950  2.778   1.00 25.82 ? 28  ALA A C   1 
ATOM   186  O  O   . ALA A 1 24  ? 1.151   -4.716  2.292   1.00 25.25 ? 28  ALA A O   1 
ATOM   187  C  CB  . ALA A 1 24  ? 2.960   -2.504  1.008   1.00 25.25 ? 28  ALA A CB  1 
ATOM   188  N  N   . THR A 1 25  ? 1.830   -3.383  3.961   1.00 26.24 ? 29  THR A N   1 
ATOM   189  C  CA  . THR A 1 25  ? 0.776   -3.751  4.872   1.00 26.39 ? 29  THR A CA  1 
ATOM   190  C  C   . THR A 1 25  ? 0.236   -2.446  5.407   1.00 26.59 ? 29  THR A C   1 
ATOM   191  O  O   . THR A 1 25  ? 0.991   -1.570  5.800   1.00 26.87 ? 29  THR A O   1 
ATOM   192  C  CB  . THR A 1 25  ? 1.317   -4.665  6.002   1.00 26.08 ? 29  THR A CB  1 
ATOM   193  O  OG1 . THR A 1 25  ? 1.896   -5.835  5.412   1.00 26.46 ? 29  THR A OG1 1 
ATOM   194  C  CG2 . THR A 1 25  ? 0.205   -5.105  6.958   1.00 25.94 ? 29  THR A CG2 1 
ATOM   195  N  N   . THR A 1 26  ? -1.080  -2.322  5.399   1.00 27.03 ? 30  THR A N   1 
ATOM   196  C  CA  . THR A 1 26  ? -1.724  -1.063  5.695   1.00 27.83 ? 30  THR A CA  1 
ATOM   197  C  C   . THR A 1 26  ? -2.547  -1.194  6.977   1.00 27.94 ? 30  THR A C   1 
ATOM   198  O  O   . THR A 1 26  ? -3.131  -2.253  7.243   1.00 27.56 ? 30  THR A O   1 
ATOM   199  C  CB  . THR A 1 26  ? -2.545  -0.608  4.467   1.00 27.94 ? 30  THR A CB  1 
ATOM   200  O  OG1 . THR A 1 26  ? -1.637  -0.273  3.409   1.00 28.59 ? 30  THR A OG1 1 
ATOM   201  C  CG2 . THR A 1 26  ? -3.374  0.608   4.759   1.00 28.88 ? 30  THR A CG2 1 
ATOM   202  N  N   . ILE A 1 27  ? -2.534  -0.138  7.791   1.00 28.36 ? 31  ILE A N   1 
ATOM   203  C  CA  . ILE A 1 27  ? -3.379  -0.077  8.986   1.00 29.37 ? 31  ILE A CA  1 
ATOM   204  C  C   . ILE A 1 27  ? -4.739  0.430   8.576   1.00 30.16 ? 31  ILE A C   1 
ATOM   205  O  O   . ILE A 1 27  ? -4.849  1.464   7.924   1.00 30.19 ? 31  ILE A O   1 
ATOM   206  C  CB  . ILE A 1 27  ? -2.823  0.826   10.109  1.00 29.08 ? 31  ILE A CB  1 
ATOM   207  C  CG1 . ILE A 1 27  ? -1.429  0.352   10.539  1.00 29.55 ? 31  ILE A CG1 1 
ATOM   208  C  CG2 . ILE A 1 27  ? -3.766  0.815   11.307  1.00 27.83 ? 31  ILE A CG2 1 
ATOM   209  C  CD1 . ILE A 1 27  ? -0.773  1.247   11.605  1.00 29.37 ? 31  ILE A CD1 1 
ATOM   210  N  N   . ILE A 1 28  ? -5.766  -0.317  8.965   1.00 31.42 ? 32  ILE A N   1 
ATOM   211  C  CA  . ILE A 1 28  ? -7.140  -0.061  8.550   1.00 32.80 ? 32  ILE A CA  1 
ATOM   212  C  C   . ILE A 1 28  ? -7.704  1.238   9.104   1.00 33.37 ? 32  ILE A C   1 
ATOM   213  O  O   . ILE A 1 28  ? -8.532  1.872   8.453   1.00 34.05 ? 32  ILE A O   1 
ATOM   214  C  CB  . ILE A 1 28  ? -8.044  -1.225  8.975   1.00 32.96 ? 32  ILE A CB  1 
ATOM   215  C  CG1 . ILE A 1 28  ? -7.997  -2.331  7.947   1.00 32.66 ? 32  ILE A CG1 1 
ATOM   216  C  CG2 . ILE A 1 28  ? -9.488  -0.774  9.195   1.00 34.02 ? 32  ILE A CG2 1 
ATOM   217  C  CD1 . ILE A 1 28  ? -8.996  -3.424  8.285   1.00 36.53 ? 32  ILE A CD1 1 
ATOM   218  N  N   . GLU A 1 29  ? -7.271  1.629   10.301  1.00 34.16 ? 33  GLU A N   1 
ATOM   219  C  CA  . GLU A 1 29  ? -7.857  2.798   10.974  1.00 34.59 ? 33  GLU A CA  1 
ATOM   220  C  C   . GLU A 1 29  ? -7.476  4.105   10.288  1.00 33.86 ? 33  GLU A C   1 
ATOM   221  O  O   . GLU A 1 29  ? -8.321  4.933   9.984   1.00 34.12 ? 33  GLU A O   1 
ATOM   222  C  CB  . GLU A 1 29  ? -7.484  2.827   12.467  1.00 34.96 ? 33  GLU A CB  1 
ATOM   223  C  CG  . GLU A 1 29  ? -8.021  1.637   13.278  1.00 37.90 ? 33  GLU A CG  1 
ATOM   224  C  CD  . GLU A 1 29  ? -9.564  1.532   13.275  1.00 42.56 ? 33  GLU A CD  1 
ATOM   225  O  OE1 . GLU A 1 29  ? -10.248 2.544   13.583  1.00 43.05 ? 33  GLU A OE1 1 
ATOM   226  O  OE2 . GLU A 1 29  ? -10.092 0.432   12.964  1.00 43.85 ? 33  GLU A OE2 1 
ATOM   227  N  N   . CYS A 1 30  ? -6.190  4.267   10.020  1.00 33.42 ? 34  CYS A N   1 
ATOM   228  C  CA  . CYS A 1 30  ? -5.663  5.530   9.518   1.00 32.60 ? 34  CYS A CA  1 
ATOM   229  C  C   . CYS A 1 30  ? -5.139  5.395   8.095   1.00 31.76 ? 34  CYS A C   1 
ATOM   230  O  O   . CYS A 1 30  ? -4.920  6.391   7.404   1.00 31.75 ? 34  CYS A O   1 
ATOM   231  C  CB  . CYS A 1 30  ? -4.536  5.968   10.429  1.00 33.38 ? 34  CYS A CB  1 
ATOM   232  S  SG  . CYS A 1 30  ? -3.272  4.682   10.715  1.00 32.75 ? 34  CYS A SG  1 
ATOM   233  N  N   . LEU A 1 31  ? -4.919  4.150   7.681   1.00 30.70 ? 35  LEU A N   1 
ATOM   234  C  CA  . LEU A 1 31  ? -4.473  3.814   6.326   1.00 29.88 ? 35  LEU A CA  1 
ATOM   235  C  C   . LEU A 1 31  ? -2.997  4.158   6.048   1.00 28.81 ? 35  LEU A C   1 
ATOM   236  O  O   . LEU A 1 31  ? -2.625  4.365   4.901   1.00 29.57 ? 35  LEU A O   1 
ATOM   237  C  CB  . LEU A 1 31  ? -5.408  4.459   5.293   1.00 29.73 ? 35  LEU A CB  1 
ATOM   238  C  CG  . LEU A 1 31  ? -6.127  3.610   4.238   1.00 30.62 ? 35  LEU A CG  1 
ATOM   239  C  CD1 . LEU A 1 31  ? -6.751  2.304   4.770   1.00 29.21 ? 35  LEU A CD1 1 
ATOM   240  C  CD2 . LEU A 1 31  ? -7.198  4.473   3.607   1.00 30.63 ? 35  LEU A CD2 1 
ATOM   241  N  N   . HIS A 1 32  ? -2.151  4.223   7.079   1.00 27.09 ? 36  HIS A N   1 
ATOM   242  C  CA  . HIS A 1 32  ? -0.706  4.314   6.845   1.00 25.52 ? 36  HIS A CA  1 
ATOM   243  C  C   . HIS A 1 32  ? -0.129  2.924   6.567   1.00 23.87 ? 36  HIS A C   1 
ATOM   244  O  O   . HIS A 1 32  ? -0.662  1.931   7.051   1.00 23.09 ? 36  HIS A O   1 
ATOM   245  C  CB  . HIS A 1 32  ? 0.010   5.027   8.002   1.00 25.72 ? 36  HIS A CB  1 
ATOM   246  C  CG  . HIS A 1 32  ? -0.334  6.480   8.105   1.00 27.80 ? 36  HIS A CG  1 
ATOM   247  N  ND1 . HIS A 1 32  ? -0.726  7.075   9.284   1.00 31.99 ? 36  HIS A ND1 1 
ATOM   248  C  CD2 . HIS A 1 32  ? -0.382  7.452   7.164   1.00 28.10 ? 36  HIS A CD2 1 
ATOM   249  C  CE1 . HIS A 1 32  ? -0.997  8.349   9.071   1.00 29.35 ? 36  HIS A CE1 1 
ATOM   250  N  NE2 . HIS A 1 32  ? -0.797  8.603   7.791   1.00 30.59 ? 36  HIS A NE2 1 
ATOM   251  N  N   . SER A 1 33  ? 0.943   2.864   5.780   1.00 22.42 ? 37  SER A N   1 
ATOM   252  C  CA  . SER A 1 33  ? 1.480   1.590   5.289   1.00 21.69 ? 37  SER A CA  1 
ATOM   253  C  C   . SER A 1 33  ? 2.927   1.386   5.640   1.00 21.33 ? 37  SER A C   1 
ATOM   254  O  O   . SER A 1 33  ? 3.669   2.349   5.839   1.00 20.94 ? 37  SER A O   1 
ATOM   255  C  CB  . SER A 1 33  ? 1.361   1.501   3.781   1.00 21.53 ? 37  SER A CB  1 
ATOM   256  O  OG  . SER A 1 33  ? 0.013   1.433   3.393   1.00 23.65 ? 37  SER A OG  1 
ATOM   257  N  N   . PHE A 1 34  ? 3.323   0.116   5.688   1.00 20.87 ? 38  PHE A N   1 
ATOM   258  C  CA  . PHE A 1 34  ? 4.643   -0.287  6.153   1.00 21.09 ? 38  PHE A CA  1 
ATOM   259  C  C   . PHE A 1 34  ? 4.992   -1.619  5.508   1.00 21.59 ? 38  PHE A C   1 
ATOM   260  O  O   . PHE A 1 34  ? 4.116   -2.267  4.917   1.00 21.57 ? 38  PHE A O   1 
ATOM   261  C  CB  . PHE A 1 34  ? 4.660   -0.420  7.684   1.00 20.45 ? 38  PHE A CB  1 
ATOM   262  C  CG  . PHE A 1 34  ? 4.034   0.764   8.430   1.00 20.28 ? 38  PHE A CG  1 
ATOM   263  C  CD1 . PHE A 1 34  ? 2.674   0.778   8.740   1.00 17.49 ? 38  PHE A CD1 1 
ATOM   264  C  CD2 . PHE A 1 34  ? 4.822   1.854   8.850   1.00 19.09 ? 38  PHE A CD2 1 
ATOM   265  C  CE1 . PHE A 1 34  ? 2.103   1.875   9.436   1.00 17.54 ? 38  PHE A CE1 1 
ATOM   266  C  CE2 . PHE A 1 34  ? 4.254   2.943   9.542   1.00 15.61 ? 38  PHE A CE2 1 
ATOM   267  C  CZ  . PHE A 1 34  ? 2.897   2.949   9.826   1.00 17.48 ? 38  PHE A CZ  1 
ATOM   268  N  N   . CYS A 1 35  ? 6.263   -2.020  5.585   1.00 22.09 ? 39  CYS A N   1 
ATOM   269  C  CA  . CYS A 1 35  ? 6.640   -3.378  5.208   1.00 22.97 ? 39  CYS A CA  1 
ATOM   270  C  C   . CYS A 1 35  ? 5.962   -4.347  6.167   1.00 22.81 ? 39  CYS A C   1 
ATOM   271  O  O   . CYS A 1 35  ? 5.684   -3.989  7.321   1.00 22.17 ? 39  CYS A O   1 
ATOM   272  C  CB  . CYS A 1 35  ? 8.141   -3.596  5.311   1.00 24.12 ? 39  CYS A CB  1 
ATOM   273  S  SG  . CYS A 1 35  ? 9.152   -2.388  4.504   1.00 25.92 ? 39  CYS A SG  1 
ATOM   274  N  N   . LYS A 1 36  ? 5.715   -5.572  5.703   1.00 22.84 ? 40  LYS A N   1 
ATOM   275  C  CA  . LYS A 1 36  ? 5.109   -6.581  6.555   1.00 23.61 ? 40  LYS A CA  1 
ATOM   276  C  C   . LYS A 1 36  ? 5.957   -6.803  7.810   1.00 23.63 ? 40  LYS A C   1 
ATOM   277  O  O   . LYS A 1 36  ? 5.462   -6.669  8.931   1.00 24.10 ? 40  LYS A O   1 
ATOM   278  C  CB  . LYS A 1 36  ? 4.916   -7.898  5.819   1.00 24.01 ? 40  LYS A CB  1 
ATOM   279  C  CG  . LYS A 1 36  ? 3.990   -8.833  6.580   1.00 26.10 ? 40  LYS A CG  1 
ATOM   280  C  CD  . LYS A 1 36  ? 4.524   -10.244 6.637   1.00 29.31 ? 40  LYS A CD  1 
ATOM   281  C  CE  . LYS A 1 36  ? 4.124   -11.033 5.411   1.00 31.04 ? 40  LYS A CE  1 
ATOM   282  N  NZ  . LYS A 1 36  ? 4.687   -12.412 5.440   1.00 31.00 ? 40  LYS A NZ  1 
ATOM   283  N  N   . THR A 1 37  ? 7.240   -7.093  7.619   1.00 23.08 ? 41  THR A N   1 
ATOM   284  C  CA  . THR A 1 37  ? 8.125   -7.408  8.733   1.00 22.87 ? 41  THR A CA  1 
ATOM   285  C  C   . THR A 1 37  ? 8.301   -6.249  9.724   1.00 23.01 ? 41  THR A C   1 
ATOM   286  O  O   . THR A 1 37  ? 8.388   -6.464  10.922  1.00 23.47 ? 41  THR A O   1 
ATOM   287  C  CB  . THR A 1 37  ? 9.509   -7.855  8.237   1.00 22.76 ? 41  THR A CB  1 
ATOM   288  O  OG1 . THR A 1 37  ? 10.121  -6.778  7.524   1.00 22.29 ? 41  THR A OG1 1 
ATOM   289  C  CG2 . THR A 1 37  ? 9.387   -9.065  7.329   1.00 22.11 ? 41  THR A CG2 1 
ATOM   290  N  N   . CYS A 1 38  ? 8.364   -5.028  9.225   1.00 22.80 ? 42  CYS A N   1 
ATOM   291  C  CA  . CYS A 1 38  ? 8.522   -3.875  10.090  1.00 23.01 ? 42  CYS A CA  1 
ATOM   292  C  C   . CYS A 1 38  ? 7.294   -3.650  10.971  1.00 22.38 ? 42  CYS A C   1 
ATOM   293  O  O   . CYS A 1 38  ? 7.432   -3.454  12.173  1.00 21.94 ? 42  CYS A O   1 
ATOM   294  C  CB  . CYS A 1 38  ? 8.816   -2.622  9.262   1.00 23.68 ? 42  CYS A CB  1 
ATOM   295  S  SG  . CYS A 1 38  ? 10.283  -2.783  8.201   1.00 27.69 ? 42  CYS A SG  1 
ATOM   296  N  N   . ILE A 1 39  ? 6.097   -3.683  10.391  1.00 21.79 ? 43  ILE A N   1 
ATOM   297  C  CA  . ILE A 1 39  ? 4.894   -3.371  11.182  1.00 21.88 ? 43  ILE A CA  1 
ATOM   298  C  C   . ILE A 1 39  ? 4.501   -4.492  12.142  1.00 22.31 ? 43  ILE A C   1 
ATOM   299  O  O   . ILE A 1 39  ? 3.977   -4.234  13.221  1.00 22.56 ? 43  ILE A O   1 
ATOM   300  C  CB  . ILE A 1 39  ? 3.677   -2.906  10.317  1.00 21.07 ? 43  ILE A CB  1 
ATOM   301  C  CG1 . ILE A 1 39  ? 2.595   -2.248  11.198  1.00 21.14 ? 43  ILE A CG1 1 
ATOM   302  C  CG2 . ILE A 1 39  ? 3.112   -4.064  9.517   1.00 20.62 ? 43  ILE A CG2 1 
ATOM   303  C  CD1 . ILE A 1 39  ? 3.091   -1.069  12.103  1.00 18.50 ? 43  ILE A CD1 1 
ATOM   304  N  N   . VAL A 1 40  ? 4.786   -5.726  11.761  1.00 23.20 ? 44  VAL A N   1 
ATOM   305  C  CA  . VAL A 1 40  ? 4.498   -6.868  12.608  1.00 24.69 ? 44  VAL A CA  1 
ATOM   306  C  C   . VAL A 1 40  ? 5.357   -6.861  13.875  1.00 25.72 ? 44  VAL A C   1 
ATOM   307  O  O   . VAL A 1 40  ? 4.835   -7.099  14.979  1.00 26.14 ? 44  VAL A O   1 
ATOM   308  C  CB  . VAL A 1 40  ? 4.666   -8.207  11.842  1.00 24.73 ? 44  VAL A CB  1 
ATOM   309  C  CG1 . VAL A 1 40  ? 4.617   -9.378  12.802  1.00 24.14 ? 44  VAL A CG1 1 
ATOM   310  C  CG2 . VAL A 1 40  ? 3.579   -8.331  10.787  1.00 24.46 ? 44  VAL A CG2 1 
ATOM   311  N  N   . ARG A 1 41  ? 6.660   -6.599  13.727  1.00 26.36 ? 45  ARG A N   1 
ATOM   312  C  CA  . ARG A 1 41  ? 7.547   -6.574  14.892  1.00 27.19 ? 45  ARG A CA  1 
ATOM   313  C  C   . ARG A 1 41  ? 7.245   -5.362  15.760  1.00 27.00 ? 45  ARG A C   1 
ATOM   314  O  O   . ARG A 1 41  ? 7.270   -5.458  16.979  1.00 27.26 ? 45  ARG A O   1 
ATOM   315  C  CB  . ARG A 1 41  ? 9.026   -6.602  14.498  1.00 27.23 ? 45  ARG A CB  1 
ATOM   316  C  CG  . ARG A 1 41  ? 9.379   -7.667  13.480  1.00 29.68 ? 45  ARG A CG  1 
ATOM   317  C  CD  . ARG A 1 41  ? 10.891  -7.972  13.461  1.00 34.27 ? 45  ARG A CD  1 
ATOM   318  N  NE  . ARG A 1 41  ? 11.230  -8.878  14.566  1.00 36.60 ? 45  ARG A NE  1 
ATOM   319  C  CZ  . ARG A 1 41  ? 12.288  -9.681  14.607  1.00 36.57 ? 45  ARG A CZ  1 
ATOM   320  N  NH1 . ARG A 1 41  ? 13.153  -9.728  13.597  1.00 34.65 ? 45  ARG A NH1 1 
ATOM   321  N  NH2 . ARG A 1 41  ? 12.463  -10.453 15.673  1.00 37.78 ? 45  ARG A NH2 1 
ATOM   322  N  N   . TYR A 1 42  ? 6.951   -4.231  15.123  1.00 27.04 ? 46  TYR A N   1 
ATOM   323  C  CA  . TYR A 1 42  ? 6.557   -3.017  15.834  1.00 27.23 ? 46  TYR A CA  1 
ATOM   324  C  C   . TYR A 1 42  ? 5.302   -3.229  16.691  1.00 27.67 ? 46  TYR A C   1 
ATOM   325  O  O   . TYR A 1 42  ? 5.290   -2.897  17.869  1.00 27.16 ? 46  TYR A O   1 
ATOM   326  C  CB  . TYR A 1 42  ? 6.330   -1.866  14.862  1.00 27.05 ? 46  TYR A CB  1 
ATOM   327  C  CG  . TYR A 1 42  ? 5.854   -0.606  15.543  1.00 27.30 ? 46  TYR A CG  1 
ATOM   328  C  CD1 . TYR A 1 42  ? 6.763   0.316   16.074  1.00 27.17 ? 46  TYR A CD1 1 
ATOM   329  C  CD2 . TYR A 1 42  ? 4.495   -0.339  15.669  1.00 26.13 ? 46  TYR A CD2 1 
ATOM   330  C  CE1 . TYR A 1 42  ? 6.324   1.475   16.712  1.00 27.37 ? 46  TYR A CE1 1 
ATOM   331  C  CE2 . TYR A 1 42  ? 4.051   0.802   16.306  1.00 27.55 ? 46  TYR A CE2 1 
ATOM   332  C  CZ  . TYR A 1 42  ? 4.965   1.708   16.818  1.00 27.92 ? 46  TYR A CZ  1 
ATOM   333  O  OH  . TYR A 1 42  ? 4.499   2.840   17.449  1.00 28.82 ? 46  TYR A OH  1 
ATOM   334  N  N   . LEU A 1 43  ? 4.253   -3.776  16.079  1.00 28.71 ? 47  LEU A N   1 
ATOM   335  C  CA  . LEU A 1 43  ? 2.988   -4.041  16.769  1.00 29.43 ? 47  LEU A CA  1 
ATOM   336  C  C   . LEU A 1 43  ? 3.083   -5.109  17.855  1.00 29.94 ? 47  LEU A C   1 
ATOM   337  O  O   . LEU A 1 43  ? 2.116   -5.353  18.547  1.00 29.96 ? 47  LEU A O   1 
ATOM   338  C  CB  . LEU A 1 43  ? 1.867   -4.373  15.772  1.00 29.30 ? 47  LEU A CB  1 
ATOM   339  C  CG  . LEU A 1 43  ? 1.400   -3.211  14.881  1.00 29.17 ? 47  LEU A CG  1 
ATOM   340  C  CD1 . LEU A 1 43  ? 0.325   -3.664  13.902  1.00 28.41 ? 47  LEU A CD1 1 
ATOM   341  C  CD2 . LEU A 1 43  ? 0.902   -2.018  15.717  1.00 29.21 ? 47  LEU A CD2 1 
ATOM   342  N  N   . GLU A 1 44  ? 4.249   -5.729  18.015  1.00 31.03 ? 48  GLU A N   1 
ATOM   343  C  CA  . GLU A 1 44  ? 4.482   -6.619  19.154  1.00 32.51 ? 48  GLU A CA  1 
ATOM   344  C  C   . GLU A 1 44  ? 4.603   -5.832  20.467  1.00 32.69 ? 48  GLU A C   1 
ATOM   345  O  O   . GLU A 1 44  ? 4.122   -6.295  21.507  1.00 33.02 ? 48  GLU A O   1 
ATOM   346  C  CB  . GLU A 1 44  ? 5.686   -7.553  18.923  1.00 32.12 ? 48  GLU A CB  1 
ATOM   347  C  CG  . GLU A 1 44  ? 5.370   -8.723  17.955  1.00 33.54 ? 48  GLU A CG  1 
ATOM   348  C  CD  . GLU A 1 44  ? 6.578   -9.598  17.576  1.00 34.23 ? 48  GLU A CD  1 
ATOM   349  O  OE1 . GLU A 1 44  ? 7.670   -9.450  18.184  1.00 35.91 ? 48  GLU A OE1 1 
ATOM   350  O  OE2 . GLU A 1 44  ? 6.431   -10.449 16.658  1.00 36.42 ? 48  GLU A OE2 1 
ATOM   351  N  N   . THR A 1 45  ? 5.211   -4.647  20.420  1.00 32.71 ? 49  THR A N   1 
ATOM   352  C  CA  . THR A 1 45  ? 5.359   -3.837  21.633  1.00 33.29 ? 49  THR A CA  1 
ATOM   353  C  C   . THR A 1 45  ? 4.530   -2.556  21.659  1.00 33.46 ? 49  THR A C   1 
ATOM   354  O  O   . THR A 1 45  ? 4.741   -1.702  22.524  1.00 33.88 ? 49  THR A O   1 
ATOM   355  C  CB  . THR A 1 45  ? 6.835   -3.444  21.919  1.00 33.35 ? 49  THR A CB  1 
ATOM   356  O  OG1 . THR A 1 45  ? 7.386   -2.786  20.773  1.00 33.29 ? 49  THR A OG1 1 
ATOM   357  C  CG2 . THR A 1 45  ? 7.679   -4.668  22.291  1.00 33.33 ? 49  THR A CG2 1 
ATOM   358  N  N   . SER A 1 46  ? 3.593   -2.404  20.733  1.00 33.38 ? 50  SER A N   1 
ATOM   359  C  CA  . SER A 1 46  ? 2.775   -1.196  20.705  1.00 33.35 ? 50  SER A CA  1 
ATOM   360  C  C   . SER A 1 46  ? 1.472   -1.463  19.993  1.00 33.46 ? 50  SER A C   1 
ATOM   361  O  O   . SER A 1 46  ? 1.421   -2.286  19.092  1.00 33.88 ? 50  SER A O   1 
ATOM   362  C  CB  . SER A 1 46  ? 3.520   -0.053  20.012  1.00 33.27 ? 50  SER A CB  1 
ATOM   363  O  OG  . SER A 1 46  ? 2.691   1.090   19.873  1.00 33.59 ? 50  SER A OG  1 
ATOM   364  N  N   . LYS A 1 47  ? 0.419   -0.768  20.398  1.00 33.50 ? 51  LYS A N   1 
ATOM   365  C  CA  . LYS A 1 47  ? -0.870  -0.880  19.724  1.00 33.87 ? 51  LYS A CA  1 
ATOM   366  C  C   . LYS A 1 47  ? -1.253  0.431   19.023  1.00 33.26 ? 51  LYS A C   1 
ATOM   367  O  O   . LYS A 1 47  ? -2.413  0.637   18.684  1.00 33.46 ? 51  LYS A O   1 
ATOM   368  C  CB  . LYS A 1 47  ? -1.962  -1.350  20.698  1.00 33.70 ? 51  LYS A CB  1 
ATOM   369  C  CG  . LYS A 1 47  ? -2.005  -0.570  22.008  1.00 35.17 ? 51  LYS A CG  1 
ATOM   370  C  CD  . LYS A 1 47  ? -2.915  -1.214  23.065  1.00 35.58 ? 51  LYS A CD  1 
ATOM   371  C  CE  . LYS A 1 47  ? -4.257  -0.483  23.200  1.00 37.72 ? 51  LYS A CE  1 
ATOM   372  N  NZ  . LYS A 1 47  ? -4.082  0.994   23.389  1.00 37.73 ? 51  LYS A NZ  1 
ATOM   373  N  N   . TYR A 1 48  ? -0.264  1.296   18.790  1.00 32.99 ? 52  TYR A N   1 
ATOM   374  C  CA  . TYR A 1 48  ? -0.480  2.613   18.173  1.00 32.69 ? 52  TYR A CA  1 
ATOM   375  C  C   . TYR A 1 48  ? 0.327   2.787   16.899  1.00 32.12 ? 52  TYR A C   1 
ATOM   376  O  O   . TYR A 1 48  ? 1.502   2.418   16.850  1.00 32.37 ? 52  TYR A O   1 
ATOM   377  C  CB  . TYR A 1 48  ? -0.121  3.733   19.157  1.00 33.26 ? 52  TYR A CB  1 
ATOM   378  C  CG  . TYR A 1 48  ? -1.020  3.777   20.364  1.00 33.99 ? 52  TYR A CG  1 
ATOM   379  C  CD1 . TYR A 1 48  ? -0.650  3.156   21.559  1.00 34.42 ? 52  TYR A CD1 1 
ATOM   380  C  CD2 . TYR A 1 48  ? -2.256  4.425   20.309  1.00 34.28 ? 52  TYR A CD2 1 
ATOM   381  C  CE1 . TYR A 1 48  ? -1.488  3.188   22.677  1.00 34.97 ? 52  TYR A CE1 1 
ATOM   382  C  CE2 . TYR A 1 48  ? -3.100  4.465   21.415  1.00 34.86 ? 52  TYR A CE2 1 
ATOM   383  C  CZ  . TYR A 1 48  ? -2.713  3.846   22.597  1.00 35.19 ? 52  TYR A CZ  1 
ATOM   384  O  OH  . TYR A 1 48  ? -3.556  3.879   23.694  1.00 35.83 ? 52  TYR A OH  1 
ATOM   385  N  N   . CYS A 1 49  ? -0.304  3.360   15.879  1.00 31.39 ? 53  CYS A N   1 
ATOM   386  C  CA  . CYS A 1 49  ? 0.358   3.643   14.613  1.00 30.48 ? 53  CYS A CA  1 
ATOM   387  C  C   . CYS A 1 49  ? 1.645   4.444   14.804  1.00 29.76 ? 53  CYS A C   1 
ATOM   388  O  O   . CYS A 1 49  ? 1.632   5.458   15.480  1.00 29.11 ? 53  CYS A O   1 
ATOM   389  C  CB  . CYS A 1 49  ? -0.574  4.410   13.682  1.00 31.05 ? 53  CYS A CB  1 
ATOM   390  S  SG  . CYS A 1 49  ? 0.222   4.961   12.131  1.00 31.56 ? 53  CYS A SG  1 
ATOM   391  N  N   . PRO A 1 50  ? 2.757   3.974   14.205  1.00 29.57 ? 54  PRO A N   1 
ATOM   392  C  CA  . PRO A 1 50  ? 4.081   4.617   14.175  1.00 29.38 ? 54  PRO A CA  1 
ATOM   393  C  C   . PRO A 1 50  ? 4.081   6.055   13.663  1.00 29.70 ? 54  PRO A C   1 
ATOM   394  O  O   . PRO A 1 50  ? 4.901   6.848   14.097  1.00 29.89 ? 54  PRO A O   1 
ATOM   395  C  CB  . PRO A 1 50  ? 4.853   3.760   13.178  1.00 29.05 ? 54  PRO A CB  1 
ATOM   396  C  CG  . PRO A 1 50  ? 4.221   2.438   13.260  1.00 28.97 ? 54  PRO A CG  1 
ATOM   397  C  CD  . PRO A 1 50  ? 2.775   2.678   13.496  1.00 29.11 ? 54  PRO A CD  1 
ATOM   398  N  N   . ILE A 1 51  ? 3.183   6.386   12.739  1.00 30.30 ? 55  ILE A N   1 
ATOM   399  C  CA  . ILE A 1 51  ? 3.199   7.691   12.084  1.00 30.75 ? 55  ILE A CA  1 
ATOM   400  C  C   . ILE A 1 51  ? 2.271   8.679   12.772  1.00 31.49 ? 55  ILE A C   1 
ATOM   401  O  O   . ILE A 1 51  ? 2.705   9.769   13.136  1.00 31.83 ? 55  ILE A O   1 
ATOM   402  C  CB  . ILE A 1 51  ? 2.855   7.613   10.564  1.00 30.66 ? 55  ILE A CB  1 
ATOM   403  C  CG1 . ILE A 1 51  ? 3.847   6.715   9.821   1.00 30.01 ? 55  ILE A CG1 1 
ATOM   404  C  CG2 . ILE A 1 51  ? 2.830   9.021   9.948   1.00 31.08 ? 55  ILE A CG2 1 
ATOM   405  C  CD1 . ILE A 1 51  ? 3.522   6.495   8.343   1.00 30.69 ? 55  ILE A CD1 1 
ATOM   406  N  N   . CYS A 1 52  ? 1.004   8.304   12.949  1.00 32.16 ? 56  CYS A N   1 
ATOM   407  C  CA  . CYS A 1 52  ? -0.004  9.241   13.463  1.00 32.75 ? 56  CYS A CA  1 
ATOM   408  C  C   . CYS A 1 52  ? -0.436  8.978   14.907  1.00 33.30 ? 56  CYS A C   1 
ATOM   409  O  O   . CYS A 1 52  ? -1.221  9.740   15.458  1.00 33.32 ? 56  CYS A O   1 
ATOM   410  C  CB  . CYS A 1 52  ? -1.233  9.296   12.533  1.00 33.42 ? 56  CYS A CB  1 
ATOM   411  S  SG  . CYS A 1 52  ? -2.284  7.804   12.516  1.00 31.54 ? 56  CYS A SG  1 
ATOM   412  N  N   . ASP A 1 53  ? 0.057   7.899   15.512  1.00 34.04 ? 57  ASP A N   1 
ATOM   413  C  CA  . ASP A 1 53  ? -0.173  7.629   16.943  1.00 35.02 ? 57  ASP A CA  1 
ATOM   414  C  C   . ASP A 1 53  ? -1.578  7.117   17.304  1.00 34.79 ? 57  ASP A C   1 
ATOM   415  O  O   . ASP A 1 53  ? -1.843  6.815   18.468  1.00 35.17 ? 57  ASP A O   1 
ATOM   416  C  CB  . ASP A 1 53  ? 0.194   8.858   17.789  1.00 35.67 ? 57  ASP A CB  1 
ATOM   417  C  CG  . ASP A 1 53  ? 0.184   8.574   19.282  1.00 38.69 ? 57  ASP A CG  1 
ATOM   418  O  OD1 . ASP A 1 53  ? 0.724   7.514   19.682  1.00 41.06 ? 57  ASP A OD1 1 
ATOM   419  O  OD2 . ASP A 1 53  ? -0.368  9.408   20.056  1.00 42.29 ? 57  ASP A OD2 1 
ATOM   420  N  N   . VAL A 1 54  ? -2.457  7.003   16.309  1.00 34.16 ? 58  VAL A N   1 
ATOM   421  C  CA  . VAL A 1 54  ? -3.821  6.499   16.484  1.00 33.72 ? 58  VAL A CA  1 
ATOM   422  C  C   . VAL A 1 54  ? -3.843  5.004   16.901  1.00 33.62 ? 58  VAL A C   1 
ATOM   423  O  O   . VAL A 1 54  ? -3.009  4.213   16.451  1.00 33.37 ? 58  VAL A O   1 
ATOM   424  C  CB  . VAL A 1 54  ? -4.637  6.739   15.183  1.00 33.83 ? 58  VAL A CB  1 
ATOM   425  C  CG1 . VAL A 1 54  ? -5.978  6.003   15.197  1.00 34.20 ? 58  VAL A CG1 1 
ATOM   426  C  CG2 . VAL A 1 54  ? -4.851  8.235   14.954  1.00 33.76 ? 58  VAL A CG2 1 
ATOM   427  N  N   . GLN A 1 55  ? -4.790  4.631   17.765  1.00 33.27 ? 59  GLN A N   1 
ATOM   428  C  CA  . GLN A 1 55  ? -4.919  3.247   18.251  1.00 33.62 ? 59  GLN A CA  1 
ATOM   429  C  C   . GLN A 1 55  ? -5.329  2.317   17.124  1.00 33.16 ? 59  GLN A C   1 
ATOM   430  O  O   . GLN A 1 55  ? -6.335  2.548   16.464  1.00 33.58 ? 59  GLN A O   1 
ATOM   431  C  CB  . GLN A 1 55  ? -5.939  3.160   19.397  1.00 33.53 ? 59  GLN A CB  1 
ATOM   432  C  CG  . GLN A 1 55  ? -5.889  1.863   20.220  1.00 34.09 ? 59  GLN A CG  1 
ATOM   433  C  CD  . GLN A 1 55  ? -7.045  1.752   21.233  1.00 34.36 ? 59  GLN A CD  1 
ATOM   434  O  OE1 . GLN A 1 55  ? -8.192  1.423   20.881  1.00 35.51 ? 59  GLN A OE1 1 
ATOM   435  N  NE2 . GLN A 1 55  ? -6.740  2.018   22.492  1.00 34.26 ? 59  GLN A NE2 1 
ATOM   436  N  N   . VAL A 1 56  ? -4.552  1.267   16.910  1.00 32.80 ? 60  VAL A N   1 
ATOM   437  C  CA  . VAL A 1 56  ? -4.805  0.336   15.815  1.00 32.78 ? 60  VAL A CA  1 
ATOM   438  C  C   . VAL A 1 56  ? -5.964  -0.598  16.160  1.00 33.39 ? 60  VAL A C   1 
ATOM   439  O  O   . VAL A 1 56  ? -6.919  -0.724  15.399  1.00 33.36 ? 60  VAL A O   1 
ATOM   440  C  CB  . VAL A 1 56  ? -3.535  -0.462  15.463  1.00 32.59 ? 60  VAL A CB  1 
ATOM   441  C  CG1 . VAL A 1 56  ? -3.826  -1.525  14.423  1.00 31.34 ? 60  VAL A CG1 1 
ATOM   442  C  CG2 . VAL A 1 56  ? -2.442  0.490   14.988  1.00 31.56 ? 60  VAL A CG2 1 
ATOM   443  N  N   . HIS A 1 57  ? -5.875  -1.243  17.315  1.00 34.06 ? 61  HIS A N   1 
ATOM   444  C  CA  . HIS A 1 57  ? -6.971  -2.056  17.820  1.00 34.96 ? 61  HIS A CA  1 
ATOM   445  C  C   . HIS A 1 57  ? -6.978  -1.975  19.327  1.00 35.64 ? 61  HIS A C   1 
ATOM   446  O  O   . HIS A 1 57  ? -5.918  -1.863  19.948  1.00 36.04 ? 61  HIS A O   1 
ATOM   447  C  CB  . HIS A 1 57  ? -6.821  -3.516  17.381  1.00 34.71 ? 61  HIS A CB  1 
ATOM   448  C  CG  . HIS A 1 57  ? -8.038  -4.350  17.633  1.00 34.51 ? 61  HIS A CG  1 
ATOM   449  N  ND1 . HIS A 1 57  ? -8.264  -4.999  18.827  1.00 33.59 ? 61  HIS A ND1 1 
ATOM   450  C  CD2 . HIS A 1 57  ? -9.099  -4.643  16.842  1.00 34.28 ? 61  HIS A CD2 1 
ATOM   451  C  CE1 . HIS A 1 57  ? -9.406  -5.658  18.759  1.00 33.14 ? 61  HIS A CE1 1 
ATOM   452  N  NE2 . HIS A 1 57  ? -9.935  -5.456  17.567  1.00 32.11 ? 61  HIS A NE2 1 
ATOM   453  N  N   . LYS A 1 58  ? -8.169  -2.031  19.913  1.00 36.46 ? 62  LYS A N   1 
ATOM   454  C  CA  . LYS A 1 58  ? -8.304  -2.057  21.368  1.00 37.36 ? 62  LYS A CA  1 
ATOM   455  C  C   . LYS A 1 58  ? -7.307  -3.012  22.049  1.00 37.30 ? 62  LYS A C   1 
ATOM   456  O  O   . LYS A 1 58  ? -6.610  -2.615  22.983  1.00 37.43 ? 62  LYS A O   1 
ATOM   457  C  CB  . LYS A 1 58  ? -9.749  -2.381  21.786  1.00 37.59 ? 62  LYS A CB  1 
ATOM   458  C  CG  . LYS A 1 58  ? -10.487 -1.180  22.377  1.00 38.98 ? 62  LYS A CG  1 
ATOM   459  C  CD  . LYS A 1 58  ? -11.665 -1.602  23.249  1.00 40.13 ? 62  LYS A CD  1 
ATOM   460  C  CE  . LYS A 1 58  ? -12.090 -0.468  24.174  1.00 41.57 ? 62  LYS A CE  1 
ATOM   461  N  NZ  . LYS A 1 58  ? -12.615 0.723   23.429  1.00 42.33 ? 62  LYS A NZ  1 
ATOM   462  N  N   . THR A 1 59  ? -7.232  -4.253  21.568  1.00 37.17 ? 63  THR A N   1 
ATOM   463  C  CA  . THR A 1 59  ? -6.426  -5.271  22.238  1.00 37.05 ? 63  THR A CA  1 
ATOM   464  C  C   . THR A 1 59  ? -5.478  -6.047  21.323  1.00 36.65 ? 63  THR A C   1 
ATOM   465  O  O   . THR A 1 59  ? -4.358  -6.372  21.726  1.00 37.20 ? 63  THR A O   1 
ATOM   466  C  CB  . THR A 1 59  ? -7.315  -6.287  22.999  1.00 37.45 ? 63  THR A CB  1 
ATOM   467  O  OG1 . THR A 1 59  ? -8.383  -6.733  22.146  1.00 37.55 ? 63  THR A OG1 1 
ATOM   468  C  CG2 . THR A 1 59  ? -7.881  -5.666  24.288  1.00 37.79 ? 63  THR A CG2 1 
ATOM   469  N  N   . ARG A 1 60  ? -5.924  -6.356  20.109  1.00 35.79 ? 64  ARG A N   1 
ATOM   470  C  CA  . ARG A 1 60  ? -5.145  -7.195  19.200  1.00 35.09 ? 64  ARG A CA  1 
ATOM   471  C  C   . ARG A 1 60  ? -4.856  -6.490  17.867  1.00 34.59 ? 64  ARG A C   1 
ATOM   472  O  O   . ARG A 1 60  ? -5.601  -6.658  16.896  1.00 34.67 ? 64  ARG A O   1 
ATOM   473  C  CB  . ARG A 1 60  ? -5.855  -8.536  18.971  1.00 35.11 ? 64  ARG A CB  1 
ATOM   474  C  CG  . ARG A 1 60  ? -6.046  -9.371  20.244  1.00 35.81 ? 64  ARG A CG  1 
ATOM   475  C  CD  . ARG A 1 60  ? -6.983  -10.570 20.025  1.00 35.05 ? 64  ARG A CD  1 
ATOM   476  N  NE  . ARG A 1 60  ? -6.604  -11.316 18.822  1.00 34.99 ? 64  ARG A NE  1 
ATOM   477  C  CZ  . ARG A 1 60  ? -7.300  -12.310 18.275  1.00 33.92 ? 64  ARG A CZ  1 
ATOM   478  N  NH1 . ARG A 1 60  ? -8.443  -12.733 18.816  1.00 33.31 ? 64  ARG A NH1 1 
ATOM   479  N  NH2 . ARG A 1 60  ? -6.841  -12.881 17.173  1.00 32.54 ? 64  ARG A NH2 1 
ATOM   480  N  N   . PRO A 1 61  ? -3.762  -5.702  17.812  1.00 33.97 ? 65  PRO A N   1 
ATOM   481  C  CA  . PRO A 1 61  ? -3.404  -4.879  16.642  1.00 33.34 ? 65  PRO A CA  1 
ATOM   482  C  C   . PRO A 1 61  ? -3.450  -5.606  15.288  1.00 32.61 ? 65  PRO A C   1 
ATOM   483  O  O   . PRO A 1 61  ? -3.927  -5.044  14.310  1.00 32.26 ? 65  PRO A O   1 
ATOM   484  C  CB  . PRO A 1 61  ? -1.969  -4.453  16.949  1.00 33.23 ? 65  PRO A CB  1 
ATOM   485  C  CG  . PRO A 1 61  ? -1.897  -4.434  18.413  1.00 33.79 ? 65  PRO A CG  1 
ATOM   486  C  CD  . PRO A 1 61  ? -2.775  -5.558  18.897  1.00 33.87 ? 65  PRO A CD  1 
ATOM   487  N  N   . LEU A 1 62  ? -2.970  -6.842  15.238  1.00 32.23 ? 66  LEU A N   1 
ATOM   488  C  CA  . LEU A 1 62  ? -2.945  -7.616  13.982  1.00 32.05 ? 66  LEU A CA  1 
ATOM   489  C  C   . LEU A 1 62  ? -4.315  -7.798  13.320  1.00 31.84 ? 66  LEU A C   1 
ATOM   490  O  O   . LEU A 1 62  ? -4.400  -8.097  12.127  1.00 32.02 ? 66  LEU A O   1 
ATOM   491  C  CB  . LEU A 1 62  ? -2.258  -8.979  14.178  1.00 31.80 ? 66  LEU A CB  1 
ATOM   492  C  CG  . LEU A 1 62  ? -0.814  -8.936  14.686  1.00 31.00 ? 66  LEU A CG  1 
ATOM   493  C  CD1 . LEU A 1 62  ? -0.265  -10.337 14.777  1.00 31.80 ? 66  LEU A CD1 1 
ATOM   494  C  CD2 . LEU A 1 62  ? 0.040   -8.101  13.787  1.00 29.74 ? 66  LEU A CD2 1 
ATOM   495  N  N   . LEU A 1 63  ? -5.378  -7.607  14.092  1.00 31.60 ? 67  LEU A N   1 
ATOM   496  C  CA  . LEU A 1 63  ? -6.733  -7.678  13.552  1.00 31.31 ? 67  LEU A CA  1 
ATOM   497  C  C   . LEU A 1 63  ? -7.030  -6.534  12.580  1.00 30.92 ? 67  LEU A C   1 
ATOM   498  O  O   . LEU A 1 63  ? -7.792  -6.713  11.625  1.00 31.34 ? 67  LEU A O   1 
ATOM   499  C  CB  . LEU A 1 63  ? -7.767  -7.714  14.692  1.00 31.39 ? 67  LEU A CB  1 
ATOM   500  C  CG  . LEU A 1 63  ? -8.501  -9.005  15.110  1.00 30.98 ? 67  LEU A CG  1 
ATOM   501  C  CD1 . LEU A 1 63  ? -7.819  -10.318 14.692  1.00 31.24 ? 67  LEU A CD1 1 
ATOM   502  C  CD2 . LEU A 1 63  ? -8.761  -8.986  16.600  1.00 29.54 ? 67  LEU A CD2 1 
ATOM   503  N  N   . ASN A 1 64  ? -6.420  -5.372  12.815  1.00 30.01 ? 68  ASN A N   1 
ATOM   504  C  CA  . ASN A 1 64  ? -6.662  -4.200  11.976  1.00 29.20 ? 68  ASN A CA  1 
ATOM   505  C  C   . ASN A 1 64  ? -5.536  -3.806  10.994  1.00 28.69 ? 68  ASN A C   1 
ATOM   506  O  O   . ASN A 1 64  ? -5.357  -2.625  10.671  1.00 28.61 ? 68  ASN A O   1 
ATOM   507  C  CB  . ASN A 1 64  ? -7.073  -3.021  12.846  1.00 28.98 ? 68  ASN A CB  1 
ATOM   508  C  CG  . ASN A 1 64  ? -8.515  -3.106  13.276  1.00 29.27 ? 68  ASN A CG  1 
ATOM   509  O  OD1 . ASN A 1 64  ? -9.284  -3.910  12.742  1.00 28.97 ? 68  ASN A OD1 1 
ATOM   510  N  ND2 . ASN A 1 64  ? -8.897  -2.283  14.248  1.00 28.58 ? 68  ASN A ND2 1 
ATOM   511  N  N   . ILE A 1 65  ? -4.786  -4.795  10.531  1.00 27.76 ? 69  ILE A N   1 
ATOM   512  C  CA  . ILE A 1 65  ? -3.862  -4.581  9.433   1.00 27.64 ? 69  ILE A CA  1 
ATOM   513  C  C   . ILE A 1 65  ? -4.231  -5.475  8.255   1.00 27.74 ? 69  ILE A C   1 
ATOM   514  O  O   . ILE A 1 65  ? -4.803  -6.548  8.428   1.00 26.98 ? 69  ILE A O   1 
ATOM   515  C  CB  . ILE A 1 65  ? -2.360  -4.758  9.841   1.00 27.76 ? 69  ILE A CB  1 
ATOM   516  C  CG1 . ILE A 1 65  ? -2.022  -6.217  10.161  1.00 26.92 ? 69  ILE A CG1 1 
ATOM   517  C  CG2 . ILE A 1 65  ? -2.000  -3.842  11.005  1.00 27.45 ? 69  ILE A CG2 1 
ATOM   518  C  CD1 . ILE A 1 65  ? -0.545  -6.447  10.436  1.00 27.92 ? 69  ILE A CD1 1 
ATOM   519  N  N   . ARG A 1 66  ? -3.917  -5.010  7.053   1.00 28.67 ? 70  ARG A N   1 
ATOM   520  C  CA  . ARG A 1 66  ? -4.169  -5.776  5.841   1.00 29.73 ? 70  ARG A CA  1 
ATOM   521  C  C   . ARG A 1 66  ? -2.986  -5.721  4.887   1.00 29.51 ? 70  ARG A C   1 
ATOM   522  O  O   . ARG A 1 66  ? -2.334  -4.697  4.798   1.00 28.53 ? 70  ARG A O   1 
ATOM   523  C  CB  . ARG A 1 66  ? -5.403  -5.211  5.121   1.00 30.24 ? 70  ARG A CB  1 
ATOM   524  C  CG  . ARG A 1 66  ? -6.713  -5.295  5.892   1.00 32.44 ? 70  ARG A CG  1 
ATOM   525  C  CD  . ARG A 1 66  ? -7.282  -6.721  5.936   1.00 35.98 ? 70  ARG A CD  1 
ATOM   526  N  NE  . ARG A 1 66  ? -8.541  -6.762  6.691   1.00 38.33 ? 70  ARG A NE  1 
ATOM   527  C  CZ  . ARG A 1 66  ? -8.635  -6.747  8.020   1.00 38.50 ? 70  ARG A CZ  1 
ATOM   528  N  NH1 . ARG A 1 66  ? -7.545  -6.701  8.782   1.00 38.23 ? 70  ARG A NH1 1 
ATOM   529  N  NH2 . ARG A 1 66  ? -9.828  -6.774  8.593   1.00 38.41 ? 70  ARG A NH2 1 
ATOM   530  N  N   . SER A 1 67  ? -2.737  -6.816  4.163   1.00 30.50 ? 71  SER A N   1 
ATOM   531  C  CA  . SER A 1 67  ? -1.818  -6.800  3.013   1.00 31.71 ? 71  SER A CA  1 
ATOM   532  C  C   . SER A 1 67  ? -2.332  -5.817  1.964   1.00 32.05 ? 71  SER A C   1 
ATOM   533  O  O   . SER A 1 67  ? -3.507  -5.882  1.576   1.00 32.73 ? 71  SER A O   1 
ATOM   534  C  CB  . SER A 1 67  ? -1.727  -8.177  2.361   1.00 31.51 ? 71  SER A CB  1 
ATOM   535  O  OG  . SER A 1 67  ? -0.926  -9.062  3.115   1.00 33.85 ? 71  SER A OG  1 
ATOM   536  N  N   . ASP A 1 68  ? -1.473  -4.909  1.509   1.00 32.30 ? 72  ASP A N   1 
ATOM   537  C  CA  . ASP A 1 68  ? -1.866  -3.956  0.469   1.00 32.70 ? 72  ASP A CA  1 
ATOM   538  C  C   . ASP A 1 68  ? -1.296  -4.366  -0.898  1.00 32.88 ? 72  ASP A C   1 
ATOM   539  O  O   . ASP A 1 68  ? -0.330  -3.775  -1.382  1.00 32.86 ? 72  ASP A O   1 
ATOM   540  C  CB  . ASP A 1 68  ? -1.467  -2.520  0.850   1.00 32.62 ? 72  ASP A CB  1 
ATOM   541  C  CG  . ASP A 1 68  ? -2.391  -1.442  0.214   1.00 34.04 ? 72  ASP A CG  1 
ATOM   542  O  OD1 . ASP A 1 68  ? -2.742  -1.537  -0.995  1.00 33.25 ? 72  ASP A OD1 1 
ATOM   543  O  OD2 . ASP A 1 68  ? -2.754  -0.478  0.937   1.00 34.56 ? 72  ASP A OD2 1 
ATOM   544  N  N   . LYS A 1 69  ? -1.905  -5.394  -1.496  1.00 33.28 ? 73  LYS A N   1 
ATOM   545  C  CA  . LYS A 1 69  ? -1.591  -5.873  -2.853  1.00 33.62 ? 73  LYS A CA  1 
ATOM   546  C  C   . LYS A 1 69  ? -1.371  -4.727  -3.866  1.00 33.45 ? 73  LYS A C   1 
ATOM   547  O  O   . LYS A 1 69  ? -0.343  -4.685  -4.556  1.00 33.64 ? 73  LYS A O   1 
ATOM   548  C  CB  . LYS A 1 69  ? -2.697  -6.823  -3.328  1.00 33.87 ? 73  LYS A CB  1 
ATOM   549  C  CG  . LYS A 1 69  ? -2.688  -7.184  -4.812  1.00 35.98 ? 73  LYS A CG  1 
ATOM   550  C  CD  . LYS A 1 69  ? -1.847  -8.428  -5.071  1.00 39.44 ? 73  LYS A CD  1 
ATOM   551  C  CE  . LYS A 1 69  ? -1.651  -8.676  -6.563  1.00 41.18 ? 73  LYS A CE  1 
ATOM   552  N  NZ  . LYS A 1 69  ? -0.442  -9.518  -6.782  1.00 41.63 ? 73  LYS A NZ  1 
ATOM   553  N  N   . THR A 1 70  ? -2.328  -3.803  -3.935  1.00 32.97 ? 74  THR A N   1 
ATOM   554  C  CA  . THR A 1 70  ? -2.277  -2.668  -4.865  1.00 32.64 ? 74  THR A CA  1 
ATOM   555  C  C   . THR A 1 70  ? -1.038  -1.782  -4.652  1.00 32.52 ? 74  THR A C   1 
ATOM   556  O  O   . THR A 1 70  ? -0.305  -1.496  -5.605  1.00 32.75 ? 74  THR A O   1 
ATOM   557  C  CB  . THR A 1 70  ? -3.559  -1.819  -4.773  1.00 32.28 ? 74  THR A CB  1 
ATOM   558  O  OG1 . THR A 1 70  ? -4.674  -2.613  -5.183  1.00 32.79 ? 74  THR A OG1 1 
ATOM   559  C  CG2 . THR A 1 70  ? -3.475  -0.613  -5.675  1.00 32.19 ? 74  THR A CG2 1 
ATOM   560  N  N   . LEU A 1 71  ? -0.812  -1.359  -3.411  1.00 31.78 ? 75  LEU A N   1 
ATOM   561  C  CA  . LEU A 1 71  ? 0.339   -0.523  -3.095  1.00 31.31 ? 75  LEU A CA  1 
ATOM   562  C  C   . LEU A 1 71  ? 1.643   -1.223  -3.453  1.00 30.92 ? 75  LEU A C   1 
ATOM   563  O  O   . LEU A 1 71  ? 2.505   -0.616  -4.076  1.00 30.94 ? 75  LEU A O   1 
ATOM   564  C  CB  . LEU A 1 71  ? 0.336   -0.075  -1.625  1.00 31.16 ? 75  LEU A CB  1 
ATOM   565  C  CG  . LEU A 1 71  ? 1.580   0.690   -1.149  1.00 31.23 ? 75  LEU A CG  1 
ATOM   566  C  CD1 . LEU A 1 71  ? 1.822   1.935   -1.993  1.00 31.12 ? 75  LEU A CD1 1 
ATOM   567  C  CD2 . LEU A 1 71  ? 1.463   1.068   0.306   1.00 31.21 ? 75  LEU A CD2 1 
ATOM   568  N  N   . GLN A 1 72  ? 1.785   -2.493  -3.075  1.00 30.93 ? 76  GLN A N   1 
ATOM   569  C  CA  . GLN A 1 72  ? 2.991   -3.251  -3.421  1.00 30.73 ? 76  GLN A CA  1 
ATOM   570  C  C   . GLN A 1 72  ? 3.167   -3.403  -4.929  1.00 31.38 ? 76  GLN A C   1 
ATOM   571  O  O   . GLN A 1 72  ? 4.299   -3.381  -5.403  1.00 31.53 ? 76  GLN A O   1 
ATOM   572  C  CB  . GLN A 1 72  ? 3.037   -4.617  -2.736  1.00 30.25 ? 76  GLN A CB  1 
ATOM   573  C  CG  . GLN A 1 72  ? 4.414   -5.285  -2.800  1.00 29.22 ? 76  GLN A CG  1 
ATOM   574  C  CD  . GLN A 1 72  ? 5.533   -4.409  -2.204  1.00 30.18 ? 76  GLN A CD  1 
ATOM   575  O  OE1 . GLN A 1 72  ? 6.500   -4.061  -2.883  1.00 30.11 ? 76  GLN A OE1 1 
ATOM   576  N  NE2 . GLN A 1 72  ? 5.390   -4.050  -0.933  1.00 28.49 ? 76  GLN A NE2 1 
ATOM   577  N  N   . ASP A 1 73  ? 2.064   -3.546  -5.667  1.00 32.04 ? 77  ASP A N   1 
ATOM   578  C  CA  . ASP A 1 73  ? 2.090   -3.599  -7.135  1.00 33.11 ? 77  ASP A CA  1 
ATOM   579  C  C   . ASP A 1 73  ? 2.697   -2.348  -7.760  1.00 32.87 ? 77  ASP A C   1 
ATOM   580  O  O   . ASP A 1 73  ? 3.563   -2.443  -8.627  1.00 33.19 ? 77  ASP A O   1 
ATOM   581  C  CB  . ASP A 1 73  ? 0.684   -3.812  -7.700  1.00 33.90 ? 77  ASP A CB  1 
ATOM   582  C  CG  . ASP A 1 73  ? 0.267   -5.275  -7.702  1.00 36.88 ? 77  ASP A CG  1 
ATOM   583  O  OD1 . ASP A 1 73  ? 1.119   -6.118  -7.318  1.00 39.60 ? 77  ASP A OD1 1 
ATOM   584  O  OD2 . ASP A 1 73  ? -0.902  -5.576  -8.085  1.00 39.25 ? 77  ASP A OD2 1 
ATOM   585  N  N   . ILE A 1 74  ? 2.229   -1.185  -7.311  1.00 32.38 ? 78  ILE A N   1 
ATOM   586  C  CA  . ILE A 1 74  ? 2.746   0.114   -7.738  1.00 31.83 ? 78  ILE A CA  1 
ATOM   587  C  C   . ILE A 1 74  ? 4.260   0.258   -7.493  1.00 31.17 ? 78  ILE A C   1 
ATOM   588  O  O   . ILE A 1 74  ? 5.017   0.602   -8.412  1.00 30.51 ? 78  ILE A O   1 
ATOM   589  C  CB  . ILE A 1 74  ? 2.001   1.232   -6.996  1.00 31.86 ? 78  ILE A CB  1 
ATOM   590  C  CG1 . ILE A 1 74  ? 0.557   1.298   -7.457  1.00 33.04 ? 78  ILE A CG1 1 
ATOM   591  C  CG2 . ILE A 1 74  ? 2.663   2.575   -7.205  1.00 32.84 ? 78  ILE A CG2 1 
ATOM   592  C  CD1 . ILE A 1 74  ? -0.258  2.316   -6.685  1.00 34.23 ? 78  ILE A CD1 1 
ATOM   593  N  N   . VAL A 1 75  ? 4.675   0.014   -6.249  1.00 30.58 ? 79  VAL A N   1 
ATOM   594  C  CA  . VAL A 1 75  ? 6.082   0.069   -5.833  1.00 29.78 ? 79  VAL A CA  1 
ATOM   595  C  C   . VAL A 1 75  ? 6.978   -0.794  -6.731  1.00 30.16 ? 79  VAL A C   1 
ATOM   596  O  O   . VAL A 1 75  ? 7.962   -0.307  -7.288  1.00 30.17 ? 79  VAL A O   1 
ATOM   597  C  CB  . VAL A 1 75  ? 6.226   -0.360  -4.375  1.00 29.56 ? 79  VAL A CB  1 
ATOM   598  C  CG1 . VAL A 1 75  ? 7.672   -0.319  -3.943  1.00 28.57 ? 79  VAL A CG1 1 
ATOM   599  C  CG2 . VAL A 1 75  ? 5.373   0.533   -3.487  1.00 28.11 ? 79  VAL A CG2 1 
ATOM   600  N  N   . TYR A 1 76  ? 6.617   -2.060  -6.902  1.00 30.49 ? 80  TYR A N   1 
ATOM   601  C  CA  . TYR A 1 76  ? 7.343   -2.938  -7.809  1.00 31.05 ? 80  TYR A CA  1 
ATOM   602  C  C   . TYR A 1 76  ? 7.357   -2.447  -9.248  1.00 31.76 ? 80  TYR A C   1 
ATOM   603  O  O   . TYR A 1 76  ? 8.347   -2.644  -9.957  1.00 32.28 ? 80  TYR A O   1 
ATOM   604  C  CB  . TYR A 1 76  ? 6.787   -4.356  -7.762  1.00 30.95 ? 80  TYR A CB  1 
ATOM   605  C  CG  . TYR A 1 76  ? 7.252   -5.155  -6.573  1.00 30.91 ? 80  TYR A CG  1 
ATOM   606  C  CD1 . TYR A 1 76  ? 8.490   -4.905  -5.985  1.00 30.73 ? 80  TYR A CD1 1 
ATOM   607  C  CD2 . TYR A 1 76  ? 6.473   -6.185  -6.053  1.00 30.79 ? 80  TYR A CD2 1 
ATOM   608  C  CE1 . TYR A 1 76  ? 8.935   -5.636  -4.901  1.00 30.38 ? 80  TYR A CE1 1 
ATOM   609  C  CE2 . TYR A 1 76  ? 6.917   -6.937  -4.960  1.00 31.77 ? 80  TYR A CE2 1 
ATOM   610  C  CZ  . TYR A 1 76  ? 8.151   -6.643  -4.390  1.00 31.71 ? 80  TYR A CZ  1 
ATOM   611  O  OH  . TYR A 1 76  ? 8.613   -7.368  -3.311  1.00 33.47 ? 80  TYR A OH  1 
ATOM   612  N  N   . LYS A 1 77  ? 6.265   -1.821  -9.683  1.00 32.24 ? 81  LYS A N   1 
ATOM   613  C  CA  . LYS A 1 77  ? 6.146   -1.346  -11.067 1.00 32.86 ? 81  LYS A CA  1 
ATOM   614  C  C   . LYS A 1 77  ? 6.916   -0.059  -11.287 1.00 32.51 ? 81  LYS A C   1 
ATOM   615  O  O   . LYS A 1 77  ? 7.434   0.165   -12.373 1.00 32.66 ? 81  LYS A O   1 
ATOM   616  C  CB  . LYS A 1 77  ? 4.681   -1.149  -11.483 1.00 32.70 ? 81  LYS A CB  1 
ATOM   617  C  CG  . LYS A 1 77  ? 4.067   -2.351  -12.197 1.00 34.00 ? 81  LYS A CG  1 
ATOM   618  C  CD  . LYS A 1 77  ? 2.531   -2.289  -12.194 1.00 34.00 ? 81  LYS A CD  1 
ATOM   619  C  CE  . LYS A 1 77  ? 1.935   -3.375  -13.087 1.00 36.23 ? 81  LYS A CE  1 
ATOM   620  N  NZ  . LYS A 1 77  ? 0.522   -3.082  -13.491 1.00 36.77 ? 81  LYS A NZ  1 
ATOM   621  N  N   . LEU A 1 78  ? 6.986   0.783   -10.258 1.00 32.28 ? 82  LEU A N   1 
ATOM   622  C  CA  . LEU A 1 78  ? 7.615   2.093   -10.396 1.00 31.83 ? 82  LEU A CA  1 
ATOM   623  C  C   . LEU A 1 78  ? 9.093   2.065   -10.107 1.00 31.85 ? 82  LEU A C   1 
ATOM   624  O  O   . LEU A 1 78  ? 9.852   2.756   -10.777 1.00 32.61 ? 82  LEU A O   1 
ATOM   625  C  CB  . LEU A 1 78  ? 6.951   3.145   -9.504  1.00 31.67 ? 82  LEU A CB  1 
ATOM   626  C  CG  . LEU A 1 78  ? 5.558   3.626   -9.891  1.00 31.07 ? 82  LEU A CG  1 
ATOM   627  C  CD1 . LEU A 1 78  ? 5.055   4.585   -8.840  1.00 31.87 ? 82  LEU A CD1 1 
ATOM   628  C  CD2 . LEU A 1 78  ? 5.573   4.288   -11.240 1.00 31.42 ? 82  LEU A CD2 1 
ATOM   629  N  N   . VAL A 1 79  ? 9.502   1.296   -9.101  1.00 31.49 ? 83  VAL A N   1 
ATOM   630  C  CA  . VAL A 1 79  ? 10.909  1.264   -8.706  1.00 30.91 ? 83  VAL A CA  1 
ATOM   631  C  C   . VAL A 1 79  ? 11.672  0.223   -9.524  1.00 30.93 ? 83  VAL A C   1 
ATOM   632  O  O   . VAL A 1 79  ? 11.590  -0.981  -9.241  1.00 31.38 ? 83  VAL A O   1 
ATOM   633  C  CB  . VAL A 1 79  ? 11.098  1.011   -7.193  1.00 30.52 ? 83  VAL A CB  1 
ATOM   634  C  CG1 . VAL A 1 79  ? 12.560  1.181   -6.814  1.00 30.49 ? 83  VAL A CG1 1 
ATOM   635  C  CG2 . VAL A 1 79  ? 10.241  1.956   -6.377  1.00 29.90 ? 83  VAL A CG2 1 
ATOM   636  N  N   . PRO A 1 80  ? 12.430  0.679   -10.534 1.00 30.56 ? 84  PRO A N   1 
ATOM   637  C  CA  . PRO A 1 80  ? 13.152  -0.273  -11.380 1.00 30.48 ? 84  PRO A CA  1 
ATOM   638  C  C   . PRO A 1 80  ? 14.208  -1.067  -10.590 1.00 29.95 ? 84  PRO A C   1 
ATOM   639  O  O   . PRO A 1 80  ? 14.831  -0.526  -9.675  1.00 30.21 ? 84  PRO A O   1 
ATOM   640  C  CB  . PRO A 1 80  ? 13.820  0.626   -12.428 1.00 30.41 ? 84  PRO A CB  1 
ATOM   641  C  CG  . PRO A 1 80  ? 13.907  1.960   -11.785 1.00 30.34 ? 84  PRO A CG  1 
ATOM   642  C  CD  . PRO A 1 80  ? 12.689  2.074   -10.931 1.00 30.72 ? 84  PRO A CD  1 
ATOM   643  N  N   . GLY A 1 81  ? 14.377  -2.343  -10.944 1.00 29.16 ? 85  GLY A N   1 
ATOM   644  C  CA  . GLY A 1 81  ? 15.297  -3.247  -10.258 1.00 27.80 ? 85  GLY A CA  1 
ATOM   645  C  C   . GLY A 1 81  ? 14.877  -3.734  -8.877  1.00 26.97 ? 85  GLY A C   1 
ATOM   646  O  O   . GLY A 1 81  ? 15.509  -4.637  -8.328  1.00 26.96 ? 85  GLY A O   1 
ATOM   647  N  N   . LEU A 1 82  ? 13.824  -3.153  -8.308  1.00 26.09 ? 86  LEU A N   1 
ATOM   648  C  CA  . LEU A 1 82  ? 13.432  -3.486  -6.937  1.00 25.46 ? 86  LEU A CA  1 
ATOM   649  C  C   . LEU A 1 82  ? 12.962  -4.939  -6.796  1.00 25.14 ? 86  LEU A C   1 
ATOM   650  O  O   . LEU A 1 82  ? 13.440  -5.673  -5.935  1.00 24.55 ? 86  LEU A O   1 
ATOM   651  C  CB  . LEU A 1 82  ? 12.353  -2.530  -6.420  1.00 25.39 ? 86  LEU A CB  1 
ATOM   652  C  CG  . LEU A 1 82  ? 11.836  -2.845  -5.008  1.00 25.98 ? 86  LEU A CG  1 
ATOM   653  C  CD1 . LEU A 1 82  ? 12.969  -2.849  -3.957  1.00 25.49 ? 86  LEU A CD1 1 
ATOM   654  C  CD2 . LEU A 1 82  ? 10.694  -1.928  -4.582  1.00 24.94 ? 86  LEU A CD2 1 
ATOM   655  N  N   . PHE A 1 83  ? 12.015  -5.336  -7.642  1.00 24.99 ? 87  PHE A N   1 
ATOM   656  C  CA  . PHE A 1 83  ? 11.496  -6.692  -7.635  1.00 24.53 ? 87  PHE A CA  1 
ATOM   657  C  C   . PHE A 1 83  ? 12.592  -7.730  -7.889  1.00 24.51 ? 87  PHE A C   1 
ATOM   658  O  O   . PHE A 1 83  ? 12.712  -8.715  -7.159  1.00 24.84 ? 87  PHE A O   1 
ATOM   659  C  CB  . PHE A 1 83  ? 10.361  -6.834  -8.659  1.00 24.17 ? 87  PHE A CB  1 
ATOM   660  C  CG  . PHE A 1 83  ? 9.761   -8.221  -8.713  1.00 23.93 ? 87  PHE A CG  1 
ATOM   661  C  CD1 . PHE A 1 83  ? 8.968   -8.691  -7.679  1.00 23.46 ? 87  PHE A CD1 1 
ATOM   662  C  CD2 . PHE A 1 83  ? 10.000  -9.053  -9.800  1.00 23.57 ? 87  PHE A CD2 1 
ATOM   663  C  CE1 . PHE A 1 83  ? 8.418   -9.967  -7.734  1.00 24.49 ? 87  PHE A CE1 1 
ATOM   664  C  CE2 . PHE A 1 83  ? 9.445   -10.325 -9.868  1.00 22.87 ? 87  PHE A CE2 1 
ATOM   665  C  CZ  . PHE A 1 83  ? 8.656   -10.783 -8.837  1.00 23.44 ? 87  PHE A CZ  1 
ATOM   666  N  N   . LYS A 1 84  ? 13.387  -7.531  -8.928  1.00 24.38 ? 88  LYS A N   1 
ATOM   667  C  CA  . LYS A 1 84  ? 14.451  -8.491  -9.212  1.00 24.79 ? 88  LYS A CA  1 
ATOM   668  C  C   . LYS A 1 84  ? 15.381  -8.616  -8.003  1.00 24.15 ? 88  LYS A C   1 
ATOM   669  O  O   . LYS A 1 84  ? 15.846  -9.707  -7.671  1.00 24.20 ? 88  LYS A O   1 
ATOM   670  C  CB  . LYS A 1 84  ? 15.246  -8.091  -10.468 1.00 24.73 ? 88  LYS A CB  1 
ATOM   671  C  CG  . LYS A 1 84  ? 14.449  -8.122  -11.742 1.00 26.16 ? 88  LYS A CG  1 
ATOM   672  C  CD  . LYS A 1 84  ? 15.315  -7.713  -12.931 1.00 29.87 ? 88  LYS A CD  1 
ATOM   673  C  CE  . LYS A 1 84  ? 14.590  -7.926  -14.252 1.00 30.33 ? 88  LYS A CE  1 
ATOM   674  N  NZ  . LYS A 1 84  ? 13.339  -7.102  -14.333 1.00 32.54 ? 88  LYS A NZ  1 
ATOM   675  N  N   . ASN A 1 85  ? 15.634  -7.491  -7.349  1.00 23.72 ? 89  ASN A N   1 
ATOM   676  C  CA  . ASN A 1 85  ? 16.513  -7.457  -6.202  1.00 23.66 ? 89  ASN A CA  1 
ATOM   677  C  C   . ASN A 1 85  ? 15.995  -8.243  -5.001  1.00 23.91 ? 89  ASN A C   1 
ATOM   678  O  O   . ASN A 1 85  ? 16.756  -9.023  -4.424  1.00 23.80 ? 89  ASN A O   1 
ATOM   679  C  CB  . ASN A 1 85  ? 16.834  -6.019  -5.806  1.00 23.36 ? 89  ASN A CB  1 
ATOM   680  C  CG  . ASN A 1 85  ? 17.927  -5.941  -4.757  1.00 23.32 ? 89  ASN A CG  1 
ATOM   681  O  OD1 . ASN A 1 85  ? 17.766  -6.420  -3.632  1.00 23.25 ? 89  ASN A OD1 1 
ATOM   682  N  ND2 . ASN A 1 85  ? 19.036  -5.329  -5.114  1.00 20.68 ? 89  ASN A ND2 1 
ATOM   683  N  N   . GLU A 1 86  ? 14.729  -8.047  -4.625  1.00 24.23 ? 90  GLU A N   1 
ATOM   684  C  CA  . GLU A 1 86  ? 14.143  -8.786  -3.494  1.00 25.52 ? 90  GLU A CA  1 
ATOM   685  C  C   . GLU A 1 86  ? 14.122  -10.289 -3.715  1.00 25.48 ? 90  GLU A C   1 
ATOM   686  O  O   . GLU A 1 86  ? 14.420  -11.060 -2.796  1.00 24.60 ? 90  GLU A O   1 
ATOM   687  C  CB  . GLU A 1 86  ? 12.713  -8.332  -3.175  1.00 25.74 ? 90  GLU A CB  1 
ATOM   688  C  CG  . GLU A 1 86  ? 12.561  -7.607  -1.851  1.00 29.94 ? 90  GLU A CG  1 
ATOM   689  C  CD  . GLU A 1 86  ? 13.271  -8.269  -0.644  1.00 33.32 ? 90  GLU A CD  1 
ATOM   690  O  OE1 . GLU A 1 86  ? 12.824  -9.334  -0.145  1.00 31.89 ? 90  GLU A OE1 1 
ATOM   691  O  OE2 . GLU A 1 86  ? 14.273  -7.684  -0.171  1.00 35.88 ? 90  GLU A OE2 1 
ATOM   692  N  N   . MET A 1 87  ? 13.743  -10.696 -4.929  1.00 25.90 ? 91  MET A N   1 
ATOM   693  C  CA  . MET A 1 87  ? 13.685  -12.112 -5.272  1.00 26.93 ? 91  MET A CA  1 
ATOM   694  C  C   . MET A 1 87  ? 15.070  -12.739 -5.150  1.00 27.06 ? 91  MET A C   1 
ATOM   695  O  O   . MET A 1 87  ? 15.205  -13.869 -4.673  1.00 27.09 ? 91  MET A O   1 
ATOM   696  C  CB  . MET A 1 87  ? 13.104  -12.315 -6.685  1.00 27.17 ? 91  MET A CB  1 
ATOM   697  C  CG  . MET A 1 87  ? 11.630  -11.922 -6.833  1.00 28.14 ? 91  MET A CG  1 
ATOM   698  S  SD  . MET A 1 87  ? 10.537  -12.609 -5.532  1.00 33.44 ? 91  MET A SD  1 
ATOM   699  C  CE  . MET A 1 87  ? 10.313  -11.227 -4.414  1.00 32.03 ? 91  MET A CE  1 
ATOM   700  N  N   . LYS A 1 88  ? 16.089  -11.985 -5.563  1.00 27.16 ? 92  LYS A N   1 
ATOM   701  C  CA  . LYS A 1 88  ? 17.463  -12.444 -5.511  1.00 27.70 ? 92  LYS A CA  1 
ATOM   702  C  C   . LYS A 1 88  ? 17.939  -12.603 -4.078  1.00 27.70 ? 92  LYS A C   1 
ATOM   703  O  O   . LYS A 1 88  ? 18.606  -13.598 -3.753  1.00 27.97 ? 92  LYS A O   1 
ATOM   704  C  CB  . LYS A 1 88  ? 18.382  -11.471 -6.241  1.00 28.22 ? 92  LYS A CB  1 
ATOM   705  C  CG  . LYS A 1 88  ? 19.810  -11.977 -6.388  1.00 30.26 ? 92  LYS A CG  1 
ATOM   706  C  CD  . LYS A 1 88  ? 20.731  -10.900 -6.966  1.00 34.00 ? 92  LYS A CD  1 
ATOM   707  C  CE  . LYS A 1 88  ? 22.042  -11.497 -7.510  1.00 34.85 ? 92  LYS A CE  1 
ATOM   708  N  NZ  . LYS A 1 88  ? 22.916  -12.000 -6.419  1.00 35.82 ? 92  LYS A NZ  1 
ATOM   709  N  N   . ARG A 1 89  ? 17.608  -11.631 -3.226  1.00 27.00 ? 93  ARG A N   1 
ATOM   710  C  CA  . ARG A 1 89  ? 18.015  -11.668 -1.818  1.00 26.52 ? 93  ARG A CA  1 
ATOM   711  C  C   . ARG A 1 89  ? 17.468  -12.912 -1.147  1.00 26.99 ? 93  ARG A C   1 
ATOM   712  O  O   . ARG A 1 89  ? 18.168  -13.548 -0.366  1.00 26.80 ? 93  ARG A O   1 
ATOM   713  C  CB  . ARG A 1 89  ? 17.532  -10.434 -1.059  1.00 26.07 ? 93  ARG A CB  1 
ATOM   714  C  CG  . ARG A 1 89  ? 18.218  -9.142  -1.416  1.00 23.86 ? 93  ARG A CG  1 
ATOM   715  C  CD  . ARG A 1 89  ? 17.839  -8.102  -0.397  1.00 23.44 ? 93  ARG A CD  1 
ATOM   716  N  NE  . ARG A 1 89  ? 18.327  -6.777  -0.747  1.00 23.25 ? 93  ARG A NE  1 
ATOM   717  C  CZ  . ARG A 1 89  ? 18.192  -5.711  0.034   1.00 23.43 ? 93  ARG A CZ  1 
ATOM   718  N  NH1 . ARG A 1 89  ? 17.588  -5.822  1.222   1.00 22.48 ? 93  ARG A NH1 1 
ATOM   719  N  NH2 . ARG A 1 89  ? 18.659  -4.535  -0.367  1.00 22.83 ? 93  ARG A NH2 1 
ATOM   720  N  N   . ARG A 1 90  ? 16.216  -13.244 -1.463  1.00 27.20 ? 94  ARG A N   1 
ATOM   721  C  CA  . ARG A 1 90  ? 15.565  -14.435 -0.937  1.00 28.03 ? 94  ARG A CA  1 
ATOM   722  C  C   . ARG A 1 90  ? 16.198  -15.713 -1.466  1.00 28.57 ? 94  ARG A C   1 
ATOM   723  O  O   . ARG A 1 90  ? 16.337  -16.691 -0.740  1.00 28.97 ? 94  ARG A O   1 
ATOM   724  C  CB  . ARG A 1 90  ? 14.074  -14.416 -1.281  1.00 27.85 ? 94  ARG A CB  1 
ATOM   725  C  CG  . ARG A 1 90  ? 13.324  -13.327 -0.559  1.00 28.34 ? 94  ARG A CG  1 
ATOM   726  C  CD  . ARG A 1 90  ? 11.913  -13.199 -1.065  1.00 28.83 ? 94  ARG A CD  1 
ATOM   727  N  NE  . ARG A 1 90  ? 11.346  -11.948 -0.592  1.00 30.42 ? 94  ARG A NE  1 
ATOM   728  C  CZ  . ARG A 1 90  ? 10.049  -11.683 -0.510  1.00 31.79 ? 94  ARG A CZ  1 
ATOM   729  N  NH1 . ARG A 1 90  ? 9.154   -12.601 -0.876  1.00 32.07 ? 94  ARG A NH1 1 
ATOM   730  N  NH2 . ARG A 1 90  ? 9.648   -10.496 -0.050  1.00 30.54 ? 94  ARG A NH2 1 
ATOM   731  N  N   . ARG A 1 91  ? 16.560  -15.701 -2.742  1.00 29.23 ? 95  ARG A N   1 
ATOM   732  C  CA  . ARG A 1 91  ? 17.218  -16.822 -3.384  1.00 30.27 ? 95  ARG A CA  1 
ATOM   733  C  C   . ARG A 1 91  ? 18.566  -17.042 -2.674  1.00 31.54 ? 95  ARG A C   1 
ATOM   734  O  O   . ARG A 1 91  ? 18.901  -18.154 -2.287  1.00 32.16 ? 95  ARG A O   1 
ATOM   735  C  CB  . ARG A 1 91  ? 17.421  -16.470 -4.854  1.00 29.90 ? 95  ARG A CB  1 
ATOM   736  C  CG  . ARG A 1 91  ? 17.205  -17.545 -5.867  1.00 28.56 ? 95  ARG A CG  1 
ATOM   737  C  CD  . ARG A 1 91  ? 17.394  -16.928 -7.257  1.00 26.37 ? 95  ARG A CD  1 
ATOM   738  N  NE  . ARG A 1 91  ? 16.257  -16.076 -7.567  1.00 26.17 ? 95  ARG A NE  1 
ATOM   739  C  CZ  . ARG A 1 91  ? 16.266  -15.010 -8.361  1.00 24.08 ? 95  ARG A CZ  1 
ATOM   740  N  NH1 . ARG A 1 91  ? 17.372  -14.598 -8.952  1.00 21.36 ? 95  ARG A NH1 1 
ATOM   741  N  NH2 . ARG A 1 91  ? 15.137  -14.337 -8.537  1.00 23.77 ? 95  ARG A NH2 1 
ATOM   742  N  N   . ASP A 1 92  ? 19.323  -15.965 -2.484  1.00 32.75 ? 96  ASP A N   1 
ATOM   743  C  CA  . ASP A 1 92  ? 20.613  -16.023 -1.802  1.00 34.32 ? 96  ASP A CA  1 
ATOM   744  C  C   . ASP A 1 92  ? 20.517  -16.511 -0.348  1.00 35.00 ? 96  ASP A C   1 
ATOM   745  O  O   . ASP A 1 92  ? 21.419  -17.210 0.129   1.00 35.44 ? 96  ASP A O   1 
ATOM   746  C  CB  . ASP A 1 92  ? 21.318  -14.662 -1.868  1.00 34.41 ? 96  ASP A CB  1 
ATOM   747  C  CG  . ASP A 1 92  ? 21.668  -14.241 -3.304  1.00 36.16 ? 96  ASP A CG  1 
ATOM   748  O  OD1 . ASP A 1 92  ? 21.461  -15.033 -4.263  1.00 36.29 ? 96  ASP A OD1 1 
ATOM   749  O  OD2 . ASP A 1 92  ? 22.154  -13.099 -3.473  1.00 37.98 ? 96  ASP A OD2 1 
ATOM   750  N  N   . PHE A 1 93  ? 19.428  -16.159 0.341   1.00 35.19 ? 97  PHE A N   1 
ATOM   751  C  CA  . PHE A 1 93  ? 19.202  -16.614 1.715   1.00 35.63 ? 97  PHE A CA  1 
ATOM   752  C  C   . PHE A 1 93  ? 18.941  -18.122 1.847   1.00 36.73 ? 97  PHE A C   1 
ATOM   753  O  O   . PHE A 1 93  ? 19.559  -18.785 2.688   1.00 36.71 ? 97  PHE A O   1 
ATOM   754  C  CB  . PHE A 1 93  ? 18.070  -15.827 2.382   1.00 34.78 ? 97  PHE A CB  1 
ATOM   755  C  CG  . PHE A 1 93  ? 17.747  -16.299 3.776   1.00 33.70 ? 97  PHE A CG  1 
ATOM   756  C  CD1 . PHE A 1 93  ? 18.480  -15.849 4.864   1.00 32.76 ? 97  PHE A CD1 1 
ATOM   757  C  CD2 . PHE A 1 93  ? 16.713  -17.207 3.998   1.00 32.36 ? 97  PHE A CD2 1 
ATOM   758  C  CE1 . PHE A 1 93  ? 18.189  -16.304 6.149   1.00 32.98 ? 97  PHE A CE1 1 
ATOM   759  C  CE2 . PHE A 1 93  ? 16.422  -17.672 5.272   1.00 31.47 ? 97  PHE A CE2 1 
ATOM   760  C  CZ  . PHE A 1 93  ? 17.156  -17.218 6.349   1.00 32.44 ? 97  PHE A CZ  1 
ATOM   761  N  N   . TYR A 1 94  ? 18.015  -18.651 1.047   1.00 38.06 ? 98  TYR A N   1 
ATOM   762  C  CA  . TYR A 1 94  ? 17.639  -20.066 1.145   1.00 39.60 ? 98  TYR A CA  1 
ATOM   763  C  C   . TYR A 1 94  ? 18.764  -20.999 0.697   1.00 39.81 ? 98  TYR A C   1 
ATOM   764  O  O   . TYR A 1 94  ? 18.857  -22.129 1.171   1.00 39.53 ? 98  TYR A O   1 
ATOM   765  C  CB  . TYR A 1 94  ? 16.372  -20.393 0.336   1.00 40.37 ? 98  TYR A CB  1 
ATOM   766  C  CG  . TYR A 1 94  ? 15.153  -19.535 0.599   1.00 41.48 ? 98  TYR A CG  1 
ATOM   767  C  CD1 . TYR A 1 94  ? 14.732  -19.231 1.903   1.00 42.39 ? 98  TYR A CD1 1 
ATOM   768  C  CD2 . TYR A 1 94  ? 14.390  -19.057 -0.471  1.00 42.41 ? 98  TYR A CD2 1 
ATOM   769  C  CE1 . TYR A 1 94  ? 13.592  -18.435 2.128   1.00 42.47 ? 98  TYR A CE1 1 
ATOM   770  C  CE2 . TYR A 1 94  ? 13.262  -18.272 -0.266  1.00 43.09 ? 98  TYR A CE2 1 
ATOM   771  C  CZ  . TYR A 1 94  ? 12.860  -17.961 1.032   1.00 43.23 ? 98  TYR A CZ  1 
ATOM   772  O  OH  . TYR A 1 94  ? 11.718  -17.179 1.200   1.00 43.45 ? 98  TYR A OH  1 
ATOM   773  N  N   . ALA A 1 95  ? 19.595  -20.530 -0.228  1.00 40.62 ? 99  ALA A N   1 
ATOM   774  C  CA  . ALA A 1 95  ? 20.752  -21.300 -0.691  1.00 41.95 ? 99  ALA A CA  1 
ATOM   775  C  C   . ALA A 1 95  ? 21.802  -21.409 0.418   1.00 42.68 ? 99  ALA A C   1 
ATOM   776  O  O   . ALA A 1 95  ? 22.491  -22.423 0.546   1.00 43.01 ? 99  ALA A O   1 
ATOM   777  C  CB  . ALA A 1 95  ? 21.354  -20.667 -1.940  1.00 41.72 ? 99  ALA A CB  1 
ATOM   778  N  N   . ALA A 1 96  ? 21.904  -20.348 1.213   1.00 43.67 ? 100 ALA A N   1 
ATOM   779  C  CA  . ALA A 1 96  ? 22.790  -20.298 2.366   1.00 44.51 ? 100 ALA A CA  1 
ATOM   780  C  C   . ALA A 1 96  ? 22.257  -21.141 3.530   1.00 44.89 ? 100 ALA A C   1 
ATOM   781  O  O   . ALA A 1 96  ? 23.043  -21.704 4.290   1.00 44.95 ? 100 ALA A O   1 
ATOM   782  C  CB  . ALA A 1 96  ? 22.997  -18.843 2.805   1.00 44.49 ? 100 ALA A CB  1 
ATOM   783  N  N   . HIS A 1 97  ? 20.929  -21.224 3.654   1.00 45.22 ? 101 HIS A N   1 
ATOM   784  C  CA  . HIS A 1 97  ? 20.283  -21.933 4.766   1.00 45.59 ? 101 HIS A CA  1 
ATOM   785  C  C   . HIS A 1 97  ? 19.510  -23.194 4.339   1.00 45.67 ? 101 HIS A C   1 
ATOM   786  O  O   . HIS A 1 97  ? 18.295  -23.320 4.531   1.00 45.44 ? 101 HIS A O   1 
ATOM   787  C  CB  . HIS A 1 97  ? 19.391  -20.974 5.559   1.00 45.74 ? 101 HIS A CB  1 
ATOM   788  C  CG  . HIS A 1 97  ? 20.150  -19.891 6.263   1.00 46.64 ? 101 HIS A CG  1 
ATOM   789  N  ND1 . HIS A 1 97  ? 20.740  -18.837 5.597   1.00 47.36 ? 101 HIS A ND1 1 
ATOM   790  C  CD2 . HIS A 1 97  ? 20.417  -19.697 7.579   1.00 47.50 ? 101 HIS A CD2 1 
ATOM   791  C  CE1 . HIS A 1 97  ? 21.338  -18.042 6.468   1.00 47.49 ? 101 HIS A CE1 1 
ATOM   792  N  NE2 . HIS A 1 97  ? 21.155  -18.541 7.679   1.00 47.40 ? 101 HIS A NE2 1 
ATOM   793  O  OXT . HIS A 1 97  ? 20.109  -24.136 3.798   1.00 45.65 ? 101 HIS A OXT 1 
ATOM   794  N  N   . LYS B 2 1   ? -5.510  -14.790 9.272   1.00 48.14 ? 15  LYS B N   1 
ATOM   795  C  CA  . LYS B 2 1   ? -4.044  -14.568 9.089   1.00 47.81 ? 15  LYS B CA  1 
ATOM   796  C  C   . LYS B 2 1   ? -3.295  -14.516 10.441  1.00 47.42 ? 15  LYS B C   1 
ATOM   797  O  O   . LYS B 2 1   ? -3.703  -13.807 11.377  1.00 47.49 ? 15  LYS B O   1 
ATOM   798  C  CB  . LYS B 2 1   ? -3.787  -13.308 8.244   1.00 47.90 ? 15  LYS B CB  1 
ATOM   799  C  CG  . LYS B 2 1   ? -2.391  -13.274 7.614   1.00 48.72 ? 15  LYS B CG  1 
ATOM   800  C  CD  . LYS B 2 1   ? -2.263  -12.308 6.430   1.00 48.09 ? 15  LYS B CD  1 
ATOM   801  C  CE  . LYS B 2 1   ? -0.876  -12.464 5.777   1.00 49.35 ? 15  LYS B CE  1 
ATOM   802  N  NZ  . LYS B 2 1   ? -0.578  -11.547 4.617   1.00 50.14 ? 15  LYS B NZ  1 
ATOM   803  N  N   . THR B 2 2   ? -2.206  -15.281 10.527  1.00 46.59 ? 16  THR B N   1 
ATOM   804  C  CA  . THR B 2 2   ? -1.364  -15.344 11.727  1.00 45.51 ? 16  THR B CA  1 
ATOM   805  C  C   . THR B 2 2   ? -0.292  -14.241 11.766  1.00 44.39 ? 16  THR B C   1 
ATOM   806  O  O   . THR B 2 2   ? 0.102   -13.794 12.846  1.00 44.54 ? 16  THR B O   1 
ATOM   807  C  CB  . THR B 2 2   ? -0.692  -16.741 11.853  1.00 45.92 ? 16  THR B CB  1 
ATOM   808  O  OG1 . THR B 2 2   ? -1.696  -17.767 11.786  1.00 46.18 ? 16  THR B OG1 1 
ATOM   809  C  CG2 . THR B 2 2   ? 0.080   -16.886 13.177  1.00 46.38 ? 16  THR B CG2 1 
ATOM   810  N  N   . TRP B 2 3   ? 0.170   -13.810 10.590  1.00 42.74 ? 17  TRP B N   1 
ATOM   811  C  CA  . TRP B 2 3   ? 1.298   -12.883 10.469  1.00 41.19 ? 17  TRP B CA  1 
ATOM   812  C  C   . TRP B 2 3   ? 2.591   -13.469 11.030  1.00 41.11 ? 17  TRP B C   1 
ATOM   813  O  O   . TRP B 2 3   ? 3.460   -12.740 11.521  1.00 41.53 ? 17  TRP B O   1 
ATOM   814  C  CB  . TRP B 2 3   ? 0.994   -11.529 11.115  1.00 40.08 ? 17  TRP B CB  1 
ATOM   815  C  CG  . TRP B 2 3   ? -0.259  -10.921 10.607  1.00 39.23 ? 17  TRP B CG  1 
ATOM   816  C  CD1 . TRP B 2 3   ? -1.481  -10.927 11.218  1.00 37.97 ? 17  TRP B CD1 1 
ATOM   817  C  CD2 . TRP B 2 3   ? -0.428  -10.224 9.371   1.00 37.86 ? 17  TRP B CD2 1 
ATOM   818  N  NE1 . TRP B 2 3   ? -2.397  -10.268 10.441  1.00 37.17 ? 17  TRP B NE1 1 
ATOM   819  C  CE2 . TRP B 2 3   ? -1.780  -9.825  9.301   1.00 37.53 ? 17  TRP B CE2 1 
ATOM   820  C  CE3 . TRP B 2 3   ? 0.437   -9.893  8.314   1.00 38.34 ? 17  TRP B CE3 1 
ATOM   821  C  CZ2 . TRP B 2 3   ? -2.300  -9.116  8.211   1.00 37.84 ? 17  TRP B CZ2 1 
ATOM   822  C  CZ3 . TRP B 2 3   ? -0.077  -9.175  7.227   1.00 38.14 ? 17  TRP B CZ3 1 
ATOM   823  C  CH2 . TRP B 2 3   ? -1.436  -8.799  7.187   1.00 38.42 ? 17  TRP B CH2 1 
ATOM   824  N  N   . GLU B 2 4   ? 2.711   -14.788 10.959  1.00 40.71 ? 18  GLU B N   1 
ATOM   825  C  CA  . GLU B 2 4   ? 3.972   -15.471 11.222  1.00 40.57 ? 18  GLU B CA  1 
ATOM   826  C  C   . GLU B 2 4   ? 5.031   -14.992 10.230  1.00 39.48 ? 18  GLU B C   1 
ATOM   827  O  O   . GLU B 2 4   ? 4.775   -14.875 9.030   1.00 39.87 ? 18  GLU B O   1 
ATOM   828  C  CB  . GLU B 2 4   ? 3.795   -16.986 11.100  1.00 40.81 ? 18  GLU B CB  1 
ATOM   829  C  CG  . GLU B 2 4   ? 2.912   -17.440 9.915   1.00 41.97 ? 18  GLU B CG  1 
ATOM   830  C  CD  . GLU B 2 4   ? 3.014   -18.942 9.639   1.00 42.48 ? 18  GLU B CD  1 
ATOM   831  O  OE1 . GLU B 2 4   ? 4.165   -19.463 9.608   1.00 44.86 ? 18  GLU B OE1 1 
ATOM   832  O  OE2 . GLU B 2 4   ? 1.952   -19.594 9.440   1.00 42.87 ? 18  GLU B OE2 1 
ATOM   833  N  N   . LEU B 2 5   ? 6.215   -14.693 10.735  1.00 37.92 ? 19  LEU B N   1 
ATOM   834  C  CA  . LEU B 2 5   ? 7.296   -14.289 9.875   1.00 36.67 ? 19  LEU B CA  1 
ATOM   835  C  C   . LEU B 2 5   ? 8.174   -15.492 9.541   1.00 35.56 ? 19  LEU B C   1 
ATOM   836  O  O   . LEU B 2 5   ? 8.489   -16.295 10.411  1.00 35.74 ? 19  LEU B O   1 
ATOM   837  C  CB  . LEU B 2 5   ? 8.089   -13.158 10.535  1.00 36.82 ? 19  LEU B CB  1 
ATOM   838  C  CG  . LEU B 2 5   ? 7.289   -11.863 10.757  1.00 37.24 ? 19  LEU B CG  1 
ATOM   839  C  CD1 . LEU B 2 5   ? 8.138   -10.815 11.452  1.00 38.12 ? 19  LEU B CD1 1 
ATOM   840  C  CD2 . LEU B 2 5   ? 6.723   -11.313 9.441   1.00 36.92 ? 19  LEU B CD2 1 
ATOM   841  N  N   . SER B 2 6   ? 8.548   -15.627 8.276   1.00 34.05 ? 20  SER B N   1 
ATOM   842  C  CA  . SER B 2 6   ? 9.442   -16.700 7.857   1.00 32.98 ? 20  SER B CA  1 
ATOM   843  C  C   . SER B 2 6   ? 10.895  -16.438 8.307   1.00 32.78 ? 20  SER B C   1 
ATOM   844  O  O   . SER B 2 6   ? 11.240  -15.342 8.806   1.00 32.62 ? 20  SER B O   1 
ATOM   845  C  CB  . SER B 2 6   ? 9.380   -16.878 6.340   1.00 32.72 ? 20  SER B CB  1 
ATOM   846  O  OG  . SER B 2 6   ? 9.895   -15.729 5.689   1.00 31.64 ? 20  SER B OG  1 
ATOM   847  N  N   . LEU B 2 7   ? 11.740  -17.448 8.132   1.00 32.13 ? 21  LEU B N   1 
ATOM   848  C  CA  . LEU B 2 7   ? 13.156  -17.319 8.445   1.00 31.94 ? 21  LEU B CA  1 
ATOM   849  C  C   . LEU B 2 7   ? 13.802  -16.158 7.675   1.00 31.22 ? 21  LEU B C   1 
ATOM   850  O  O   . LEU B 2 7   ? 14.506  -15.354 8.269   1.00 30.98 ? 21  LEU B O   1 
ATOM   851  C  CB  . LEU B 2 7   ? 13.901  -18.639 8.212   1.00 32.00 ? 21  LEU B CB  1 
ATOM   852  C  CG  . LEU B 2 7   ? 13.685  -19.717 9.286   1.00 33.24 ? 21  LEU B CG  1 
ATOM   853  C  CD1 . LEU B 2 7   ? 14.330  -21.051 8.894   1.00 31.94 ? 21  LEU B CD1 1 
ATOM   854  C  CD2 . LEU B 2 7   ? 14.205  -19.242 10.650  1.00 33.82 ? 21  LEU B CD2 1 
ATOM   855  N  N   . TYR B 2 8   ? 13.544  -16.059 6.370   1.00 30.61 ? 22  TYR B N   1 
ATOM   856  C  CA  . TYR B 2 8   ? 14.055  -14.931 5.598   1.00 30.17 ? 22  TYR B CA  1 
ATOM   857  C  C   . TYR B 2 8   ? 13.549  -13.583 6.139   1.00 30.56 ? 22  TYR B C   1 
ATOM   858  O  O   . TYR B 2 8   ? 14.313  -12.620 6.229   1.00 30.28 ? 22  TYR B O   1 
ATOM   859  C  CB  . TYR B 2 8   ? 13.717  -15.047 4.111   1.00 29.58 ? 22  TYR B CB  1 
ATOM   860  C  CG  . TYR B 2 8   ? 13.978  -13.735 3.404   1.00 29.30 ? 22  TYR B CG  1 
ATOM   861  C  CD1 . TYR B 2 8   ? 15.267  -13.397 2.978   1.00 28.65 ? 22  TYR B CD1 1 
ATOM   862  C  CD2 . TYR B 2 8   ? 12.956  -12.796 3.232   1.00 26.83 ? 22  TYR B CD2 1 
ATOM   863  C  CE1 . TYR B 2 8   ? 15.519  -12.170 2.370   1.00 28.91 ? 22  TYR B CE1 1 
ATOM   864  C  CE2 . TYR B 2 8   ? 13.198  -11.581 2.625   1.00 27.12 ? 22  TYR B CE2 1 
ATOM   865  C  CZ  . TYR B 2 8   ? 14.478  -11.270 2.199   1.00 28.13 ? 22  TYR B CZ  1 
ATOM   866  O  OH  . TYR B 2 8   ? 14.716  -10.062 1.591   1.00 28.46 ? 22  TYR B OH  1 
ATOM   867  N  N   . GLU B 2 9   ? 12.269  -13.530 6.501   1.00 31.05 ? 23  GLU B N   1 
ATOM   868  C  CA  . GLU B 2 9   ? 11.636  -12.300 6.937   1.00 32.07 ? 23  GLU B CA  1 
ATOM   869  C  C   . GLU B 2 9   ? 12.166  -11.826 8.275   1.00 31.76 ? 23  GLU B C   1 
ATOM   870  O  O   . GLU B 2 9   ? 12.300  -10.626 8.507   1.00 31.85 ? 23  GLU B O   1 
ATOM   871  C  CB  . GLU B 2 9   ? 10.115  -12.470 6.983   1.00 32.25 ? 23  GLU B CB  1 
ATOM   872  C  CG  . GLU B 2 9   ? 9.440   -12.531 5.598   1.00 32.45 ? 23  GLU B CG  1 
ATOM   873  C  CD  . GLU B 2 9   ? 7.971   -12.976 5.667   1.00 34.98 ? 23  GLU B CD  1 
ATOM   874  O  OE1 . GLU B 2 9   ? 7.620   -13.881 6.484   1.00 37.87 ? 23  GLU B OE1 1 
ATOM   875  O  OE2 . GLU B 2 9   ? 7.150   -12.425 4.887   1.00 40.15 ? 23  GLU B OE2 1 
ATOM   876  N  N   . LEU B 2 10  ? 12.477  -12.769 9.156   1.00 31.86 ? 24  LEU B N   1 
ATOM   877  C  CA  . LEU B 2 10  ? 13.052  -12.431 10.460  1.00 32.10 ? 24  LEU B CA  1 
ATOM   878  C  C   . LEU B 2 10  ? 14.440  -11.769 10.369  1.00 32.03 ? 24  LEU B C   1 
ATOM   879  O  O   . LEU B 2 10  ? 14.900  -11.132 11.318  1.00 32.01 ? 24  LEU B O   1 
ATOM   880  C  CB  . LEU B 2 10  ? 13.107  -13.676 11.355  1.00 31.99 ? 24  LEU B CB  1 
ATOM   881  C  CG  . LEU B 2 10  ? 11.762  -14.177 11.901  1.00 32.30 ? 24  LEU B CG  1 
ATOM   882  C  CD1 . LEU B 2 10  ? 11.925  -15.579 12.475  1.00 32.16 ? 24  LEU B CD1 1 
ATOM   883  C  CD2 . LEU B 2 10  ? 11.187  -13.228 12.950  1.00 30.90 ? 24  LEU B CD2 1 
ATOM   884  N  N   . GLN B 2 11  ? 15.078  -11.900 9.209   1.00 31.68 ? 25  GLN B N   1 
ATOM   885  C  CA  . GLN B 2 11  ? 16.467  -11.493 9.014   1.00 31.16 ? 25  GLN B CA  1 
ATOM   886  C  C   . GLN B 2 11  ? 16.611  -10.379 7.957   1.00 30.80 ? 25  GLN B C   1 
ATOM   887  O  O   . GLN B 2 11  ? 17.698  -9.826  7.800   1.00 31.01 ? 25  GLN B O   1 
ATOM   888  C  CB  . GLN B 2 11  ? 17.287  -12.747 8.644   1.00 30.79 ? 25  GLN B CB  1 
ATOM   889  C  CG  . GLN B 2 11  ? 18.676  -12.520 8.102   1.00 31.71 ? 25  GLN B CG  1 
ATOM   890  C  CD  . GLN B 2 11  ? 18.754  -12.539 6.576   1.00 32.04 ? 25  GLN B CD  1 
ATOM   891  O  OE1 . GLN B 2 11  ? 17.737  -12.633 5.874   1.00 31.50 ? 25  GLN B OE1 1 
ATOM   892  N  NE2 . GLN B 2 11  ? 19.973  -12.443 6.058   1.00 31.42 ? 25  GLN B NE2 1 
ATOM   893  N  N   . ARG B 2 12  ? 15.531  -10.058 7.237   1.00 30.30 ? 26  ARG B N   1 
ATOM   894  C  CA  . ARG B 2 12  ? 15.605  -9.120  6.096   1.00 30.08 ? 26  ARG B CA  1 
ATOM   895  C  C   . ARG B 2 12  ? 16.066  -7.715  6.485   1.00 30.10 ? 26  ARG B C   1 
ATOM   896  O  O   . ARG B 2 12  ? 15.858  -7.257  7.607   1.00 30.05 ? 26  ARG B O   1 
ATOM   897  C  CB  . ARG B 2 12  ? 14.294  -9.061  5.299   1.00 29.62 ? 26  ARG B CB  1 
ATOM   898  C  CG  . ARG B 2 12  ? 13.186  -8.215  5.937   1.00 30.04 ? 26  ARG B CG  1 
ATOM   899  C  CD  . ARG B 2 12  ? 12.055  -7.927  4.946   1.00 30.69 ? 26  ARG B CD  1 
ATOM   900  N  NE  . ARG B 2 12  ? 12.393  -6.837  4.038   1.00 30.75 ? 26  ARG B NE  1 
ATOM   901  C  CZ  . ARG B 2 12  ? 11.962  -5.581  4.165   1.00 29.75 ? 26  ARG B CZ  1 
ATOM   902  N  NH1 . ARG B 2 12  ? 11.137  -5.240  5.152   1.00 26.58 ? 26  ARG B NH1 1 
ATOM   903  N  NH2 . ARG B 2 12  ? 12.351  -4.666  3.282   1.00 29.10 ? 26  ARG B NH2 1 
ATOM   904  N  N   . THR B 2 13  ? 16.717  -7.050  5.540   1.00 30.28 ? 27  THR B N   1 
ATOM   905  C  CA  . THR B 2 13  ? 17.279  -5.724  5.752   1.00 30.07 ? 27  THR B CA  1 
ATOM   906  C  C   . THR B 2 13  ? 16.599  -4.791  4.735   1.00 29.62 ? 27  THR B C   1 
ATOM   907  O  O   . THR B 2 13  ? 16.030  -5.281  3.768   1.00 29.21 ? 27  THR B O   1 
ATOM   908  C  CB  . THR B 2 13  ? 18.825  -5.758  5.576   1.00 30.45 ? 27  THR B CB  1 
ATOM   909  O  OG1 . THR B 2 13  ? 19.166  -6.277  4.283   1.00 31.05 ? 27  THR B OG1 1 
ATOM   910  C  CG2 . THR B 2 13  ? 19.477  -6.654  6.650   1.00 30.63 ? 27  THR B CG2 1 
ATOM   911  N  N   . PRO B 2 14  ? 16.613  -3.463  4.967   1.00 29.32 ? 28  PRO B N   1 
ATOM   912  C  CA  . PRO B 2 14  ? 15.909  -2.541  4.062   1.00 29.45 ? 28  PRO B CA  1 
ATOM   913  C  C   . PRO B 2 14  ? 16.331  -2.577  2.588   1.00 29.89 ? 28  PRO B C   1 
ATOM   914  O  O   . PRO B 2 14  ? 17.452  -2.942  2.261   1.00 29.20 ? 28  PRO B O   1 
ATOM   915  C  CB  . PRO B 2 14  ? 16.208  -1.148  4.650   1.00 29.35 ? 28  PRO B CB  1 
ATOM   916  C  CG  . PRO B 2 14  ? 17.301  -1.337  5.632   1.00 29.00 ? 28  PRO B CG  1 
ATOM   917  C  CD  . PRO B 2 14  ? 17.232  -2.753  6.103   1.00 29.32 ? 28  PRO B CD  1 
ATOM   918  N  N   . GLN B 2 15  ? 15.402  -2.203  1.718   1.00 30.76 ? 29  GLN B N   1 
ATOM   919  C  CA  . GLN B 2 15  ? 15.697  -1.952  0.328   1.00 31.92 ? 29  GLN B CA  1 
ATOM   920  C  C   . GLN B 2 15  ? 15.928  -0.446  0.148   1.00 33.07 ? 29  GLN B C   1 
ATOM   921  O  O   . GLN B 2 15  ? 14.975  0.334   0.072   1.00 33.35 ? 29  GLN B O   1 
ATOM   922  C  CB  . GLN B 2 15  ? 14.530  -2.431  -0.536  1.00 31.75 ? 29  GLN B CB  1 
ATOM   923  C  CG  . GLN B 2 15  ? 14.428  -3.927  -0.681  1.00 31.60 ? 29  GLN B CG  1 
ATOM   924  C  CD  . GLN B 2 15  ? 15.413  -4.498  -1.677  1.00 32.98 ? 29  GLN B CD  1 
ATOM   925  O  OE1 . GLN B 2 15  ? 16.022  -3.770  -2.456  1.00 33.00 ? 29  GLN B OE1 1 
ATOM   926  N  NE2 . GLN B 2 15  ? 15.572  -5.819  -1.660  1.00 33.61 ? 29  GLN B NE2 1 
ATOM   927  N  N   . GLU B 2 16  ? 17.195  -0.042  0.088   1.00 34.76 ? 30  GLU B N   1 
ATOM   928  C  CA  . GLU B 2 16  ? 17.573  1.385   0.090   1.00 36.59 ? 30  GLU B CA  1 
ATOM   929  C  C   . GLU B 2 16  ? 17.025  2.173   -1.093  1.00 36.73 ? 30  GLU B C   1 
ATOM   930  O  O   . GLU B 2 16  ? 16.933  1.661   -2.208  1.00 36.60 ? 30  GLU B O   1 
ATOM   931  C  CB  . GLU B 2 16  ? 19.101  1.563   0.160   1.00 36.81 ? 30  GLU B CB  1 
ATOM   932  C  CG  . GLU B 2 16  ? 19.767  0.972   1.402   1.00 41.02 ? 30  GLU B CG  1 
ATOM   933  C  CD  . GLU B 2 16  ? 19.267  1.580   2.726   1.00 46.56 ? 30  GLU B CD  1 
ATOM   934  O  OE1 . GLU B 2 16  ? 19.299  2.822   2.892   1.00 48.15 ? 30  GLU B OE1 1 
ATOM   935  O  OE2 . GLU B 2 16  ? 18.860  0.802   3.621   1.00 50.08 ? 30  GLU B OE2 1 
ATOM   936  N  N   . ALA B 2 17  ? 16.692  3.432   -0.824  1.00 37.77 ? 31  ALA B N   1 
ATOM   937  C  CA  . ALA B 2 17  ? 16.169  4.370   -1.816  1.00 38.91 ? 31  ALA B CA  1 
ATOM   938  C  C   . ALA B 2 17  ? 17.129  4.612   -2.958  1.00 39.91 ? 31  ALA B C   1 
ATOM   939  O  O   . ALA B 2 17  ? 18.335  4.707   -2.743  1.00 40.12 ? 31  ALA B O   1 
ATOM   940  C  CB  . ALA B 2 17  ? 15.825  5.699   -1.151  1.00 38.61 ? 31  ALA B CB  1 
ATOM   941  N  N   . ILE B 2 18  ? 16.589  4.706   -4.171  1.00 41.45 ? 32  ILE B N   1 
ATOM   942  C  CA  . ILE B 2 18  ? 17.355  5.181   -5.310  1.00 42.97 ? 32  ILE B CA  1 
ATOM   943  C  C   . ILE B 2 18  ? 17.364  6.702   -5.233  1.00 44.35 ? 32  ILE B C   1 
ATOM   944  O  O   . ILE B 2 18  ? 16.340  7.351   -5.479  1.00 44.42 ? 32  ILE B O   1 
ATOM   945  C  CB  . ILE B 2 18  ? 16.734  4.743   -6.642  1.00 42.88 ? 32  ILE B CB  1 
ATOM   946  C  CG1 . ILE B 2 18  ? 16.510  3.234   -6.658  1.00 42.44 ? 32  ILE B CG1 1 
ATOM   947  C  CG2 . ILE B 2 18  ? 17.620  5.181   -7.815  1.00 43.05 ? 32  ILE B CG2 1 
ATOM   948  C  CD1 . ILE B 2 18  ? 15.672  2.755   -7.816  1.00 42.45 ? 32  ILE B CD1 1 
ATOM   949  N  N   . THR B 2 19  ? 18.512  7.266   -4.873  1.00 46.15 ? 33  THR B N   1 
ATOM   950  C  CA  . THR B 2 19  ? 18.622  8.718   -4.682  1.00 47.99 ? 33  THR B CA  1 
ATOM   951  C  C   . THR B 2 19  ? 19.276  9.464   -5.851  1.00 49.00 ? 33  THR B C   1 
ATOM   952  O  O   . THR B 2 19  ? 19.145  10.687  -5.949  1.00 49.13 ? 33  THR B O   1 
ATOM   953  C  CB  . THR B 2 19  ? 19.317  9.100   -3.334  1.00 48.01 ? 33  THR B CB  1 
ATOM   954  O  OG1 . THR B 2 19  ? 20.539  8.363   -3.179  1.00 48.31 ? 33  THR B OG1 1 
ATOM   955  C  CG2 . THR B 2 19  ? 18.401  8.822   -2.145  1.00 48.07 ? 33  THR B CG2 1 
ATOM   956  N  N   . ASP B 2 20  ? 19.974  8.749   -6.731  1.00 50.63 ? 34  ASP B N   1 
ATOM   957  C  CA  . ASP B 2 20  ? 20.529  9.403   -7.922  1.00 52.38 ? 34  ASP B CA  1 
ATOM   958  C  C   . ASP B 2 20  ? 19.394  9.747   -8.878  1.00 53.04 ? 34  ASP B C   1 
ATOM   959  O  O   . ASP B 2 20  ? 18.408  9.016   -8.954  1.00 53.22 ? 34  ASP B O   1 
ATOM   960  C  CB  . ASP B 2 20  ? 21.598  8.555   -8.621  1.00 52.45 ? 34  ASP B CB  1 
ATOM   961  C  CG  . ASP B 2 20  ? 22.519  9.399   -9.523  1.00 54.50 ? 34  ASP B CG  1 
ATOM   962  O  OD1 . ASP B 2 20  ? 22.040  9.933   -10.557 1.00 55.57 ? 34  ASP B OD1 1 
ATOM   963  O  OD2 . ASP B 2 20  ? 23.730  9.532   -9.201  1.00 55.81 ? 34  ASP B OD2 1 
ATOM   964  N  N   . GLY B 2 21  ? 19.531  10.872  -9.579  1.00 53.88 ? 35  GLY B N   1 
ATOM   965  C  CA  . GLY B 2 21  ? 18.499  11.372  -10.487 1.00 54.98 ? 35  GLY B CA  1 
ATOM   966  C  C   . GLY B 2 21  ? 18.168  10.417  -11.619 1.00 55.91 ? 35  GLY B C   1 
ATOM   967  O  O   . GLY B 2 21  ? 18.729  10.508  -12.713 1.00 56.18 ? 35  GLY B O   1 
ATOM   968  N  N   . LEU B 2 22  ? 17.259  9.487   -11.341 1.00 56.52 ? 36  LEU B N   1 
ATOM   969  C  CA  . LEU B 2 22  ? 16.766  8.549   -12.328 1.00 57.11 ? 36  LEU B CA  1 
ATOM   970  C  C   . LEU B 2 22  ? 15.351  8.969   -12.699 1.00 57.89 ? 36  LEU B C   1 
ATOM   971  O  O   . LEU B 2 22  ? 14.552  9.300   -11.821 1.00 57.91 ? 36  LEU B O   1 
ATOM   972  C  CB  . LEU B 2 22  ? 16.766  7.143   -11.734 1.00 56.96 ? 36  LEU B CB  1 
ATOM   973  C  CG  . LEU B 2 22  ? 16.131  6.011   -12.534 1.00 56.51 ? 36  LEU B CG  1 
ATOM   974  C  CD1 . LEU B 2 22  ? 17.149  5.414   -13.466 1.00 56.84 ? 36  LEU B CD1 1 
ATOM   975  C  CD2 . LEU B 2 22  ? 15.606  4.962   -11.592 1.00 55.88 ? 36  LEU B CD2 1 
ATOM   976  N  N   . GLU B 2 23  ? 15.038  8.972   -13.989 1.00 58.85 ? 37  GLU B N   1 
ATOM   977  C  CA  . GLU B 2 23  ? 13.688  9.322   -14.425 1.00 60.02 ? 37  GLU B CA  1 
ATOM   978  C  C   . GLU B 2 23  ? 12.923  8.050   -14.741 1.00 60.69 ? 37  GLU B C   1 
ATOM   979  O  O   . GLU B 2 23  ? 13.507  7.074   -15.202 1.00 60.82 ? 37  GLU B O   1 
ATOM   980  C  CB  . GLU B 2 23  ? 13.707  10.245  -15.647 1.00 60.04 ? 37  GLU B CB  1 
ATOM   981  C  CG  . GLU B 2 23  ? 14.881  11.230  -15.716 1.00 61.01 ? 37  GLU B CG  1 
ATOM   982  C  CD  . GLU B 2 23  ? 16.028  10.736  -16.605 1.00 61.67 ? 37  GLU B CD  1 
ATOM   983  O  OE1 . GLU B 2 23  ? 16.708  9.742   -16.242 1.00 61.87 ? 37  GLU B OE1 1 
ATOM   984  O  OE2 . GLU B 2 23  ? 16.246  11.354  -17.671 1.00 61.36 ? 37  GLU B OE2 1 
ATOM   985  N  N   . ILE B 2 24  ? 11.621  8.054   -14.484 1.00 61.78 ? 38  ILE B N   1 
ATOM   986  C  CA  . ILE B 2 24  ? 10.795  6.885   -14.783 1.00 62.95 ? 38  ILE B CA  1 
ATOM   987  C  C   . ILE B 2 24  ? 9.877   7.182   -15.955 1.00 63.64 ? 38  ILE B C   1 
ATOM   988  O  O   . ILE B 2 24  ? 9.215   8.221   -15.990 1.00 63.70 ? 38  ILE B O   1 
ATOM   989  C  CB  . ILE B 2 24  ? 9.949   6.412   -13.577 1.00 62.91 ? 38  ILE B CB  1 
ATOM   990  C  CG1 . ILE B 2 24  ? 10.766  6.446   -12.289 1.00 63.14 ? 38  ILE B CG1 1 
ATOM   991  C  CG2 . ILE B 2 24  ? 9.429   4.997   -13.819 1.00 63.33 ? 38  ILE B CG2 1 
ATOM   992  C  CD1 . ILE B 2 24  ? 9.912   6.437   -11.054 1.00 64.32 ? 38  ILE B CD1 1 
ATOM   993  N  N   . VAL B 2 25  ? 9.852   6.260   -16.912 1.00 64.69 ? 39  VAL B N   1 
ATOM   994  C  CA  . VAL B 2 25  ? 9.000   6.386   -18.088 1.00 65.68 ? 39  VAL B CA  1 
ATOM   995  C  C   . VAL B 2 25  ? 7.568   6.015   -17.709 1.00 66.36 ? 39  VAL B C   1 
ATOM   996  O  O   . VAL B 2 25  ? 7.265   4.849   -17.436 1.00 66.61 ? 39  VAL B O   1 
ATOM   997  C  CB  . VAL B 2 25  ? 9.515   5.516   -19.268 1.00 65.71 ? 39  VAL B CB  1 
ATOM   998  C  CG1 . VAL B 2 25  ? 8.590   5.631   -20.480 1.00 65.88 ? 39  VAL B CG1 1 
ATOM   999  C  CG2 . VAL B 2 25  ? 10.948  5.908   -19.645 1.00 65.45 ? 39  VAL B CG2 1 
ATOM   1000 N  N   . VAL B 2 26  ? 6.702   7.025   -17.652 1.00 67.10 ? 40  VAL B N   1 
ATOM   1001 C  CA  . VAL B 2 26  ? 5.278   6.819   -17.383 1.00 67.91 ? 40  VAL B CA  1 
ATOM   1002 C  C   . VAL B 2 26  ? 4.437   7.511   -18.465 1.00 68.46 ? 40  VAL B C   1 
ATOM   1003 O  O   . VAL B 2 26  ? 3.333   8.004   -18.197 1.00 68.54 ? 40  VAL B O   1 
ATOM   1004 C  CB  . VAL B 2 26  ? 4.856   7.313   -15.967 1.00 67.85 ? 40  VAL B CB  1 
ATOM   1005 C  CG1 . VAL B 2 26  ? 3.536   6.676   -15.561 1.00 67.86 ? 40  VAL B CG1 1 
ATOM   1006 C  CG2 . VAL B 2 26  ? 5.930   7.001   -14.927 1.00 67.83 ? 40  VAL B CG2 1 
ATOM   1007 N  N   . SER B 2 27  ? 4.976   7.532   -19.686 1.00 69.09 ? 41  SER B N   1 
ATOM   1008 C  CA  . SER B 2 27  ? 4.320   8.154   -20.840 1.00 69.70 ? 41  SER B CA  1 
ATOM   1009 C  C   . SER B 2 27  ? 2.899   7.591   -21.044 1.00 70.15 ? 41  SER B C   1 
ATOM   1010 O  O   . SER B 2 27  ? 1.934   8.361   -21.044 1.00 70.08 ? 41  SER B O   1 
ATOM   1011 C  CB  . SER B 2 27  ? 5.191   8.012   -22.099 1.00 69.70 ? 41  SER B CB  1 
ATOM   1012 O  OG  . SER B 2 27  ? 4.958   9.067   -23.015 1.00 69.95 ? 41  SER B OG  1 
ATOM   1013 N  N   . PRO B 2 28  ? 2.763   6.254   -21.216 1.00 70.65 ? 42  PRO B N   1 
ATOM   1014 C  CA  . PRO B 2 28  ? 1.429   5.676   -21.069 1.00 70.98 ? 42  PRO B CA  1 
ATOM   1015 C  C   . PRO B 2 28  ? 1.134   5.162   -19.646 1.00 71.31 ? 42  PRO B C   1 
ATOM   1016 O  O   . PRO B 2 28  ? 2.052   4.767   -18.912 1.00 71.31 ? 42  PRO B O   1 
ATOM   1017 C  CB  . PRO B 2 28  ? 1.447   4.511   -22.068 1.00 71.03 ? 42  PRO B CB  1 
ATOM   1018 C  CG  . PRO B 2 28  ? 2.907   4.120   -22.200 1.00 70.82 ? 42  PRO B CG  1 
ATOM   1019 C  CD  . PRO B 2 28  ? 3.753   5.225   -21.602 1.00 70.72 ? 42  PRO B CD  1 
ATOM   1020 N  N   . ARG B 2 29  ? -0.144  5.185   -19.270 1.00 71.60 ? 43  ARG B N   1 
ATOM   1021 C  CA  . ARG B 2 29  ? -0.605  4.574   -18.019 1.00 71.96 ? 43  ARG B CA  1 
ATOM   1022 C  C   . ARG B 2 29  ? -1.285  3.219   -18.280 1.00 71.95 ? 43  ARG B C   1 
ATOM   1023 O  O   . ARG B 2 29  ? -2.114  2.757   -17.483 1.00 72.28 ? 43  ARG B O   1 
ATOM   1024 C  CB  . ARG B 2 29  ? -1.526  5.530   -17.234 1.00 72.11 ? 43  ARG B CB  1 
ATOM   1025 C  CG  . ARG B 2 29  ? -2.525  6.321   -18.091 1.00 72.56 ? 43  ARG B CG  1 
ATOM   1026 C  CD  . ARG B 2 29  ? -3.731  5.494   -18.530 1.00 73.14 ? 43  ARG B CD  1 
ATOM   1027 N  NE  . ARG B 2 29  ? -4.252  5.952   -19.819 1.00 73.55 ? 43  ARG B NE  1 
ATOM   1028 C  CZ  . ARG B 2 29  ? -5.391  5.545   -20.373 1.00 73.64 ? 43  ARG B CZ  1 
ATOM   1029 N  NH1 . ARG B 2 29  ? -6.174  4.660   -19.762 1.00 73.58 ? 43  ARG B NH1 1 
ATOM   1030 N  NH2 . ARG B 2 29  ? -5.755  6.033   -21.551 1.00 73.72 ? 43  ARG B NH2 1 
ATOM   1031 N  N   . SER B 2 30  ? -0.934  2.598   -19.409 1.00 71.68 ? 44  SER B N   1 
ATOM   1032 C  CA  . SER B 2 30  ? -1.317  1.216   -19.712 1.00 71.31 ? 44  SER B CA  1 
ATOM   1033 C  C   . SER B 2 30  ? -0.304  0.233   -19.102 1.00 71.09 ? 44  SER B C   1 
ATOM   1034 O  O   . SER B 2 30  ? -0.230  -0.937  -19.497 1.00 71.10 ? 44  SER B O   1 
ATOM   1035 C  CB  . SER B 2 30  ? -1.429  1.007   -21.225 1.00 71.33 ? 44  SER B CB  1 
ATOM   1036 O  OG  . SER B 2 30  ? -2.530  1.720   -21.757 1.00 71.13 ? 44  SER B OG  1 
ATOM   1037 N  N   . LEU B 2 31  ? 0.479   0.741   -18.151 1.00 70.60 ? 45  LEU B N   1 
ATOM   1038 C  CA  . LEU B 2 31  ? 1.421   -0.045  -17.365 1.00 70.08 ? 45  LEU B CA  1 
ATOM   1039 C  C   . LEU B 2 31  ? 1.075   0.093   -15.875 1.00 69.63 ? 45  LEU B C   1 
ATOM   1040 O  O   . LEU B 2 31  ? 1.631   -0.621  -15.038 1.00 69.59 ? 45  LEU B O   1 
ATOM   1041 C  CB  . LEU B 2 31  ? 2.861   0.429   -17.617 1.00 70.17 ? 45  LEU B CB  1 
ATOM   1042 C  CG  . LEU B 2 31  ? 3.695   0.033   -18.856 1.00 70.45 ? 45  LEU B CG  1 
ATOM   1043 C  CD1 . LEU B 2 31  ? 4.008   -1.469  -18.888 1.00 70.37 ? 45  LEU B CD1 1 
ATOM   1044 C  CD2 . LEU B 2 31  ? 3.098   0.503   -20.194 1.00 70.50 ? 45  LEU B CD2 1 
ATOM   1045 N  N   . HIS B 2 32  ? 0.157   1.014   -15.567 1.00 68.99 ? 46  HIS B N   1 
ATOM   1046 C  CA  . HIS B 2 32  ? -0.253  1.332   -14.189 1.00 68.35 ? 46  HIS B CA  1 
ATOM   1047 C  C   . HIS B 2 32  ? -1.773  1.402   -14.056 1.00 67.61 ? 46  HIS B C   1 
ATOM   1048 O  O   . HIS B 2 32  ? -2.349  2.488   -13.986 1.00 67.56 ? 46  HIS B O   1 
ATOM   1049 C  CB  . HIS B 2 32  ? 0.367   2.659   -13.732 1.00 68.56 ? 46  HIS B CB  1 
ATOM   1050 C  CG  . HIS B 2 32  ? 1.840   2.745   -13.964 1.00 69.34 ? 46  HIS B CG  1 
ATOM   1051 N  ND1 . HIS B 2 32  ? 2.381   3.066   -15.192 1.00 70.22 ? 46  HIS B ND1 1 
ATOM   1052 C  CD2 . HIS B 2 32  ? 2.889   2.533   -13.135 1.00 70.40 ? 46  HIS B CD2 1 
ATOM   1053 C  CE1 . HIS B 2 32  ? 3.699   3.049   -15.109 1.00 70.52 ? 46  HIS B CE1 1 
ATOM   1054 N  NE2 . HIS B 2 32  ? 4.034   2.730   -13.870 1.00 70.91 ? 46  HIS B NE2 1 
ATOM   1055 N  N   . SER B 2 33  ? -2.409  0.234   -14.025 1.00 66.86 ? 47  SER B N   1 
ATOM   1056 C  CA  . SER B 2 33  ? -3.863  0.116   -13.898 1.00 66.01 ? 47  SER B CA  1 
ATOM   1057 C  C   . SER B 2 33  ? -4.344  0.250   -12.446 1.00 65.49 ? 47  SER B C   1 
ATOM   1058 O  O   . SER B 2 33  ? -5.551  0.276   -12.179 1.00 65.56 ? 47  SER B O   1 
ATOM   1059 C  CB  . SER B 2 33  ? -4.318  -1.221  -14.470 1.00 66.04 ? 47  SER B CB  1 
ATOM   1060 O  OG  . SER B 2 33  ? -3.664  -2.290  -13.808 1.00 66.17 ? 47  SER B OG  1 
ATOM   1061 N  N   . GLU B 2 34  ? -3.393  0.335   -11.518 1.00 64.63 ? 48  GLU B N   1 
ATOM   1062 C  CA  . GLU B 2 34  ? -3.691  0.492   -10.095 1.00 63.75 ? 48  GLU B CA  1 
ATOM   1063 C  C   . GLU B 2 34  ? -3.957  1.947   -9.729  1.00 63.10 ? 48  GLU B C   1 
ATOM   1064 O  O   . GLU B 2 34  ? -4.358  2.249   -8.607  1.00 62.92 ? 48  GLU B O   1 
ATOM   1065 C  CB  . GLU B 2 34  ? -2.550  -0.055  -9.238  1.00 63.73 ? 48  GLU B CB  1 
ATOM   1066 C  CG  . GLU B 2 34  ? -2.230  -1.519  -9.479  1.00 64.23 ? 48  GLU B CG  1 
ATOM   1067 C  CD  . GLU B 2 34  ? -1.240  -1.717  -10.605 1.00 64.74 ? 48  GLU B CD  1 
ATOM   1068 O  OE1 . GLU B 2 34  ? -0.136  -1.140  -10.523 1.00 65.21 ? 48  GLU B OE1 1 
ATOM   1069 O  OE2 . GLU B 2 34  ? -1.562  -2.445  -11.568 1.00 65.33 ? 48  GLU B OE2 1 
ATOM   1070 N  N   . LEU B 2 35  ? -3.726  2.846   -10.678 1.00 62.42 ? 49  LEU B N   1 
ATOM   1071 C  CA  . LEU B 2 35  ? -4.042  4.253   -10.491 1.00 61.87 ? 49  LEU B CA  1 
ATOM   1072 C  C   . LEU B 2 35  ? -5.377  4.608   -11.129 1.00 61.73 ? 49  LEU B C   1 
ATOM   1073 O  O   . LEU B 2 35  ? -5.840  5.744   -11.016 1.00 61.83 ? 49  LEU B O   1 
ATOM   1074 C  CB  . LEU B 2 35  ? -2.937  5.134   -11.069 1.00 61.67 ? 49  LEU B CB  1 
ATOM   1075 C  CG  . LEU B 2 35  ? -1.516  4.916   -10.560 1.00 61.02 ? 49  LEU B CG  1 
ATOM   1076 C  CD1 . LEU B 2 35  ? -0.590  5.897   -11.243 1.00 60.72 ? 49  LEU B CD1 1 
ATOM   1077 C  CD2 . LEU B 2 35  ? -1.433  5.059   -9.052  1.00 60.36 ? 49  LEU B CD2 1 
ATOM   1078 N  N   . MET B 2 36  ? -5.986  3.639   -11.809 1.00 61.59 ? 50  MET B N   1 
ATOM   1079 C  CA  . MET B 2 36  ? -7.278  3.852   -12.462 1.00 61.56 ? 50  MET B CA  1 
ATOM   1080 C  C   . MET B 2 36  ? -8.400  3.289   -11.604 1.00 61.06 ? 50  MET B C   1 
ATOM   1081 O  O   . MET B 2 36  ? -8.289  2.191   -11.053 1.00 61.12 ? 50  MET B O   1 
ATOM   1082 C  CB  . MET B 2 36  ? -7.321  3.214   -13.859 1.00 61.90 ? 50  MET B CB  1 
ATOM   1083 C  CG  . MET B 2 36  ? -6.094  3.477   -14.757 1.00 63.46 ? 50  MET B CG  1 
ATOM   1084 S  SD  . MET B 2 36  ? -5.891  5.179   -15.350 1.00 66.07 ? 50  MET B SD  1 
ATOM   1085 C  CE  . MET B 2 36  ? -7.284  5.334   -16.471 1.00 66.00 ? 50  MET B CE  1 
ATOM   1086 N  N   . CYS B 2 37  ? -9.484  4.045   -11.497 1.00 60.37 ? 51  CYS B N   1 
ATOM   1087 C  CA  . CYS B 2 37  ? -10.653 3.621   -10.738 1.00 59.87 ? 51  CYS B CA  1 
ATOM   1088 C  C   . CYS B 2 37  ? -11.486 2.577   -11.490 1.00 59.42 ? 51  CYS B C   1 
ATOM   1089 O  O   . CYS B 2 37  ? -11.774 2.756   -12.664 1.00 59.37 ? 51  CYS B O   1 
ATOM   1090 C  CB  . CYS B 2 37  ? -11.494 4.840   -10.401 1.00 59.94 ? 51  CYS B CB  1 
ATOM   1091 S  SG  . CYS B 2 37  ? -13.152 4.501   -9.819  1.00 59.59 ? 51  CYS B SG  1 
ATOM   1092 N  N   . PRO B 2 38  ? -11.872 1.479   -10.807 1.00 59.16 ? 52  PRO B N   1 
ATOM   1093 C  CA  . PRO B 2 38  ? -12.610 0.357   -11.407 1.00 59.08 ? 52  PRO B CA  1 
ATOM   1094 C  C   . PRO B 2 38  ? -13.995 0.717   -11.939 1.00 59.20 ? 52  PRO B C   1 
ATOM   1095 O  O   . PRO B 2 38  ? -14.486 0.069   -12.870 1.00 59.25 ? 52  PRO B O   1 
ATOM   1096 C  CB  . PRO B 2 38  ? -12.753 -0.633  -10.243 1.00 59.19 ? 52  PRO B CB  1 
ATOM   1097 C  CG  . PRO B 2 38  ? -11.700 -0.240  -9.258  1.00 59.01 ? 52  PRO B CG  1 
ATOM   1098 C  CD  . PRO B 2 38  ? -11.588 1.241   -9.379  1.00 59.14 ? 52  PRO B CD  1 
ATOM   1099 N  N   . ILE B 2 39  ? -14.616 1.735   -11.346 1.00 59.13 ? 53  ILE B N   1 
ATOM   1100 C  CA  . ILE B 2 39  ? -15.939 2.184   -11.745 1.00 59.00 ? 53  ILE B CA  1 
ATOM   1101 C  C   . ILE B 2 39  ? -15.872 2.938   -13.067 1.00 59.17 ? 53  ILE B C   1 
ATOM   1102 O  O   . ILE B 2 39  ? -16.401 2.476   -14.074 1.00 59.03 ? 53  ILE B O   1 
ATOM   1103 C  CB  . ILE B 2 39  ? -16.581 3.092   -10.665 1.00 59.01 ? 53  ILE B CB  1 
ATOM   1104 C  CG1 . ILE B 2 39  ? -16.326 2.544   -9.250  1.00 59.12 ? 53  ILE B CG1 1 
ATOM   1105 C  CG2 . ILE B 2 39  ? -18.065 3.312   -10.942 1.00 58.49 ? 53  ILE B CG2 1 
ATOM   1106 C  CD1 . ILE B 2 39  ? -17.115 1.312   -8.878  1.00 59.07 ? 53  ILE B CD1 1 
ATOM   1107 N  N   . CYS B 2 40  ? -15.200 4.087   -13.052 1.00 59.48 ? 54  CYS B N   1 
ATOM   1108 C  CA  . CYS B 2 40  ? -15.212 5.026   -14.174 1.00 59.77 ? 54  CYS B CA  1 
ATOM   1109 C  C   . CYS B 2 40  ? -14.046 4.840   -15.150 1.00 59.80 ? 54  CYS B C   1 
ATOM   1110 O  O   . CYS B 2 40  ? -14.036 5.430   -16.237 1.00 59.75 ? 54  CYS B O   1 
ATOM   1111 C  CB  . CYS B 2 40  ? -15.230 6.466   -13.647 1.00 60.02 ? 54  CYS B CB  1 
ATOM   1112 S  SG  . CYS B 2 40  ? -13.755 6.941   -12.687 1.00 60.20 ? 54  CYS B SG  1 
ATOM   1113 N  N   . LEU B 2 41  ? -13.077 4.015   -14.760 1.00 59.76 ? 55  LEU B N   1 
ATOM   1114 C  CA  . LEU B 2 41  ? -11.830 3.824   -15.524 1.00 59.86 ? 55  LEU B CA  1 
ATOM   1115 C  C   . LEU B 2 41  ? -11.089 5.140   -15.828 1.00 59.86 ? 55  LEU B C   1 
ATOM   1116 O  O   . LEU B 2 41  ? -10.624 5.373   -16.943 1.00 60.00 ? 55  LEU B O   1 
ATOM   1117 C  CB  . LEU B 2 41  ? -12.052 2.959   -16.778 1.00 59.73 ? 55  LEU B CB  1 
ATOM   1118 C  CG  . LEU B 2 41  ? -12.036 1.441   -16.548 1.00 59.66 ? 55  LEU B CG  1 
ATOM   1119 C  CD1 . LEU B 2 41  ? -13.374 0.923   -16.012 1.00 59.62 ? 55  LEU B CD1 1 
ATOM   1120 C  CD2 . LEU B 2 41  ? -11.650 0.704   -17.824 1.00 60.03 ? 55  LEU B CD2 1 
ATOM   1121 N  N   . ASP B 2 42  ? -10.993 5.987   -14.807 1.00 59.85 ? 56  ASP B N   1 
ATOM   1122 C  CA  . ASP B 2 42  ? -10.206 7.212   -14.855 1.00 59.85 ? 56  ASP B CA  1 
ATOM   1123 C  C   . ASP B 2 42  ? -9.141  7.176   -13.780 1.00 59.43 ? 56  ASP B C   1 
ATOM   1124 O  O   . ASP B 2 42  ? -9.205  6.367   -12.855 1.00 59.40 ? 56  ASP B O   1 
ATOM   1125 C  CB  . ASP B 2 42  ? -11.088 8.433   -14.587 1.00 60.06 ? 56  ASP B CB  1 
ATOM   1126 C  CG  . ASP B 2 42  ? -11.743 8.966   -15.829 1.00 61.16 ? 56  ASP B CG  1 
ATOM   1127 O  OD1 . ASP B 2 42  ? -11.584 8.347   -16.906 1.00 63.21 ? 56  ASP B OD1 1 
ATOM   1128 O  OD2 . ASP B 2 42  ? -12.421 10.014  -15.728 1.00 61.66 ? 56  ASP B OD2 1 
ATOM   1129 N  N   . MET B 2 43  ? -8.169  8.073   -13.905 1.00 59.06 ? 57  MET B N   1 
ATOM   1130 C  CA  . MET B 2 43  ? -7.292  8.403   -12.804 1.00 58.65 ? 57  MET B CA  1 
ATOM   1131 C  C   . MET B 2 43  ? -8.130  8.556   -11.551 1.00 58.17 ? 57  MET B C   1 
ATOM   1132 O  O   . MET B 2 43  ? -9.021  9.411   -11.496 1.00 58.32 ? 57  MET B O   1 
ATOM   1133 C  CB  . MET B 2 43  ? -6.557  9.712   -13.088 1.00 58.93 ? 57  MET B CB  1 
ATOM   1134 C  CG  . MET B 2 43  ? -5.329  9.526   -13.932 1.00 59.42 ? 57  MET B CG  1 
ATOM   1135 S  SD  . MET B 2 43  ? -4.229  8.372   -13.102 1.00 61.49 ? 57  MET B SD  1 
ATOM   1136 C  CE  . MET B 2 43  ? -3.323  7.701   -14.499 1.00 60.77 ? 57  MET B CE  1 
ATOM   1137 N  N   . LEU B 2 44  ? -7.870  7.702   -10.566 1.00 57.27 ? 58  LEU B N   1 
ATOM   1138 C  CA  . LEU B 2 44  ? -8.466  7.851   -9.244  1.00 56.63 ? 58  LEU B CA  1 
ATOM   1139 C  C   . LEU B 2 44  ? -8.372  9.308   -8.794  1.00 56.67 ? 58  LEU B C   1 
ATOM   1140 O  O   . LEU B 2 44  ? -7.323  9.941   -8.915  1.00 56.84 ? 58  LEU B O   1 
ATOM   1141 C  CB  . LEU B 2 44  ? -7.753  6.954   -8.227  1.00 56.23 ? 58  LEU B CB  1 
ATOM   1142 C  CG  . LEU B 2 44  ? -7.925  5.437   -8.311  1.00 54.91 ? 58  LEU B CG  1 
ATOM   1143 C  CD1 . LEU B 2 44  ? -6.711  4.753   -7.745  1.00 53.92 ? 58  LEU B CD1 1 
ATOM   1144 C  CD2 . LEU B 2 44  ? -9.166  4.989   -7.581  1.00 52.86 ? 58  LEU B CD2 1 
ATOM   1145 N  N   . LYS B 2 45  ? -9.479  9.840   -8.296  1.00 56.51 ? 59  LYS B N   1 
ATOM   1146 C  CA  . LYS B 2 45  ? -9.524  11.219  -7.819  1.00 56.42 ? 59  LYS B CA  1 
ATOM   1147 C  C   . LYS B 2 45  ? -10.226 11.213  -6.471  1.00 56.02 ? 59  LYS B C   1 
ATOM   1148 O  O   . LYS B 2 45  ? -11.247 10.547  -6.319  1.00 56.08 ? 59  LYS B O   1 
ATOM   1149 C  CB  . LYS B 2 45  ? -10.253 12.115  -8.831  1.00 56.52 ? 59  LYS B CB  1 
ATOM   1150 C  CG  . LYS B 2 45  ? -11.614 11.580  -9.261  1.00 57.23 ? 59  LYS B CG  1 
ATOM   1151 C  CD  . LYS B 2 45  ? -12.006 12.003  -10.672 1.00 58.10 ? 59  LYS B CD  1 
ATOM   1152 C  CE  . LYS B 2 45  ? -13.241 11.230  -11.137 1.00 58.22 ? 59  LYS B CE  1 
ATOM   1153 N  NZ  . LYS B 2 45  ? -14.460 11.522  -10.305 1.00 58.36 ? 59  LYS B NZ  1 
ATOM   1154 N  N   . ASN B 2 46  ? -9.672  11.937  -5.496  1.00 55.52 ? 60  ASN B N   1 
ATOM   1155 C  CA  . ASN B 2 46  ? -10.156 11.893  -4.106  1.00 54.93 ? 60  ASN B CA  1 
ATOM   1156 C  C   . ASN B 2 46  ? -10.411 10.457  -3.674  1.00 54.56 ? 60  ASN B C   1 
ATOM   1157 O  O   . ASN B 2 46  ? -11.552 10.055  -3.445  1.00 54.46 ? 60  ASN B O   1 
ATOM   1158 C  CB  . ASN B 2 46  ? -11.422 12.737  -3.935  1.00 54.93 ? 60  ASN B CB  1 
ATOM   1159 C  CG  . ASN B 2 46  ? -11.263 14.123  -4.490  1.00 54.74 ? 60  ASN B CG  1 
ATOM   1160 O  OD1 . ASN B 2 46  ? -10.708 15.003  -3.836  1.00 54.79 ? 60  ASN B OD1 1 
ATOM   1161 N  ND2 . ASN B 2 46  ? -11.739 14.328  -5.712  1.00 54.97 ? 60  ASN B ND2 1 
ATOM   1162 N  N   . THR B 2 47  ? -9.329  9.693   -3.582  1.00 54.20 ? 61  THR B N   1 
ATOM   1163 C  CA  . THR B 2 47  ? -9.391  8.250   -3.390  1.00 53.71 ? 61  THR B CA  1 
ATOM   1164 C  C   . THR B 2 47  ? -10.003 7.858   -2.056  1.00 53.56 ? 61  THR B C   1 
ATOM   1165 O  O   . THR B 2 47  ? -9.548  8.294   -0.992  1.00 53.45 ? 61  THR B O   1 
ATOM   1166 C  CB  . THR B 2 47  ? -7.996  7.619   -3.534  1.00 53.68 ? 61  THR B CB  1 
ATOM   1167 O  OG1 . THR B 2 47  ? -7.434  8.008   -4.791  1.00 53.57 ? 61  THR B OG1 1 
ATOM   1168 C  CG2 . THR B 2 47  ? -8.080  6.104   -3.472  1.00 53.74 ? 61  THR B CG2 1 
ATOM   1169 N  N   . MET B 2 48  ? -11.062 7.057   -2.140  1.00 53.32 ? 62  MET B N   1 
ATOM   1170 C  CA  . MET B 2 48  ? -11.642 6.394   -0.989  1.00 53.23 ? 62  MET B CA  1 
ATOM   1171 C  C   . MET B 2 48  ? -11.158 4.955   -0.976  1.00 52.70 ? 62  MET B C   1 
ATOM   1172 O  O   . MET B 2 48  ? -11.021 4.326   -2.029  1.00 52.81 ? 62  MET B O   1 
ATOM   1173 C  CB  . MET B 2 48  ? -13.162 6.389   -1.072  1.00 53.64 ? 62  MET B CB  1 
ATOM   1174 C  CG  . MET B 2 48  ? -13.837 7.735   -0.941  1.00 55.48 ? 62  MET B CG  1 
ATOM   1175 S  SD  . MET B 2 48  ? -13.778 8.438   0.715   1.00 60.65 ? 62  MET B SD  1 
ATOM   1176 C  CE  . MET B 2 48  ? -12.589 9.758   0.461   1.00 60.35 ? 62  MET B CE  1 
ATOM   1177 N  N   . THR B 2 49  ? -10.914 4.426   0.215   1.00 52.02 ? 63  THR B N   1 
ATOM   1178 C  CA  . THR B 2 49  ? -10.481 3.050   0.345   1.00 51.47 ? 63  THR B CA  1 
ATOM   1179 C  C   . THR B 2 49  ? -11.358 2.311   1.334   1.00 51.12 ? 63  THR B C   1 
ATOM   1180 O  O   . THR B 2 49  ? -11.623 2.801   2.429   1.00 50.93 ? 63  THR B O   1 
ATOM   1181 C  CB  . THR B 2 49  ? -9.013  2.974   0.782   1.00 51.44 ? 63  THR B CB  1 
ATOM   1182 O  OG1 . THR B 2 49  ? -8.239  3.835   -0.052  1.00 52.39 ? 63  THR B OG1 1 
ATOM   1183 C  CG2 . THR B 2 49  ? -8.465  1.558   0.659   1.00 51.16 ? 63  THR B CG2 1 
ATOM   1184 N  N   . THR B 2 50  ? -11.803 1.125   0.932   1.00 51.02 ? 64  THR B N   1 
ATOM   1185 C  CA  . THR B 2 50  ? -12.565 0.239   1.805   1.00 50.95 ? 64  THR B CA  1 
ATOM   1186 C  C   . THR B 2 50  ? -11.670 -0.274  2.936   1.00 51.10 ? 64  THR B C   1 
ATOM   1187 O  O   . THR B 2 50  ? -10.570 -0.761  2.692   1.00 51.48 ? 64  THR B O   1 
ATOM   1188 C  CB  . THR B 2 50  ? -13.145 -0.948  1.014   1.00 50.73 ? 64  THR B CB  1 
ATOM   1189 O  OG1 . THR B 2 50  ? -12.072 -1.739  0.496   1.00 50.43 ? 64  THR B OG1 1 
ATOM   1190 C  CG2 . THR B 2 50  ? -14.005 -0.454  -0.149  1.00 50.03 ? 64  THR B CG2 1 
ATOM   1191 N  N   . LYS B 2 51  ? -12.135 -0.136  4.172   1.00 51.26 ? 65  LYS B N   1 
ATOM   1192 C  CA  . LYS B 2 51  ? -11.408 -0.626  5.336   1.00 51.77 ? 65  LYS B CA  1 
ATOM   1193 C  C   . LYS B 2 51  ? -11.053 -2.115  5.234   1.00 51.74 ? 65  LYS B C   1 
ATOM   1194 O  O   . LYS B 2 51  ? -9.888  -2.484  5.343   1.00 51.81 ? 65  LYS B O   1 
ATOM   1195 C  CB  . LYS B 2 51  ? -12.210 -0.368  6.618   1.00 51.97 ? 65  LYS B CB  1 
ATOM   1196 C  CG  . LYS B 2 51  ? -12.173 1.071   7.138   1.00 52.31 ? 65  LYS B CG  1 
ATOM   1197 C  CD  . LYS B 2 51  ? -12.621 1.133   8.608   1.00 52.45 ? 65  LYS B CD  1 
ATOM   1198 C  CE  . LYS B 2 51  ? -12.285 2.485   9.238   1.00 54.48 ? 65  LYS B CE  1 
ATOM   1199 N  NZ  . LYS B 2 51  ? -12.277 2.468   10.734  1.00 54.29 ? 65  LYS B NZ  1 
ATOM   1200 N  N   . GLU B 2 52  ? -12.054 -2.958  5.003   1.00 51.86 ? 66  GLU B N   1 
ATOM   1201 C  CA  . GLU B 2 52  ? -11.880 -4.413  5.086   1.00 52.16 ? 66  GLU B CA  1 
ATOM   1202 C  C   . GLU B 2 52  ? -10.988 -5.038  4.007   1.00 51.79 ? 66  GLU B C   1 
ATOM   1203 O  O   . GLU B 2 52  ? -10.216 -5.959  4.297   1.00 51.63 ? 66  GLU B O   1 
ATOM   1204 C  CB  . GLU B 2 52  ? -13.246 -5.123  5.121   1.00 52.64 ? 66  GLU B CB  1 
ATOM   1205 C  CG  . GLU B 2 52  ? -13.999 -5.008  6.460   1.00 54.06 ? 66  GLU B CG  1 
ATOM   1206 C  CD  . GLU B 2 52  ? -13.424 -5.903  7.561   1.00 55.90 ? 66  GLU B CD  1 
ATOM   1207 O  OE1 . GLU B 2 52  ? -13.708 -7.126  7.547   1.00 57.05 ? 66  GLU B OE1 1 
ATOM   1208 O  OE2 . GLU B 2 52  ? -12.712 -5.378  8.451   1.00 55.30 ? 66  GLU B OE2 1 
ATOM   1209 N  N   . CYS B 2 53  ? -11.082 -4.525  2.782   1.00 51.42 ? 67  CYS B N   1 
ATOM   1210 C  CA  . CYS B 2 53  ? -10.493 -5.195  1.621   1.00 51.11 ? 67  CYS B CA  1 
ATOM   1211 C  C   . CYS B 2 53  ? -9.500  -4.354  0.808   1.00 50.62 ? 67  CYS B C   1 
ATOM   1212 O  O   . CYS B 2 53  ? -8.860  -4.865  -0.119  1.00 50.62 ? 67  CYS B O   1 
ATOM   1213 C  CB  . CYS B 2 53  ? -11.600 -5.779  0.722   1.00 51.96 ? 67  CYS B CB  1 
ATOM   1214 S  SG  . CYS B 2 53  ? -12.971 -4.658  0.246   1.00 52.14 ? 67  CYS B SG  1 
ATOM   1215 N  N   . LEU B 2 54  ? -9.376  -3.074  1.165   1.00 49.64 ? 68  LEU B N   1 
ATOM   1216 C  CA  . LEU B 2 54  ? -8.389  -2.153  0.576   1.00 48.63 ? 68  LEU B CA  1 
ATOM   1217 C  C   . LEU B 2 54  ? -8.514  -1.953  -0.928  1.00 48.21 ? 68  LEU B C   1 
ATOM   1218 O  O   . LEU B 2 54  ? -7.513  -1.927  -1.657  1.00 48.22 ? 68  LEU B O   1 
ATOM   1219 C  CB  . LEU B 2 54  ? -6.947  -2.549  0.934   1.00 48.27 ? 68  LEU B CB  1 
ATOM   1220 C  CG  . LEU B 2 54  ? -6.480  -2.480  2.385   1.00 47.25 ? 68  LEU B CG  1 
ATOM   1221 C  CD1 . LEU B 2 54  ? -5.024  -2.883  2.441   1.00 46.23 ? 68  LEU B CD1 1 
ATOM   1222 C  CD2 . LEU B 2 54  ? -6.696  -1.098  2.998   1.00 45.82 ? 68  LEU B CD2 1 
ATOM   1223 N  N   . HIS B 2 55  ? -9.743  -1.797  -1.393  1.00 47.65 ? 69  HIS B N   1 
ATOM   1224 C  CA  . HIS B 2 55  ? -9.953  -1.462  -2.791  1.00 47.11 ? 69  HIS B CA  1 
ATOM   1225 C  C   . HIS B 2 55  ? -10.237 0.019   -2.916  1.00 46.48 ? 69  HIS B C   1 
ATOM   1226 O  O   . HIS B 2 55  ? -10.902 0.618   -2.066  1.00 46.46 ? 69  HIS B O   1 
ATOM   1227 C  CB  . HIS B 2 55  ? -11.019 -2.357  -3.415  1.00 47.36 ? 69  HIS B CB  1 
ATOM   1228 C  CG  . HIS B 2 55  ? -10.606 -3.799  -3.483  1.00 48.78 ? 69  HIS B CG  1 
ATOM   1229 N  ND1 . HIS B 2 55  ? -11.432 -4.837  -3.102  1.00 52.43 ? 69  HIS B ND1 1 
ATOM   1230 C  CD2 . HIS B 2 55  ? -9.430  -4.367  -3.847  1.00 47.91 ? 69  HIS B CD2 1 
ATOM   1231 C  CE1 . HIS B 2 55  ? -10.786 -5.981  -3.248  1.00 50.05 ? 69  HIS B CE1 1 
ATOM   1232 N  NE2 . HIS B 2 55  ? -9.570  -5.723  -3.697  1.00 48.42 ? 69  HIS B NE2 1 
ATOM   1233 N  N   . ARG B 2 56  ? -9.673  0.622   -3.952  1.00 45.76 ? 70  ARG B N   1 
ATOM   1234 C  CA  . ARG B 2 56  ? -9.681  2.066   -4.077  1.00 45.50 ? 70  ARG B CA  1 
ATOM   1235 C  C   . ARG B 2 56  ? -10.559 2.576   -5.211  1.00 45.30 ? 70  ARG B C   1 
ATOM   1236 O  O   . ARG B 2 56  ? -10.564 2.016   -6.306  1.00 45.23 ? 70  ARG B O   1 
ATOM   1237 C  CB  . ARG B 2 56  ? -8.248  2.569   -4.206  1.00 45.66 ? 70  ARG B CB  1 
ATOM   1238 C  CG  . ARG B 2 56  ? -7.474  2.407   -2.921  1.00 45.78 ? 70  ARG B CG  1 
ATOM   1239 C  CD  . ARG B 2 56  ? -6.024  2.664   -3.116  1.00 47.31 ? 70  ARG B CD  1 
ATOM   1240 N  NE  . ARG B 2 56  ? -5.287  2.479   -1.871  1.00 49.24 ? 70  ARG B NE  1 
ATOM   1241 C  CZ  . ARG B 2 56  ? -4.840  1.307   -1.422  1.00 50.41 ? 70  ARG B CZ  1 
ATOM   1242 N  NH1 . ARG B 2 56  ? -5.067  0.184   -2.099  1.00 50.33 ? 70  ARG B NH1 1 
ATOM   1243 N  NH2 . ARG B 2 56  ? -4.170  1.257   -0.282  1.00 51.08 ? 70  ARG B NH2 1 
ATOM   1244 N  N   . PHE B 2 57  ? -11.310 3.637   -4.923  1.00 45.10 ? 71  PHE B N   1 
ATOM   1245 C  CA  . PHE B 2 57  ? -12.238 4.243   -5.877  1.00 45.08 ? 71  PHE B CA  1 
ATOM   1246 C  C   . PHE B 2 57  ? -12.158 5.735   -5.709  1.00 45.78 ? 71  PHE B C   1 
ATOM   1247 O  O   . PHE B 2 57  ? -11.712 6.218   -4.665  1.00 45.81 ? 71  PHE B O   1 
ATOM   1248 C  CB  . PHE B 2 57  ? -13.684 3.831   -5.593  1.00 44.41 ? 71  PHE B CB  1 
ATOM   1249 C  CG  . PHE B 2 57  ? -13.868 2.372   -5.329  1.00 43.23 ? 71  PHE B CG  1 
ATOM   1250 C  CD1 . PHE B 2 57  ? -13.754 1.870   -4.037  1.00 41.95 ? 71  PHE B CD1 1 
ATOM   1251 C  CD2 . PHE B 2 57  ? -14.170 1.501   -6.368  1.00 42.23 ? 71  PHE B CD2 1 
ATOM   1252 C  CE1 . PHE B 2 57  ? -13.924 0.520   -3.778  1.00 41.84 ? 71  PHE B CE1 1 
ATOM   1253 C  CE2 . PHE B 2 57  ? -14.349 0.145   -6.123  1.00 42.73 ? 71  PHE B CE2 1 
ATOM   1254 C  CZ  . PHE B 2 57  ? -14.220 -0.347  -4.818  1.00 42.91 ? 71  PHE B CZ  1 
ATOM   1255 N  N   . CYS B 2 58  ? -12.602 6.470   -6.722  1.00 46.74 ? 72  CYS B N   1 
ATOM   1256 C  CA  . CYS B 2 58  ? -12.857 7.892   -6.553  1.00 48.09 ? 72  CYS B CA  1 
ATOM   1257 C  C   . CYS B 2 58  ? -13.985 8.049   -5.550  1.00 47.98 ? 72  CYS B C   1 
ATOM   1258 O  O   . CYS B 2 58  ? -14.930 7.253   -5.554  1.00 47.65 ? 72  CYS B O   1 
ATOM   1259 C  CB  . CYS B 2 58  ? -13.298 8.529   -7.864  1.00 48.93 ? 72  CYS B CB  1 
ATOM   1260 S  SG  . CYS B 2 58  ? -12.523 7.868   -9.337  1.00 53.04 ? 72  CYS B SG  1 
ATOM   1261 N  N   . ALA B 2 59  ? -13.882 9.063   -4.693  1.00 48.36 ? 73  ALA B N   1 
ATOM   1262 C  CA  . ALA B 2 59  ? -14.949 9.396   -3.747  1.00 48.70 ? 73  ALA B CA  1 
ATOM   1263 C  C   . ALA B 2 59  ? -16.288 9.450   -4.476  1.00 49.09 ? 73  ALA B C   1 
ATOM   1264 O  O   . ALA B 2 59  ? -17.244 8.769   -4.091  1.00 49.07 ? 73  ALA B O   1 
ATOM   1265 C  CB  . ALA B 2 59  ? -14.656 10.723  -3.042  1.00 48.72 ? 73  ALA B CB  1 
ATOM   1266 N  N   . ASP B 2 60  ? -16.327 10.234  -5.552  1.00 49.69 ? 74  ASP B N   1 
ATOM   1267 C  CA  . ASP B 2 60  ? -17.499 10.358  -6.416  1.00 50.42 ? 74  ASP B CA  1 
ATOM   1268 C  C   . ASP B 2 60  ? -18.181 9.012   -6.690  1.00 49.73 ? 74  ASP B C   1 
ATOM   1269 O  O   . ASP B 2 60  ? -19.378 8.860   -6.444  1.00 49.91 ? 74  ASP B O   1 
ATOM   1270 C  CB  . ASP B 2 60  ? -17.106 11.061  -7.732  1.00 51.25 ? 74  ASP B CB  1 
ATOM   1271 C  CG  . ASP B 2 60  ? -18.199 10.980  -8.822  1.00 54.50 ? 74  ASP B CG  1 
ATOM   1272 O  OD1 . ASP B 2 60  ? -19.417 10.969  -8.496  1.00 57.72 ? 74  ASP B OD1 1 
ATOM   1273 O  OD2 . ASP B 2 60  ? -17.829 10.956  -10.026 1.00 57.50 ? 74  ASP B OD2 1 
ATOM   1274 N  N   . CYS B 2 61  ? -17.408 8.042   -7.169  1.00 48.93 ? 75  CYS B N   1 
ATOM   1275 C  CA  . CYS B 2 61  ? -17.950 6.779   -7.663  1.00 48.21 ? 75  CYS B CA  1 
ATOM   1276 C  C   . CYS B 2 61  ? -18.415 5.818   -6.589  1.00 46.81 ? 75  CYS B C   1 
ATOM   1277 O  O   . CYS B 2 61  ? -19.386 5.092   -6.793  1.00 46.53 ? 75  CYS B O   1 
ATOM   1278 C  CB  . CYS B 2 61  ? -16.923 6.079   -8.543  1.00 48.98 ? 75  CYS B CB  1 
ATOM   1279 S  SG  . CYS B 2 61  ? -16.389 7.063   -9.938  1.00 51.60 ? 75  CYS B SG  1 
ATOM   1280 N  N   . ILE B 2 62  ? -17.719 5.796   -5.457  1.00 45.33 ? 76  ILE B N   1 
ATOM   1281 C  CA  . ILE B 2 62  ? -18.032 4.817   -4.424  1.00 44.13 ? 76  ILE B CA  1 
ATOM   1282 C  C   . ILE B 2 62  ? -19.207 5.270   -3.554  1.00 43.50 ? 76  ILE B C   1 
ATOM   1283 O  O   . ILE B 2 62  ? -20.000 4.445   -3.108  1.00 43.09 ? 76  ILE B O   1 
ATOM   1284 C  CB  . ILE B 2 62  ? -16.771 4.372   -3.590  1.00 43.98 ? 76  ILE B CB  1 
ATOM   1285 C  CG1 . ILE B 2 62  ? -17.069 3.135   -2.735  1.00 43.55 ? 76  ILE B CG1 1 
ATOM   1286 C  CG2 . ILE B 2 62  ? -16.260 5.488   -2.709  1.00 43.60 ? 76  ILE B CG2 1 
ATOM   1287 C  CD1 . ILE B 2 62  ? -17.487 1.914   -3.528  1.00 42.82 ? 76  ILE B CD1 1 
ATOM   1288 N  N   . ILE B 2 63  ? -19.320 6.579   -3.342  1.00 43.00 ? 77  ILE B N   1 
ATOM   1289 C  CA  . ILE B 2 63  ? -20.461 7.156   -2.636  1.00 42.65 ? 77  ILE B CA  1 
ATOM   1290 C  C   . ILE B 2 63  ? -21.744 6.879   -3.423  1.00 42.70 ? 77  ILE B C   1 
ATOM   1291 O  O   . ILE B 2 63  ? -22.737 6.432   -2.843  1.00 42.66 ? 77  ILE B O   1 
ATOM   1292 C  CB  . ILE B 2 63  ? -20.260 8.680   -2.357  1.00 42.51 ? 77  ILE B CB  1 
ATOM   1293 C  CG1 . ILE B 2 63  ? -19.102 8.913   -1.365  1.00 43.33 ? 77  ILE B CG1 1 
ATOM   1294 C  CG2 . ILE B 2 63  ? -21.540 9.350   -1.865  1.00 42.08 ? 77  ILE B CG2 1 
ATOM   1295 C  CD1 . ILE B 2 63  ? -19.256 8.271   0.025   1.00 42.52 ? 77  ILE B CD1 1 
ATOM   1296 N  N   . THR B 2 64  ? -21.697 7.112   -4.737  1.00 42.75 ? 78  THR B N   1 
ATOM   1297 C  CA  . THR B 2 64  ? -22.815 6.830   -5.656  1.00 43.01 ? 78  THR B CA  1 
ATOM   1298 C  C   . THR B 2 64  ? -23.280 5.378   -5.606  1.00 43.10 ? 78  THR B C   1 
ATOM   1299 O  O   . THR B 2 64  ? -24.486 5.105   -5.567  1.00 43.11 ? 78  THR B O   1 
ATOM   1300 C  CB  . THR B 2 64  ? -22.457 7.170   -7.131  1.00 43.03 ? 78  THR B CB  1 
ATOM   1301 O  OG1 . THR B 2 64  ? -22.126 8.559   -7.243  1.00 43.78 ? 78  THR B OG1 1 
ATOM   1302 C  CG2 . THR B 2 64  ? -23.622 6.851   -8.072  1.00 42.50 ? 78  THR B CG2 1 
ATOM   1303 N  N   . ALA B 2 65  ? -22.314 4.460   -5.621  1.00 43.09 ? 79  ALA B N   1 
ATOM   1304 C  CA  . ALA B 2 65  ? -22.584 3.031   -5.633  1.00 43.19 ? 79  ALA B CA  1 
ATOM   1305 C  C   . ALA B 2 65  ? -23.257 2.611   -4.332  1.00 43.17 ? 79  ALA B C   1 
ATOM   1306 O  O   . ALA B 2 65  ? -24.181 1.794   -4.333  1.00 43.42 ? 79  ALA B O   1 
ATOM   1307 C  CB  . ALA B 2 65  ? -21.285 2.245   -5.852  1.00 43.49 ? 79  ALA B CB  1 
ATOM   1308 N  N   . LEU B 2 66  ? -22.793 3.179   -3.223  1.00 42.94 ? 80  LEU B N   1 
ATOM   1309 C  CA  . LEU B 2 66  ? -23.392 2.896   -1.928  1.00 42.70 ? 80  LEU B CA  1 
ATOM   1310 C  C   . LEU B 2 66  ? -24.783 3.508   -1.841  1.00 42.29 ? 80  LEU B C   1 
ATOM   1311 O  O   . LEU B 2 66  ? -25.686 2.907   -1.256  1.00 42.39 ? 80  LEU B O   1 
ATOM   1312 C  CB  . LEU B 2 66  ? -22.498 3.394   -0.782  1.00 42.56 ? 80  LEU B CB  1 
ATOM   1313 C  CG  . LEU B 2 66  ? -21.110 2.743   -0.645  1.00 43.11 ? 80  LEU B CG  1 
ATOM   1314 C  CD1 . LEU B 2 66  ? -20.311 3.379   0.503   1.00 42.37 ? 80  LEU B CD1 1 
ATOM   1315 C  CD2 . LEU B 2 66  ? -21.184 1.217   -0.488  1.00 42.57 ? 80  LEU B CD2 1 
ATOM   1316 N  N   . ARG B 2 67  ? -24.941 4.689   -2.439  1.00 41.79 ? 81  ARG B N   1 
ATOM   1317 C  CA  . ARG B 2 67  ? -26.204 5.427   -2.428  1.00 41.48 ? 81  ARG B CA  1 
ATOM   1318 C  C   . ARG B 2 67  ? -27.294 4.744   -3.284  1.00 42.29 ? 81  ARG B C   1 
ATOM   1319 O  O   . ARG B 2 67  ? -28.485 4.966   -3.065  1.00 42.08 ? 81  ARG B O   1 
ATOM   1320 C  CB  . ARG B 2 67  ? -25.973 6.892   -2.842  1.00 40.62 ? 81  ARG B CB  1 
ATOM   1321 C  CG  . ARG B 2 67  ? -27.121 7.866   -2.530  1.00 38.54 ? 81  ARG B CG  1 
ATOM   1322 C  CD  . ARG B 2 67  ? -27.687 7.699   -1.117  1.00 33.09 ? 81  ARG B CD  1 
ATOM   1323 N  NE  . ARG B 2 67  ? -28.873 8.514   -0.857  1.00 29.19 ? 81  ARG B NE  1 
ATOM   1324 C  CZ  . ARG B 2 67  ? -30.120 8.187   -1.201  1.00 27.36 ? 81  ARG B CZ  1 
ATOM   1325 N  NH1 . ARG B 2 67  ? -30.373 7.054   -1.853  1.00 24.85 ? 81  ARG B NH1 1 
ATOM   1326 N  NH2 . ARG B 2 67  ? -31.124 8.998   -0.891  1.00 24.80 ? 81  ARG B NH2 1 
ATOM   1327 N  N   . SER B 2 68  ? -26.870 3.906   -4.232  1.00 43.23 ? 82  SER B N   1 
ATOM   1328 C  CA  . SER B 2 68  ? -27.761 3.084   -5.056  1.00 44.68 ? 82  SER B CA  1 
ATOM   1329 C  C   . SER B 2 68  ? -28.476 1.990   -4.271  1.00 45.39 ? 82  SER B C   1 
ATOM   1330 O  O   . SER B 2 68  ? -29.389 1.350   -4.791  1.00 44.99 ? 82  SER B O   1 
ATOM   1331 C  CB  . SER B 2 68  ? -26.979 2.436   -6.197  1.00 44.79 ? 82  SER B CB  1 
ATOM   1332 O  OG  . SER B 2 68  ? -26.716 3.372   -7.233  1.00 46.89 ? 82  SER B OG  1 
ATOM   1333 N  N   . GLY B 2 69  ? -28.050 1.772   -3.030  1.00 46.70 ? 83  GLY B N   1 
ATOM   1334 C  CA  . GLY B 2 69  ? -28.648 0.754   -2.168  1.00 48.64 ? 83  GLY B CA  1 
ATOM   1335 C  C   . GLY B 2 69  ? -27.889 -0.558  -2.171  1.00 50.05 ? 83  GLY B C   1 
ATOM   1336 O  O   . GLY B 2 69  ? -28.170 -1.444  -1.367  1.00 50.23 ? 83  GLY B O   1 
ATOM   1337 N  N   . ASN B 2 70  ? -26.929 -0.679  -3.083  1.00 51.58 ? 84  ASN B N   1 
ATOM   1338 C  CA  . ASN B 2 70  ? -26.093 -1.868  -3.195  1.00 53.29 ? 84  ASN B CA  1 
ATOM   1339 C  C   . ASN B 2 70  ? -24.936 -1.806  -2.186  1.00 54.00 ? 84  ASN B C   1 
ATOM   1340 O  O   . ASN B 2 70  ? -24.034 -0.972  -2.312  1.00 54.15 ? 84  ASN B O   1 
ATOM   1341 C  CB  . ASN B 2 70  ? -25.582 -1.994  -4.637  1.00 53.59 ? 84  ASN B CB  1 
ATOM   1342 C  CG  . ASN B 2 70  ? -24.859 -3.311  -4.906  1.00 55.12 ? 84  ASN B CG  1 
ATOM   1343 O  OD1 . ASN B 2 70  ? -25.446 -4.391  -4.822  1.00 56.84 ? 84  ASN B OD1 1 
ATOM   1344 N  ND2 . ASN B 2 70  ? -23.580 -3.218  -5.258  1.00 55.96 ? 84  ASN B ND2 1 
ATOM   1345 N  N   . LYS B 2 71  ? -24.972 -2.680  -1.178  1.00 55.05 ? 85  LYS B N   1 
ATOM   1346 C  CA  . LYS B 2 71  ? -23.989 -2.646  -0.083  1.00 55.91 ? 85  LYS B CA  1 
ATOM   1347 C  C   . LYS B 2 71  ? -22.708 -3.454  -0.322  1.00 56.51 ? 85  LYS B C   1 
ATOM   1348 O  O   . LYS B 2 71  ? -21.830 -3.468  0.531   1.00 57.00 ? 85  LYS B O   1 
ATOM   1349 C  CB  . LYS B 2 71  ? -24.627 -3.085  1.242   1.00 55.99 ? 85  LYS B CB  1 
ATOM   1350 C  CG  . LYS B 2 71  ? -25.504 -2.038  1.906   1.00 56.55 ? 85  LYS B CG  1 
ATOM   1351 C  CD  . LYS B 2 71  ? -26.970 -2.419  1.815   1.00 57.88 ? 85  LYS B CD  1 
ATOM   1352 C  CE  . LYS B 2 71  ? -27.862 -1.387  2.497   1.00 59.02 ? 85  LYS B CE  1 
ATOM   1353 N  NZ  . LYS B 2 71  ? -27.962 -0.116  1.715   1.00 59.05 ? 85  LYS B NZ  1 
ATOM   1354 N  N   . GLU B 2 72  ? -22.602 -4.135  -1.458  1.00 57.16 ? 86  GLU B N   1 
ATOM   1355 C  CA  . GLU B 2 72  ? -21.400 -4.908  -1.782  1.00 57.87 ? 86  GLU B CA  1 
ATOM   1356 C  C   . GLU B 2 72  ? -20.289 -4.014  -2.341  1.00 57.93 ? 86  GLU B C   1 
ATOM   1357 O  O   . GLU B 2 72  ? -20.558 -2.932  -2.880  1.00 58.13 ? 86  GLU B O   1 
ATOM   1358 C  CB  . GLU B 2 72  ? -21.726 -6.031  -2.775  1.00 57.91 ? 86  GLU B CB  1 
ATOM   1359 C  CG  . GLU B 2 72  ? -22.456 -5.543  -4.018  1.00 58.87 ? 86  GLU B CG  1 
ATOM   1360 C  CD  . GLU B 2 72  ? -22.495 -6.549  -5.157  1.00 59.05 ? 86  GLU B CD  1 
ATOM   1361 O  OE1 . GLU B 2 72  ? -23.149 -7.613  -5.019  1.00 60.27 ? 86  GLU B OE1 1 
ATOM   1362 O  OE2 . GLU B 2 72  ? -21.881 -6.260  -6.211  1.00 60.68 ? 86  GLU B OE2 1 
ATOM   1363 N  N   . CYS B 2 73  ? -19.042 -4.464  -2.201  1.00 57.86 ? 87  CYS B N   1 
ATOM   1364 C  CA  . CYS B 2 73  ? -17.897 -3.784  -2.800  1.00 57.95 ? 87  CYS B CA  1 
ATOM   1365 C  C   . CYS B 2 73  ? -17.858 -4.097  -4.305  1.00 58.14 ? 87  CYS B C   1 
ATOM   1366 O  O   . CYS B 2 73  ? -17.938 -5.256  -4.692  1.00 58.24 ? 87  CYS B O   1 
ATOM   1367 C  CB  . CYS B 2 73  ? -16.600 -4.207  -2.090  1.00 58.05 ? 87  CYS B CB  1 
ATOM   1368 S  SG  . CYS B 2 73  ? -15.033 -3.675  -2.846  1.00 57.33 ? 87  CYS B SG  1 
ATOM   1369 N  N   . PRO B 2 74  ? -17.761 -3.058  -5.159  1.00 58.50 ? 88  PRO B N   1 
ATOM   1370 C  CA  . PRO B 2 74  ? -17.770 -3.222  -6.621  1.00 58.81 ? 88  PRO B CA  1 
ATOM   1371 C  C   . PRO B 2 74  ? -16.622 -4.073  -7.162  1.00 59.37 ? 88  PRO B C   1 
ATOM   1372 O  O   . PRO B 2 74  ? -16.738 -4.634  -8.252  1.00 59.49 ? 88  PRO B O   1 
ATOM   1373 C  CB  . PRO B 2 74  ? -17.621 -1.793  -7.143  1.00 58.73 ? 88  PRO B CB  1 
ATOM   1374 C  CG  . PRO B 2 74  ? -18.025 -0.917  -6.017  1.00 58.76 ? 88  PRO B CG  1 
ATOM   1375 C  CD  . PRO B 2 74  ? -17.650 -1.641  -4.768  1.00 58.46 ? 88  PRO B CD  1 
ATOM   1376 N  N   . THR B 2 75  ? -15.524 -4.155  -6.413  1.00 59.87 ? 89  THR B N   1 
ATOM   1377 C  CA  . THR B 2 75  ? -14.385 -4.972  -6.817  1.00 60.37 ? 89  THR B CA  1 
ATOM   1378 C  C   . THR B 2 75  ? -14.555 -6.418  -6.370  1.00 60.69 ? 89  THR B C   1 
ATOM   1379 O  O   . THR B 2 75  ? -14.552 -7.320  -7.201  1.00 60.94 ? 89  THR B O   1 
ATOM   1380 C  CB  . THR B 2 75  ? -13.045 -4.398  -6.300  1.00 60.42 ? 89  THR B CB  1 
ATOM   1381 O  OG1 . THR B 2 75  ? -12.866 -3.071  -6.808  1.00 60.54 ? 89  THR B OG1 1 
ATOM   1382 C  CG2 . THR B 2 75  ? -11.864 -5.265  -6.743  1.00 60.72 ? 89  THR B CG2 1 
ATOM   1383 N  N   . CYS B 2 76  ? -14.723 -6.637  -5.068  1.00 61.23 ? 90  CYS B N   1 
ATOM   1384 C  CA  . CYS B 2 76  ? -14.694 -7.996  -4.514  1.00 61.78 ? 90  CYS B CA  1 
ATOM   1385 C  C   . CYS B 2 76  ? -16.042 -8.497  -3.981  1.00 62.22 ? 90  CYS B C   1 
ATOM   1386 O  O   . CYS B 2 76  ? -16.135 -9.622  -3.485  1.00 62.41 ? 90  CYS B O   1 
ATOM   1387 C  CB  . CYS B 2 76  ? -13.614 -8.117  -3.430  1.00 61.57 ? 90  CYS B CB  1 
ATOM   1388 S  SG  . CYS B 2 76  ? -14.048 -7.315  -1.885  1.00 60.96 ? 90  CYS B SG  1 
ATOM   1389 N  N   . ARG B 2 77  ? -17.071 -7.658  -4.066  1.00 62.67 ? 91  ARG B N   1 
ATOM   1390 C  CA  . ARG B 2 77  ? -18.441 -8.035  -3.692  1.00 63.18 ? 91  ARG B CA  1 
ATOM   1391 C  C   . ARG B 2 77  ? -18.639 -8.349  -2.202  1.00 63.36 ? 91  ARG B C   1 
ATOM   1392 O  O   . ARG B 2 77  ? -19.672 -8.901  -1.818  1.00 63.34 ? 91  ARG B O   1 
ATOM   1393 C  CB  . ARG B 2 77  ? -18.936 -9.203  -4.557  1.00 63.23 ? 91  ARG B CB  1 
ATOM   1394 C  CG  . ARG B 2 77  ? -20.325 -9.002  -5.139  1.00 63.83 ? 91  ARG B CG  1 
ATOM   1395 C  CD  . ARG B 2 77  ? -21.018 -10.320 -5.472  1.00 65.33 ? 91  ARG B CD  1 
ATOM   1396 N  NE  . ARG B 2 77  ? -20.118 -11.242 -6.168  1.00 66.16 ? 91  ARG B NE  1 
ATOM   1397 C  CZ  . ARG B 2 77  ? -20.458 -12.450 -6.607  1.00 66.46 ? 91  ARG B CZ  1 
ATOM   1398 N  NH1 . ARG B 2 77  ? -21.696 -12.905 -6.431  1.00 66.90 ? 91  ARG B NH1 1 
ATOM   1399 N  NH2 . ARG B 2 77  ? -19.557 -13.204 -7.231  1.00 66.08 ? 91  ARG B NH2 1 
ATOM   1400 N  N   . LYS B 2 78  ? -17.661 -8.001  -1.367  1.00 63.73 ? 92  LYS B N   1 
ATOM   1401 C  CA  . LYS B 2 78  ? -17.808 -8.176  0.078   1.00 64.21 ? 92  LYS B CA  1 
ATOM   1402 C  C   . LYS B 2 78  ? -18.628 -7.031  0.653   1.00 64.39 ? 92  LYS B C   1 
ATOM   1403 O  O   . LYS B 2 78  ? -18.493 -5.888  0.209   1.00 64.34 ? 92  LYS B O   1 
ATOM   1404 C  CB  . LYS B 2 78  ? -16.447 -8.274  0.780   1.00 64.45 ? 92  LYS B CB  1 
ATOM   1405 C  CG  . LYS B 2 78  ? -16.480 -9.057  2.109   1.00 65.25 ? 92  LYS B CG  1 
ATOM   1406 C  CD  . LYS B 2 78  ? -16.987 -10.501 1.908   1.00 66.21 ? 92  LYS B CD  1 
ATOM   1407 C  CE  . LYS B 2 78  ? -17.820 -10.987 3.092   1.00 66.44 ? 92  LYS B CE  1 
ATOM   1408 N  NZ  . LYS B 2 78  ? -18.830 -12.010 2.681   1.00 66.50 ? 92  LYS B NZ  1 
ATOM   1409 N  N   . LYS B 2 79  ? -19.471 -7.345  1.637   1.00 64.63 ? 93  LYS B N   1 
ATOM   1410 C  CA  . LYS B 2 79  ? -20.421 -6.374  2.199   1.00 64.98 ? 93  LYS B CA  1 
ATOM   1411 C  C   . LYS B 2 79  ? -19.765 -5.108  2.764   1.00 65.00 ? 93  LYS B C   1 
ATOM   1412 O  O   . LYS B 2 79  ? -18.599 -5.111  3.156   1.00 65.07 ? 93  LYS B O   1 
ATOM   1413 C  CB  . LYS B 2 79  ? -21.368 -7.023  3.235   1.00 65.01 ? 93  LYS B CB  1 
ATOM   1414 C  CG  . LYS B 2 79  ? -20.698 -7.735  4.425   1.00 65.50 ? 93  LYS B CG  1 
ATOM   1415 C  CD  . LYS B 2 79  ? -20.228 -6.775  5.533   1.00 65.42 ? 93  LYS B CD  1 
ATOM   1416 C  CE  . LYS B 2 79  ? -19.206 -7.453  6.463   1.00 65.19 ? 93  LYS B CE  1 
ATOM   1417 N  NZ  . LYS B 2 79  ? -18.197 -6.499  7.018   1.00 64.29 ? 93  LYS B NZ  1 
ATOM   1418 N  N   . LEU B 2 80  ? -20.537 -4.030  2.778   1.00 65.07 ? 94  LEU B N   1 
ATOM   1419 C  CA  . LEU B 2 80  ? -20.164 -2.795  3.446   1.00 65.25 ? 94  LEU B CA  1 
ATOM   1420 C  C   . LEU B 2 80  ? -21.414 -2.275  4.142   1.00 65.60 ? 94  LEU B C   1 
ATOM   1421 O  O   . LEU B 2 80  ? -22.471 -2.145  3.520   1.00 65.68 ? 94  LEU B O   1 
ATOM   1422 C  CB  . LEU B 2 80  ? -19.661 -1.754  2.437   1.00 65.08 ? 94  LEU B CB  1 
ATOM   1423 C  CG  . LEU B 2 80  ? -18.370 -1.973  1.643   1.00 64.65 ? 94  LEU B CG  1 
ATOM   1424 C  CD1 . LEU B 2 80  ? -18.309 -1.002  0.491   1.00 63.58 ? 94  LEU B CD1 1 
ATOM   1425 C  CD2 . LEU B 2 80  ? -17.132 -1.823  2.517   1.00 64.42 ? 94  LEU B CD2 1 
ATOM   1426 N  N   . VAL B 2 81  ? -21.311 -2.002  5.438   1.00 65.88 ? 95  VAL B N   1 
ATOM   1427 C  CA  . VAL B 2 81  ? -22.458 -1.479  6.165   1.00 66.11 ? 95  VAL B CA  1 
ATOM   1428 C  C   . VAL B 2 81  ? -22.783 -0.036  5.717   1.00 66.37 ? 95  VAL B C   1 
ATOM   1429 O  O   . VAL B 2 81  ? -23.941 0.273   5.432   1.00 66.41 ? 95  VAL B O   1 
ATOM   1430 C  CB  . VAL B 2 81  ? -22.315 -1.652  7.716   1.00 66.08 ? 95  VAL B CB  1 
ATOM   1431 C  CG1 . VAL B 2 81  ? -21.208 -0.764  8.305   1.00 66.27 ? 95  VAL B CG1 1 
ATOM   1432 C  CG2 . VAL B 2 81  ? -23.642 -1.407  8.415   1.00 66.19 ? 95  VAL B CG2 1 
ATOM   1433 N  N   . SER B 2 82  ? -21.759 0.816   5.615   1.00 66.57 ? 96  SER B N   1 
ATOM   1434 C  CA  . SER B 2 82  ? -21.948 2.244   5.314   1.00 66.62 ? 96  SER B CA  1 
ATOM   1435 C  C   . SER B 2 82  ? -20.677 2.924   4.782   1.00 66.63 ? 96  SER B C   1 
ATOM   1436 O  O   . SER B 2 82  ? -19.764 2.262   4.292   1.00 66.50 ? 96  SER B O   1 
ATOM   1437 C  CB  . SER B 2 82  ? -22.461 2.992   6.557   1.00 66.66 ? 96  SER B CB  1 
ATOM   1438 O  OG  . SER B 2 82  ? -21.416 3.223   7.492   1.00 66.67 ? 96  SER B OG  1 
ATOM   1439 N  N   . LYS B 2 83  ? -20.642 4.251   4.889   1.00 66.73 ? 97  LYS B N   1 
ATOM   1440 C  CA  . LYS B 2 83  ? -19.512 5.072   4.448   1.00 66.92 ? 97  LYS B CA  1 
ATOM   1441 C  C   . LYS B 2 83  ? -18.501 5.233   5.584   1.00 66.64 ? 97  LYS B C   1 
ATOM   1442 O  O   . LYS B 2 83  ? -17.415 5.793   5.404   1.00 66.57 ? 97  LYS B O   1 
ATOM   1443 C  CB  . LYS B 2 83  ? -20.013 6.437   3.961   1.00 67.11 ? 97  LYS B CB  1 
ATOM   1444 C  CG  . LYS B 2 83  ? -21.182 6.343   2.967   1.00 68.28 ? 97  LYS B CG  1 
ATOM   1445 C  CD  . LYS B 2 83  ? -22.068 7.591   2.997   1.00 69.86 ? 97  LYS B CD  1 
ATOM   1446 C  CE  . LYS B 2 83  ? -23.438 7.317   2.374   1.00 70.22 ? 97  LYS B CE  1 
ATOM   1447 N  NZ  . LYS B 2 83  ? -24.201 8.574   2.089   1.00 70.26 ? 97  LYS B NZ  1 
ATOM   1448 N  N   . ARG B 2 84  ? -18.875 4.736   6.759   1.00 66.44 ? 98  ARG B N   1 
ATOM   1449 C  CA  . ARG B 2 84  ? -17.950 4.588   7.875   1.00 66.35 ? 98  ARG B CA  1 
ATOM   1450 C  C   . ARG B 2 84  ? -17.059 3.367   7.602   1.00 65.98 ? 98  ARG B C   1 
ATOM   1451 O  O   . ARG B 2 84  ? -16.038 3.156   8.262   1.00 65.99 ? 98  ARG B O   1 
ATOM   1452 C  CB  . ARG B 2 84  ? -18.737 4.440   9.186   1.00 66.34 ? 98  ARG B CB  1 
ATOM   1453 C  CG  . ARG B 2 84  ? -17.906 4.222   10.456  1.00 67.42 ? 98  ARG B CG  1 
ATOM   1454 C  CD  . ARG B 2 84  ? -17.077 5.448   10.849  1.00 68.65 ? 98  ARG B CD  1 
ATOM   1455 N  NE  . ARG B 2 84  ? -16.397 5.249   12.130  1.00 69.40 ? 98  ARG B NE  1 
ATOM   1456 C  CZ  . ARG B 2 84  ? -15.157 4.780   12.269  1.00 69.64 ? 98  ARG B CZ  1 
ATOM   1457 N  NH1 . ARG B 2 84  ? -14.433 4.455   11.202  1.00 69.56 ? 98  ARG B NH1 1 
ATOM   1458 N  NH2 . ARG B 2 84  ? -14.639 4.638   13.483  1.00 69.04 ? 98  ARG B NH2 1 
ATOM   1459 N  N   . SER B 2 85  ? -17.455 2.580   6.605   1.00 65.59 ? 99  SER B N   1 
ATOM   1460 C  CA  . SER B 2 85  ? -16.708 1.397   6.191   1.00 65.32 ? 99  SER B CA  1 
ATOM   1461 C  C   . SER B 2 85  ? -15.590 1.713   5.184   1.00 65.06 ? 99  SER B C   1 
ATOM   1462 O  O   . SER B 2 85  ? -14.891 0.809   4.728   1.00 65.03 ? 99  SER B O   1 
ATOM   1463 C  CB  . SER B 2 85  ? -17.659 0.330   5.629   1.00 65.37 ? 99  SER B CB  1 
ATOM   1464 O  OG  . SER B 2 85  ? -18.603 -0.096  6.600   1.00 65.59 ? 99  SER B OG  1 
ATOM   1465 N  N   . LEU B 2 86  ? -15.427 2.990   4.837   1.00 64.83 ? 100 LEU B N   1 
ATOM   1466 C  CA  . LEU B 2 86  ? -14.301 3.432   4.002   1.00 64.63 ? 100 LEU B CA  1 
ATOM   1467 C  C   . LEU B 2 86  ? -13.583 4.687   4.523   1.00 64.44 ? 100 LEU B C   1 
ATOM   1468 O  O   . LEU B 2 86  ? -14.188 5.535   5.182   1.00 64.52 ? 100 LEU B O   1 
ATOM   1469 C  CB  . LEU B 2 86  ? -14.704 3.576   2.527   1.00 64.68 ? 100 LEU B CB  1 
ATOM   1470 C  CG  . LEU B 2 86  ? -16.070 4.132   2.129   1.00 64.76 ? 100 LEU B CG  1 
ATOM   1471 C  CD1 . LEU B 2 86  ? -16.019 5.646   1.982   1.00 64.98 ? 100 LEU B CD1 1 
ATOM   1472 C  CD2 . LEU B 2 86  ? -16.519 3.479   0.834   1.00 64.03 ? 100 LEU B CD2 1 
ATOM   1473 N  N   . ARG B 2 87  ? -12.285 4.766   4.236   1.00 64.21 ? 101 ARG B N   1 
ATOM   1474 C  CA  . ARG B 2 87  ? -11.427 5.879   4.667   1.00 64.09 ? 101 ARG B CA  1 
ATOM   1475 C  C   . ARG B 2 87  ? -10.741 6.580   3.477   1.00 63.74 ? 101 ARG B C   1 
ATOM   1476 O  O   . ARG B 2 87  ? -10.344 5.931   2.501   1.00 63.24 ? 101 ARG B O   1 
ATOM   1477 C  CB  . ARG B 2 87  ? -10.383 5.403   5.704   1.00 64.28 ? 101 ARG B CB  1 
ATOM   1478 C  CG  . ARG B 2 87  ? -10.603 5.871   7.165   1.00 64.90 ? 101 ARG B CG  1 
ATOM   1479 C  CD  . ARG B 2 87  ? -12.091 5.881   7.599   1.00 66.64 ? 101 ARG B CD  1 
ATOM   1480 N  NE  . ARG B 2 87  ? -12.307 6.008   9.047   1.00 66.85 ? 101 ARG B NE  1 
ATOM   1481 C  CZ  . ARG B 2 87  ? -12.199 7.143   9.746   1.00 68.19 ? 101 ARG B CZ  1 
ATOM   1482 N  NH1 . ARG B 2 87  ? -11.853 8.280   9.145   1.00 68.53 ? 101 ARG B NH1 1 
ATOM   1483 N  NH2 . ARG B 2 87  ? -12.425 7.142   11.058  1.00 67.28 ? 101 ARG B NH2 1 
ATOM   1484 N  N   . PRO B 2 88  ? -10.612 7.917   3.549   1.00 63.61 ? 102 PRO B N   1 
ATOM   1485 C  CA  . PRO B 2 88  ? -9.846  8.617   2.522   1.00 63.46 ? 102 PRO B CA  1 
ATOM   1486 C  C   . PRO B 2 88  ? -8.358  8.340   2.684   1.00 63.37 ? 102 PRO B C   1 
ATOM   1487 O  O   . PRO B 2 88  ? -7.887  8.143   3.814   1.00 63.35 ? 102 PRO B O   1 
ATOM   1488 C  CB  . PRO B 2 88  ? -10.141 10.091  2.806   1.00 63.46 ? 102 PRO B CB  1 
ATOM   1489 C  CG  . PRO B 2 88  ? -10.500 10.142  4.252   1.00 63.60 ? 102 PRO B CG  1 
ATOM   1490 C  CD  . PRO B 2 88  ? -11.160 8.836   4.565   1.00 63.61 ? 102 PRO B CD  1 
ATOM   1491 N  N   . ASP B 2 89  ? -7.627  8.290   1.573   1.00 63.23 ? 103 ASP B N   1 
ATOM   1492 C  CA  . ASP B 2 89  ? -6.164  8.251   1.661   1.00 63.26 ? 103 ASP B CA  1 
ATOM   1493 C  C   . ASP B 2 89  ? -5.459  9.284   0.790   1.00 62.78 ? 103 ASP B C   1 
ATOM   1494 O  O   . ASP B 2 89  ? -5.368  9.127   -0.434  1.00 62.50 ? 103 ASP B O   1 
ATOM   1495 C  CB  . ASP B 2 89  ? -5.586  6.847   1.452   1.00 63.59 ? 103 ASP B CB  1 
ATOM   1496 C  CG  . ASP B 2 89  ? -6.056  6.208   0.186   1.00 63.85 ? 103 ASP B CG  1 
ATOM   1497 O  OD1 . ASP B 2 89  ? -7.165  6.552   -0.271  1.00 64.16 ? 103 ASP B OD1 1 
ATOM   1498 O  OD2 . ASP B 2 89  ? -5.312  5.351   -0.339  1.00 65.40 ? 103 ASP B OD2 1 
ATOM   1499 N  N   . PRO B 2 90  ? -4.971  10.358  1.440   1.00 62.30 ? 104 PRO B N   1 
ATOM   1500 C  CA  . PRO B 2 90  ? -4.168  11.404  0.822   1.00 61.89 ? 104 PRO B CA  1 
ATOM   1501 C  C   . PRO B 2 90  ? -2.848  10.898  0.242   1.00 61.33 ? 104 PRO B C   1 
ATOM   1502 O  O   . PRO B 2 90  ? -2.231  11.604  -0.559  1.00 61.44 ? 104 PRO B O   1 
ATOM   1503 C  CB  . PRO B 2 90  ? -3.911  12.385  1.979   1.00 62.11 ? 104 PRO B CB  1 
ATOM   1504 C  CG  . PRO B 2 90  ? -4.166  11.614  3.223   1.00 62.10 ? 104 PRO B CG  1 
ATOM   1505 C  CD  . PRO B 2 90  ? -5.224  10.630  2.868   1.00 62.22 ? 104 PRO B CD  1 
ATOM   1506 N  N   . ASN B 2 91  ? -2.419  9.697   0.634   1.00 60.66 ? 105 ASN B N   1 
ATOM   1507 C  CA  . ASN B 2 91  ? -1.170  9.136   0.114   1.00 59.98 ? 105 ASN B CA  1 
ATOM   1508 C  C   . ASN B 2 91  ? -1.265  8.753   -1.360  1.00 59.36 ? 105 ASN B C   1 
ATOM   1509 O  O   . ASN B 2 91  ? -0.410  9.149   -2.155  1.00 59.43 ? 105 ASN B O   1 
ATOM   1510 C  CB  . ASN B 2 91  ? -0.675  7.942   0.939   1.00 60.08 ? 105 ASN B CB  1 
ATOM   1511 C  CG  . ASN B 2 91  ? 0.750   7.519   0.557   1.00 60.50 ? 105 ASN B CG  1 
ATOM   1512 O  OD1 . ASN B 2 91  ? 1.703   8.298   0.697   1.00 60.53 ? 105 ASN B OD1 1 
ATOM   1513 N  ND2 . ASN B 2 91  ? 0.895   6.286   0.063   1.00 60.05 ? 105 ASN B ND2 1 
ATOM   1514 N  N   . PHE B 2 92  ? -2.297  7.993   -1.720  1.00 58.46 ? 106 PHE B N   1 
ATOM   1515 C  CA  . PHE B 2 92  ? -2.541  7.652   -3.118  1.00 57.70 ? 106 PHE B CA  1 
ATOM   1516 C  C   . PHE B 2 92  ? -2.799  8.890   -3.946  1.00 57.34 ? 106 PHE B C   1 
ATOM   1517 O  O   . PHE B 2 92  ? -2.243  9.022   -5.032  1.00 57.27 ? 106 PHE B O   1 
ATOM   1518 C  CB  . PHE B 2 92  ? -3.710  6.682   -3.262  1.00 57.69 ? 106 PHE B CB  1 
ATOM   1519 C  CG  . PHE B 2 92  ? -3.315  5.317   -3.742  1.00 57.00 ? 106 PHE B CG  1 
ATOM   1520 C  CD1 . PHE B 2 92  ? -2.621  4.441   -2.913  1.00 57.38 ? 106 PHE B CD1 1 
ATOM   1521 C  CD2 . PHE B 2 92  ? -3.649  4.902   -5.024  1.00 56.43 ? 106 PHE B CD2 1 
ATOM   1522 C  CE1 . PHE B 2 92  ? -2.267  3.173   -3.359  1.00 56.89 ? 106 PHE B CE1 1 
ATOM   1523 C  CE2 . PHE B 2 92  ? -3.300  3.642   -5.477  1.00 55.89 ? 106 PHE B CE2 1 
ATOM   1524 C  CZ  . PHE B 2 92  ? -2.611  2.775   -4.643  1.00 56.57 ? 106 PHE B CZ  1 
ATOM   1525 N  N   . ASP B 2 93  ? -3.632  9.791   -3.429  1.00 56.98 ? 107 ASP B N   1 
ATOM   1526 C  CA  . ASP B 2 93  ? -3.920  11.069  -4.090  1.00 56.95 ? 107 ASP B CA  1 
ATOM   1527 C  C   . ASP B 2 93  ? -2.648  11.823  -4.464  1.00 56.99 ? 107 ASP B C   1 
ATOM   1528 O  O   . ASP B 2 93  ? -2.463  12.196  -5.623  1.00 56.92 ? 107 ASP B O   1 
ATOM   1529 C  CB  . ASP B 2 93  ? -4.791  11.962  -3.199  1.00 56.96 ? 107 ASP B CB  1 
ATOM   1530 C  CG  . ASP B 2 93  ? -6.281  11.689  -3.353  1.00 56.92 ? 107 ASP B CG  1 
ATOM   1531 O  OD1 . ASP B 2 93  ? -6.687  10.904  -4.247  1.00 55.88 ? 107 ASP B OD1 1 
ATOM   1532 O  OD2 . ASP B 2 93  ? -7.049  12.284  -2.568  1.00 57.23 ? 107 ASP B OD2 1 
ATOM   1533 N  N   . ALA B 2 94  ? -1.778  12.028  -3.473  1.00 57.07 ? 108 ALA B N   1 
ATOM   1534 C  CA  . ALA B 2 94  ? -0.527  12.762  -3.650  1.00 57.14 ? 108 ALA B CA  1 
ATOM   1535 C  C   . ALA B 2 94  ? 0.439   12.043  -4.593  1.00 57.28 ? 108 ALA B C   1 
ATOM   1536 O  O   . ALA B 2 94  ? 1.209   12.687  -5.311  1.00 57.44 ? 108 ALA B O   1 
ATOM   1537 C  CB  . ALA B 2 94  ? 0.129   13.021  -2.302  1.00 56.92 ? 108 ALA B CB  1 
ATOM   1538 N  N   . LEU B 2 95  ? 0.390   10.713  -4.589  1.00 57.49 ? 109 LEU B N   1 
ATOM   1539 C  CA  . LEU B 2 95  ? 1.202   9.892   -5.485  1.00 57.76 ? 109 LEU B CA  1 
ATOM   1540 C  C   . LEU B 2 95  ? 0.771   10.138  -6.928  1.00 58.03 ? 109 LEU B C   1 
ATOM   1541 O  O   . LEU B 2 95  ? 1.602   10.372  -7.807  1.00 58.04 ? 109 LEU B O   1 
ATOM   1542 C  CB  . LEU B 2 95  ? 1.036   8.413   -5.126  1.00 57.67 ? 109 LEU B CB  1 
ATOM   1543 C  CG  . LEU B 2 95  ? 2.201   7.426   -5.249  1.00 57.74 ? 109 LEU B CG  1 
ATOM   1544 C  CD1 . LEU B 2 95  ? 1.957   6.228   -4.335  1.00 57.97 ? 109 LEU B CD1 1 
ATOM   1545 C  CD2 . LEU B 2 95  ? 2.385   6.970   -6.673  1.00 58.18 ? 109 LEU B CD2 1 
ATOM   1546 N  N   . ILE B 2 96  ? -0.542  10.105  -7.142  1.00 58.53 ? 110 ILE B N   1 
ATOM   1547 C  CA  . ILE B 2 96  ? -1.158  10.290  -8.455  1.00 59.03 ? 110 ILE B CA  1 
ATOM   1548 C  C   . ILE B 2 96  ? -0.978  11.716  -8.974  1.00 59.48 ? 110 ILE B C   1 
ATOM   1549 O  O   . ILE B 2 96  ? -0.723  11.919  -10.164 1.00 59.59 ? 110 ILE B O   1 
ATOM   1550 C  CB  . ILE B 2 96  ? -2.656  9.883   -8.420  1.00 58.93 ? 110 ILE B CB  1 
ATOM   1551 C  CG1 . ILE B 2 96  ? -2.778  8.368   -8.251  1.00 58.58 ? 110 ILE B CG1 1 
ATOM   1552 C  CG2 . ILE B 2 96  ? -3.394  10.332  -9.681  1.00 59.08 ? 110 ILE B CG2 1 
ATOM   1553 C  CD1 . ILE B 2 96  ? -4.138  7.908   -7.814  1.00 58.33 ? 110 ILE B CD1 1 
ATOM   1554 N  N   . SER B 2 97  ? -1.094  12.696  -8.081  1.00 60.10 ? 111 SER B N   1 
ATOM   1555 C  CA  . SER B 2 97  ? -0.900  14.100  -8.445  1.00 60.78 ? 111 SER B CA  1 
ATOM   1556 C  C   . SER B 2 97  ? 0.519   14.379  -8.962  1.00 61.21 ? 111 SER B C   1 
ATOM   1557 O  O   . SER B 2 97  ? 0.749   15.382  -9.642  1.00 61.38 ? 111 SER B O   1 
ATOM   1558 C  CB  . SER B 2 97  ? -1.231  15.027  -7.265  1.00 60.79 ? 111 SER B CB  1 
ATOM   1559 O  OG  . SER B 2 97  ? -0.065  15.375  -6.532  1.00 61.31 ? 111 SER B OG  1 
ATOM   1560 N  N   . LYS B 2 98  ? 1.462   13.496  -8.638  1.00 61.54 ? 112 LYS B N   1 
ATOM   1561 C  CA  . LYS B 2 98  ? 2.834   13.644  -9.112  1.00 61.92 ? 112 LYS B CA  1 
ATOM   1562 C  C   . LYS B 2 98  ? 3.082   12.934  -10.443 1.00 62.29 ? 112 LYS B C   1 
ATOM   1563 O  O   . LYS B 2 98  ? 3.802   13.456  -11.297 1.00 62.36 ? 112 LYS B O   1 
ATOM   1564 C  CB  . LYS B 2 98  ? 3.834   13.205  -8.042  1.00 61.78 ? 112 LYS B CB  1 
ATOM   1565 C  CG  . LYS B 2 98  ? 3.955   14.207  -6.910  1.00 61.72 ? 112 LYS B CG  1 
ATOM   1566 C  CD  . LYS B 2 98  ? 5.049   13.835  -5.943  1.00 62.36 ? 112 LYS B CD  1 
ATOM   1567 C  CE  . LYS B 2 98  ? 5.324   14.971  -4.972  1.00 62.90 ? 112 LYS B CE  1 
ATOM   1568 N  NZ  . LYS B 2 98  ? 6.576   14.741  -4.185  1.00 63.71 ? 112 LYS B NZ  1 
ATOM   1569 N  N   . ILE B 2 99  ? 2.472   11.763  -10.628 1.00 62.74 ? 113 ILE B N   1 
ATOM   1570 C  CA  . ILE B 2 99  ? 2.653   10.985  -11.855 1.00 63.27 ? 113 ILE B CA  1 
ATOM   1571 C  C   . ILE B 2 99  ? 1.747   11.442  -12.996 1.00 63.68 ? 113 ILE B C   1 
ATOM   1572 O  O   . ILE B 2 99  ? 2.225   11.823  -14.070 1.00 63.75 ? 113 ILE B O   1 
ATOM   1573 C  CB  . ILE B 2 99  ? 2.366   9.479   -11.650 1.00 63.26 ? 113 ILE B CB  1 
ATOM   1574 C  CG1 . ILE B 2 99  ? 3.104   8.926   -10.434 1.00 63.18 ? 113 ILE B CG1 1 
ATOM   1575 C  CG2 . ILE B 2 99  ? 2.730   8.698   -12.915 1.00 63.43 ? 113 ILE B CG2 1 
ATOM   1576 C  CD1 . ILE B 2 99  ? 2.621   7.550   -10.015 1.00 63.22 ? 113 ILE B CD1 1 
ATOM   1577 N  N   . TYR B 2 100 ? 0.438   11.396  -12.736 1.00 64.29 ? 114 TYR B N   1 
ATOM   1578 C  CA  . TYR B 2 100 ? -0.610  11.370  -13.765 1.00 64.58 ? 114 TYR B CA  1 
ATOM   1579 C  C   . TYR B 2 100 ? -0.501  10.072  -14.574 1.00 64.66 ? 114 TYR B C   1 
ATOM   1580 O  O   . TYR B 2 100 ? -0.520  8.975   -14.007 1.00 64.76 ? 114 TYR B O   1 
ATOM   1581 C  CB  . TYR B 2 100 ? -0.553  12.595  -14.685 1.00 64.87 ? 114 TYR B CB  1 
ATOM   1582 C  CG  . TYR B 2 100 ? -0.458  13.923  -13.978 1.00 65.10 ? 114 TYR B CG  1 
ATOM   1583 C  CD1 . TYR B 2 100 ? -1.366  14.274  -12.981 1.00 65.32 ? 114 TYR B CD1 1 
ATOM   1584 C  CD2 . TYR B 2 100 ? 0.529   14.844  -14.330 1.00 65.26 ? 114 TYR B CD2 1 
ATOM   1585 C  CE1 . TYR B 2 100 ? -1.285  15.504  -12.339 1.00 66.07 ? 114 TYR B CE1 1 
ATOM   1586 C  CE2 . TYR B 2 100 ? 0.621   16.076  -13.700 1.00 65.77 ? 114 TYR B CE2 1 
ATOM   1587 C  CZ  . TYR B 2 100 ? -0.288  16.402  -12.705 1.00 65.98 ? 114 TYR B CZ  1 
ATOM   1588 O  OH  . TYR B 2 100 ? -0.203  17.625  -12.079 1.00 65.96 ? 114 TYR B OH  1 
ATOM   1589 O  OXT . TYR B 2 100 ? -0.372  10.070  -15.798 1.00 64.60 ? 114 TYR B OXT 1 
HETATM 1590 ZN ZN  . ZN  C 3 .   ? 10.052  -1.297  6.397   1.00 40.58 ? 201 ZN  A ZN  1 
HETATM 1591 ZN ZN  . ZN  D 3 .   ? -1.491  6.122   11.079  1.00 44.96 ? 202 ZN  A ZN  1 
HETATM 1592 ZN ZN  . ZN  E 3 .   ? -14.139 6.530   -10.408 1.00 63.46 ? 203 ZN  B ZN  1 
HETATM 1593 ZN ZN  . ZN  F 3 .   ? -13.338 -5.075  -2.031  1.00 63.06 ? 204 ZN  B ZN  1 
HETATM 1594 O  O   . HOH G 4 .   ? 10.710  -3.467  -9.535  1.00 26.36 ? 203 HOH A O   1 
HETATM 1595 O  O   . HOH G 4 .   ? 12.732  -1.816  2.811   1.00 23.92 ? 204 HOH A O   1 
HETATM 1596 O  O   . HOH G 4 .   ? 8.269   -7.245  4.790   1.00 27.81 ? 205 HOH A O   1 
HETATM 1597 O  O   . HOH G 4 .   ? 13.116  -15.660 -4.746  1.00 27.82 ? 206 HOH A O   1 
HETATM 1598 O  O   . HOH G 4 .   ? 2.049   5.437   5.290   1.00 46.06 ? 207 HOH A O   1 
HETATM 1599 O  O   . HOH G 4 .   ? 12.540  -5.216  -10.812 1.00 40.05 ? 208 HOH A O   1 
HETATM 1600 O  O   . HOH G 4 .   ? 5.822   4.165   6.129   1.00 20.61 ? 209 HOH A O   1 
HETATM 1601 O  O   . HOH G 4 .   ? -2.627  -8.449  17.514  1.00 37.19 ? 210 HOH A O   1 
HETATM 1602 O  O   . HOH G 4 .   ? 12.935  -3.250  -13.134 1.00 43.51 ? 211 HOH A O   1 
HETATM 1603 O  O   . HOH G 4 .   ? -5.060  -9.320  10.053  1.00 35.20 ? 212 HOH A O   1 
HETATM 1604 O  O   . HOH G 4 .   ? 1.496   -8.285  3.465   1.00 45.38 ? 213 HOH A O   1 
HETATM 1605 O  O   . HOH G 4 .   ? 15.917  -25.887 4.465   1.00 54.27 ? 214 HOH A O   1 
HETATM 1606 O  O   . HOH G 4 .   ? 22.974  -24.096 -1.388  1.00 58.44 ? 215 HOH A O   1 
HETATM 1607 O  O   . HOH G 4 .   ? 5.367   6.065   2.210   1.00 54.62 ? 216 HOH A O   1 
HETATM 1608 O  O   . HOH G 4 .   ? 6.873   -7.847  -1.295  1.00 49.05 ? 217 HOH A O   1 
HETATM 1609 O  O   . HOH G 4 .   ? 16.126  -11.574 -9.397  1.00 39.90 ? 218 HOH A O   1 
HETATM 1610 O  O   . HOH G 4 .   ? -4.463  -9.311  4.730   1.00 40.58 ? 219 HOH A O   1 
HETATM 1611 O  O   . HOH G 4 .   ? 6.341   -11.724 -0.577  1.00 46.42 ? 220 HOH A O   1 
HETATM 1612 O  O   . HOH G 4 .   ? 1.374   -7.526  -5.032  1.00 47.87 ? 221 HOH A O   1 
HETATM 1613 O  O   . HOH G 4 .   ? -9.510  1.238   18.580  1.00 61.88 ? 222 HOH A O   1 
HETATM 1614 O  O   . HOH G 4 .   ? 19.808  -12.374 1.030   1.00 40.80 ? 223 HOH A O   1 
HETATM 1615 O  O   . HOH G 4 .   ? 6.634   -0.835  19.142  1.00 40.34 ? 224 HOH A O   1 
HETATM 1616 O  O   . HOH H 4 .   ? 19.419  -1.659  -0.899  1.00 26.75 ? 205 HOH B O   1 
HETATM 1617 O  O   . HOH H 4 .   ? -21.987 -0.594  -4.042  1.00 56.75 ? 206 HOH B O   1 
HETATM 1618 O  O   . HOH H 4 .   ? -27.465 9.583   1.550   1.00 42.63 ? 207 HOH B O   1 
HETATM 1619 O  O   . HOH H 4 .   ? -8.690  8.087   9.257   1.00 66.97 ? 208 HOH B O   1 
HETATM 1620 O  O   . HOH H 4 .   ? 12.724  -8.707  10.557  1.00 44.39 ? 209 HOH B O   1 
HETATM 1621 O  O   . HOH H 4 .   ? -27.197 -5.250  -1.530  1.00 64.14 ? 210 HOH B O   1 
HETATM 1622 O  O   . HOH H 4 .   ? 16.963  -8.470  2.991   1.00 33.62 ? 211 HOH B O   1 
HETATM 1623 O  O   . HOH H 4 .   ? 15.472  -8.212  10.457  1.00 60.00 ? 212 HOH B O   1 
HETATM 1624 O  O   . HOH H 4 .   ? 13.400  4.135   -15.744 1.00 58.58 ? 213 HOH B O   1 
# 
